data_9JI0
#
_entry.id   9JI0
#
_cell.length_a   87.664
_cell.length_b   126.609
_cell.length_c   108.093
_cell.angle_alpha   90.00
_cell.angle_beta   110.19
_cell.angle_gamma   90.00
#
_symmetry.space_group_name_H-M   'P 1 21 1'
#
_entity_poly.entity_id   1
_entity_poly.type   'polypeptide(L)'
_entity_poly.pdbx_seq_one_letter_code
;MKIGVIGAGTMGQGIAKAFAQVEGNTVALCDIKQEWAENGLAKIKKGYEKLVAKGKIPQEKADAIVAAITPGLKENLCAD
CDLIVEAAFEDMKVKQTTFGELDKICKPECIFASNTSSLSITEIGKGLSRPLVGMHFFNPADRMKLIEVIAGCNTPAETV
EKIKEISVAIGKNPVQVNEAAGFVVNRILIPMINEAAFIKMEGVSDIAGIDTAMKLGANHPMGPLELGDFIGLDICLAIM
DVLYHETGDSKYRACPLIRKMVRGGNLGCKTGKGFYVYNADRTKTPVDQL
;
_entity_poly.pdbx_strand_id   A,B,C,D,E,F
#
# COMPACT_ATOMS: atom_id res chain seq x y z
N MET A 1 8.96 29.47 24.84
CA MET A 1 9.09 29.55 23.39
C MET A 1 7.75 29.73 22.68
N LYS A 2 7.81 30.18 21.43
CA LYS A 2 6.63 30.41 20.61
C LYS A 2 6.43 29.23 19.65
N ILE A 3 5.20 28.74 19.54
CA ILE A 3 4.90 27.60 18.70
C ILE A 3 3.76 27.95 17.76
N GLY A 4 3.98 27.78 16.47
CA GLY A 4 2.95 27.95 15.47
C GLY A 4 2.37 26.59 15.10
N VAL A 5 1.06 26.47 15.18
CA VAL A 5 0.38 25.21 14.91
C VAL A 5 -0.60 25.40 13.75
N ILE A 6 -0.34 24.72 12.65
CA ILE A 6 -1.06 24.93 11.39
C ILE A 6 -2.22 23.94 11.33
N GLY A 7 -3.43 24.45 11.50
CA GLY A 7 -4.62 23.64 11.45
C GLY A 7 -5.36 23.66 12.76
N ALA A 8 -6.56 24.23 12.77
CA ALA A 8 -7.37 24.43 13.98
C ALA A 8 -8.39 23.29 14.18
N GLY A 9 -8.21 22.20 13.46
CA GLY A 9 -9.01 21.00 13.66
C GLY A 9 -8.70 20.33 14.98
N THR A 10 -9.00 19.03 15.04
CA THR A 10 -8.92 18.33 16.33
C THR A 10 -7.47 18.16 16.77
N MET A 11 -6.57 17.90 15.83
CA MET A 11 -5.18 17.71 16.20
C MET A 11 -4.52 19.03 16.61
N GLY A 12 -4.73 20.09 15.85
CA GLY A 12 -4.10 21.35 16.18
C GLY A 12 -4.60 21.92 17.48
N GLN A 13 -5.86 21.64 17.83
CA GLN A 13 -6.33 22.02 19.15
C GLN A 13 -5.59 21.24 20.21
N GLY A 14 -5.47 19.92 20.02
CA GLY A 14 -4.81 19.10 21.03
C GLY A 14 -3.34 19.43 21.21
N ILE A 15 -2.64 19.73 20.11
CA ILE A 15 -1.23 20.12 20.12
C ILE A 15 -1.06 21.49 20.72
N ALA A 16 -1.91 22.45 20.34
CA ALA A 16 -1.84 23.78 20.94
C ALA A 16 -2.08 23.71 22.44
N LYS A 17 -2.92 22.76 22.89
CA LYS A 17 -3.13 22.61 24.32
C LYS A 17 -1.90 22.03 24.99
N ALA A 18 -1.32 20.98 24.40
CA ALA A 18 -0.15 20.34 25.00
C ALA A 18 0.99 21.33 25.23
N PHE A 19 1.22 22.24 24.27
CA PHE A 19 2.21 23.28 24.52
C PHE A 19 1.75 24.25 25.60
N ALA A 20 0.52 24.78 25.48
CA ALA A 20 0.06 25.87 26.32
C ALA A 20 -0.20 25.45 27.77
N GLN A 21 -0.01 24.17 28.10
CA GLN A 21 -0.21 23.73 29.48
C GLN A 21 1.01 23.96 30.36
N VAL A 22 2.03 24.70 29.90
CA VAL A 22 3.31 24.66 30.62
C VAL A 22 3.77 26.06 31.05
N GLU A 23 4.59 26.72 30.25
CA GLU A 23 5.31 27.87 30.80
C GLU A 23 5.44 28.99 29.79
N GLY A 24 6.67 29.28 29.38
CA GLY A 24 6.94 30.29 28.36
C GLY A 24 6.45 29.88 26.98
N ASN A 25 5.55 28.90 26.95
CA ASN A 25 5.04 28.39 25.68
C ASN A 25 3.83 29.20 25.22
N THR A 26 4.06 30.12 24.29
CA THR A 26 2.97 30.80 23.61
C THR A 26 2.69 30.07 22.31
N VAL A 27 1.43 30.09 21.90
CA VAL A 27 0.95 29.32 20.75
C VAL A 27 0.25 30.26 19.79
N ALA A 28 0.44 30.01 18.50
CA ALA A 28 -0.27 30.70 17.41
C ALA A 28 -1.01 29.64 16.60
N LEU A 29 -2.29 29.47 16.88
CA LEU A 29 -3.12 28.46 16.21
C LEU A 29 -3.66 29.08 14.93
N CYS A 30 -3.15 28.60 13.79
CA CYS A 30 -3.45 29.16 12.47
C CYS A 30 -4.23 28.17 11.62
N ASP A 31 -5.06 28.70 10.73
CA ASP A 31 -5.77 27.88 9.76
C ASP A 31 -5.83 28.70 8.47
N ILE A 32 -6.69 28.27 7.54
CA ILE A 32 -6.74 28.90 6.22
C ILE A 32 -7.56 30.19 6.24
N LYS A 33 -8.63 30.22 7.02
CA LYS A 33 -9.35 31.45 7.31
C LYS A 33 -9.36 31.71 8.81
N GLN A 34 -9.10 32.98 9.16
CA GLN A 34 -9.02 33.38 10.58
C GLN A 34 -10.25 32.93 11.36
N GLU A 35 -11.44 33.13 10.80
CA GLU A 35 -12.68 32.61 11.37
C GLU A 35 -12.51 31.17 11.86
N TRP A 36 -11.96 30.27 11.03
CA TRP A 36 -11.80 28.87 11.41
C TRP A 36 -10.80 28.71 12.55
N ALA A 37 -9.81 29.59 12.63
CA ALA A 37 -8.89 29.58 13.76
C ALA A 37 -9.60 30.02 15.04
N GLU A 38 -10.24 31.19 15.01
CA GLU A 38 -11.08 31.64 16.12
C GLU A 38 -12.13 30.62 16.52
N ASN A 39 -12.58 29.78 15.58
CA ASN A 39 -13.42 28.65 15.94
C ASN A 39 -12.67 27.69 16.85
N GLY A 40 -11.51 27.20 16.37
CA GLY A 40 -10.72 26.26 17.14
C GLY A 40 -10.46 26.70 18.56
N LEU A 41 -10.09 27.96 18.76
CA LEU A 41 -9.86 28.44 20.12
C LEU A 41 -11.15 28.36 20.95
N ALA A 42 -12.30 28.71 20.35
CA ALA A 42 -13.56 28.69 21.08
C ALA A 42 -13.83 27.33 21.70
N LYS A 43 -13.56 26.25 20.96
CA LYS A 43 -13.73 24.91 21.54
C LYS A 43 -12.70 24.62 22.63
N ILE A 44 -11.50 25.16 22.50
CA ILE A 44 -10.53 25.08 23.61
C ILE A 44 -11.10 25.76 24.85
N LYS A 45 -11.41 27.07 24.78
CA LYS A 45 -12.00 27.78 25.91
C LYS A 45 -13.16 26.98 26.51
N LYS A 46 -13.85 26.19 25.68
CA LYS A 46 -15.09 25.53 26.10
C LYS A 46 -14.82 24.40 27.11
N GLY A 47 -14.07 23.37 26.73
CA GLY A 47 -13.71 22.33 27.69
C GLY A 47 -13.01 22.89 28.92
N TYR A 48 -11.97 23.73 28.69
CA TYR A 48 -11.27 24.38 29.79
C TYR A 48 -12.23 25.15 30.71
N GLU A 49 -13.41 25.51 30.18
CA GLU A 49 -14.47 26.08 31.01
C GLU A 49 -15.12 25.00 31.87
N LYS A 50 -15.28 23.78 31.36
CA LYS A 50 -15.87 22.69 32.15
C LYS A 50 -14.91 22.22 33.23
N LEU A 51 -13.70 21.83 32.81
CA LEU A 51 -12.65 21.42 33.74
C LEU A 51 -12.53 22.35 34.95
N VAL A 52 -12.74 23.66 34.79
CA VAL A 52 -12.73 24.54 35.96
C VAL A 52 -14.02 24.34 36.77
N ALA A 53 -15.15 24.20 36.08
CA ALA A 53 -16.42 24.03 36.76
C ALA A 53 -16.49 22.68 37.48
N LYS A 54 -15.57 21.75 37.19
CA LYS A 54 -15.47 20.50 37.92
C LYS A 54 -14.32 20.51 38.92
N GLY A 55 -13.99 21.66 39.51
CA GLY A 55 -12.88 21.76 40.45
C GLY A 55 -11.56 21.24 39.92
N LYS A 56 -11.55 20.70 38.70
CA LYS A 56 -10.45 19.92 38.17
C LYS A 56 -9.26 20.77 37.78
N ILE A 57 -9.48 22.02 37.41
CA ILE A 57 -8.38 22.93 37.13
C ILE A 57 -8.82 24.22 37.78
N PRO A 58 -7.93 24.94 38.46
CA PRO A 58 -8.23 26.32 38.82
C PRO A 58 -8.52 27.12 37.57
N GLN A 59 -9.34 28.17 37.73
CA GLN A 59 -9.51 29.09 36.61
C GLN A 59 -8.21 29.82 36.27
N GLU A 60 -7.38 30.07 37.28
CA GLU A 60 -6.23 30.98 37.18
C GLU A 60 -5.15 30.43 36.24
N LYS A 61 -5.05 29.11 36.12
CA LYS A 61 -4.22 28.50 35.10
C LYS A 61 -4.97 28.28 33.80
N ALA A 62 -6.21 27.73 33.85
CA ALA A 62 -7.03 27.56 32.65
C ALA A 62 -7.16 28.84 31.84
N ASP A 63 -7.17 30.00 32.51
CA ASP A 63 -7.21 31.27 31.79
C ASP A 63 -5.85 31.64 31.24
N ALA A 64 -4.80 31.32 32.00
CA ALA A 64 -3.43 31.54 31.51
C ALA A 64 -3.06 30.55 30.42
N ILE A 65 -3.85 29.47 30.22
CA ILE A 65 -3.62 28.59 29.06
C ILE A 65 -4.20 29.24 27.81
N VAL A 66 -5.53 29.44 27.80
CA VAL A 66 -6.22 30.07 26.67
C VAL A 66 -5.60 31.42 26.33
N ALA A 67 -5.20 32.19 27.33
CA ALA A 67 -4.61 33.51 27.07
C ALA A 67 -3.28 33.42 26.31
N ALA A 68 -2.69 32.22 26.24
CA ALA A 68 -1.43 32.01 25.53
C ALA A 68 -1.63 31.40 24.15
N ILE A 69 -2.85 31.02 23.79
CA ILE A 69 -3.16 30.56 22.44
C ILE A 69 -3.83 31.72 21.72
N THR A 70 -3.13 32.32 20.75
CA THR A 70 -3.73 33.44 20.02
C THR A 70 -4.20 32.96 18.65
N PRO A 71 -5.46 33.18 18.33
CA PRO A 71 -5.99 32.73 17.03
C PRO A 71 -5.60 33.69 15.92
N GLY A 72 -5.62 33.19 14.69
CA GLY A 72 -5.31 33.98 13.53
C GLY A 72 -4.84 33.09 12.40
N LEU A 73 -4.21 33.73 11.43
CA LEU A 73 -3.70 33.01 10.29
C LEU A 73 -2.21 33.30 10.15
N LYS A 74 -1.45 32.28 9.75
CA LYS A 74 -0.04 32.44 9.41
C LYS A 74 0.15 33.62 8.46
N GLU A 75 1.42 34.05 8.32
CA GLU A 75 1.87 35.35 7.80
C GLU A 75 1.84 36.38 8.91
N ASN A 76 0.66 36.51 9.54
CA ASN A 76 0.47 37.48 10.60
C ASN A 76 0.97 37.00 11.95
N LEU A 77 1.34 35.72 12.09
CA LEU A 77 1.61 35.11 13.39
C LEU A 77 2.93 34.37 13.52
N CYS A 78 3.26 33.45 12.61
CA CYS A 78 4.38 32.52 12.81
C CYS A 78 5.74 33.12 12.49
N ALA A 79 5.87 34.45 12.52
CA ALA A 79 7.08 35.10 12.00
C ALA A 79 8.26 34.97 12.97
N ASP A 80 8.02 34.99 14.29
CA ASP A 80 9.06 34.69 15.27
C ASP A 80 8.78 33.43 16.07
N CYS A 81 7.94 32.52 15.57
CA CYS A 81 7.78 31.21 16.20
C CYS A 81 9.12 30.45 16.21
N ASP A 82 9.41 29.76 17.30
CA ASP A 82 10.63 28.95 17.41
C ASP A 82 10.45 27.56 16.81
N LEU A 83 9.21 27.15 16.62
CA LEU A 83 8.87 25.80 16.18
C LEU A 83 7.54 25.86 15.45
N ILE A 84 7.42 25.09 14.38
CA ILE A 84 6.18 24.92 13.64
C ILE A 84 5.78 23.45 13.74
N VAL A 85 4.55 23.19 14.13
CA VAL A 85 3.99 21.85 14.20
C VAL A 85 2.79 21.85 13.27
N GLU A 86 2.94 21.33 12.06
CA GLU A 86 1.86 21.36 11.09
C GLU A 86 0.93 20.16 11.26
N ALA A 87 -0.38 20.43 11.28
CA ALA A 87 -1.36 19.38 11.49
C ALA A 87 -2.59 19.60 10.60
N ALA A 88 -2.36 20.09 9.39
CA ALA A 88 -3.48 20.40 8.50
C ALA A 88 -3.87 19.18 7.68
N PHE A 89 -4.59 19.42 6.58
CA PHE A 89 -5.15 18.35 5.77
C PHE A 89 -4.07 17.41 5.22
N GLU A 90 -4.37 16.12 5.27
CA GLU A 90 -3.46 15.05 4.92
C GLU A 90 -3.30 14.92 3.40
N ASP A 91 -2.79 15.99 2.78
CA ASP A 91 -2.55 16.06 1.34
C ASP A 91 -1.16 16.61 1.01
N MET A 92 -0.49 15.98 0.04
CA MET A 92 0.93 16.27 -0.20
C MET A 92 1.17 17.72 -0.60
N LYS A 93 0.60 18.14 -1.75
CA LYS A 93 0.91 19.48 -2.24
C LYS A 93 0.37 20.56 -1.30
N VAL A 94 -0.66 20.28 -0.52
CA VAL A 94 -1.02 21.21 0.56
C VAL A 94 0.15 21.40 1.52
N LYS A 95 0.83 20.30 1.88
CA LYS A 95 1.88 20.41 2.88
C LYS A 95 3.19 20.89 2.26
N GLN A 96 3.48 20.51 1.03
CA GLN A 96 4.63 21.10 0.36
C GLN A 96 4.44 22.60 0.16
N THR A 97 3.18 23.05 0.01
CA THR A 97 2.94 24.47 -0.24
C THR A 97 3.01 25.28 1.05
N THR A 98 2.26 24.87 2.08
CA THR A 98 2.26 25.63 3.33
C THR A 98 3.64 25.64 3.99
N PHE A 99 4.40 24.55 3.83
CA PHE A 99 5.77 24.58 4.32
C PHE A 99 6.66 25.44 3.45
N GLY A 100 6.39 25.48 2.14
CA GLY A 100 7.09 26.39 1.26
C GLY A 100 6.80 27.85 1.56
N GLU A 101 5.55 28.17 1.86
CA GLU A 101 5.22 29.52 2.34
C GLU A 101 5.86 29.79 3.69
N LEU A 102 5.83 28.82 4.60
CA LEU A 102 6.46 28.98 5.89
C LEU A 102 7.98 29.10 5.81
N ASP A 103 8.60 28.64 4.72
CA ASP A 103 10.06 28.75 4.60
C ASP A 103 10.50 30.20 4.42
N LYS A 104 9.67 31.01 3.77
CA LYS A 104 9.98 32.43 3.64
C LYS A 104 9.53 33.21 4.87
N ILE A 105 8.39 32.85 5.44
CA ILE A 105 7.82 33.59 6.56
C ILE A 105 8.68 33.48 7.81
N CYS A 106 8.93 32.25 8.27
CA CYS A 106 9.56 32.05 9.58
C CYS A 106 11.05 32.35 9.56
N LYS A 107 11.56 32.71 10.73
CA LYS A 107 12.96 33.06 10.92
C LYS A 107 13.87 31.87 10.64
N PRO A 108 15.15 32.12 10.38
CA PRO A 108 16.08 31.02 10.08
C PRO A 108 16.19 29.95 11.17
N GLU A 109 15.84 30.27 12.42
CA GLU A 109 16.06 29.34 13.53
C GLU A 109 14.83 28.52 13.89
N CYS A 110 13.69 28.76 13.26
CA CYS A 110 12.47 28.04 13.64
C CYS A 110 12.50 26.64 13.03
N ILE A 111 12.07 25.64 13.81
CA ILE A 111 12.11 24.25 13.38
C ILE A 111 10.79 23.89 12.70
N PHE A 112 10.86 23.12 11.64
CA PHE A 112 9.67 22.70 10.91
C PHE A 112 9.39 21.24 11.22
N ALA A 113 8.21 20.98 11.78
CA ALA A 113 7.77 19.64 12.16
C ALA A 113 6.41 19.37 11.57
N SER A 114 6.11 18.09 11.31
CA SER A 114 4.80 17.73 10.81
C SER A 114 4.26 16.54 11.60
N ASN A 115 2.98 16.66 12.00
CA ASN A 115 2.20 15.64 12.69
C ASN A 115 1.58 14.63 11.74
N THR A 116 2.02 14.56 10.48
CA THR A 116 1.38 13.63 9.57
C THR A 116 1.55 12.18 10.06
N SER A 117 0.56 11.34 9.74
CA SER A 117 0.65 9.91 9.99
C SER A 117 0.77 9.09 8.72
N SER A 118 0.48 9.66 7.55
CA SER A 118 0.28 8.88 6.34
C SER A 118 1.09 9.39 5.16
N LEU A 119 1.92 10.41 5.34
CA LEU A 119 2.73 10.96 4.27
C LEU A 119 4.21 10.88 4.62
N SER A 120 5.05 10.94 3.60
CA SER A 120 6.49 10.89 3.77
C SER A 120 7.03 12.24 4.24
N ILE A 121 7.61 12.26 5.45
CA ILE A 121 8.33 13.42 5.94
C ILE A 121 9.42 13.82 4.97
N THR A 122 10.08 12.83 4.35
CA THR A 122 11.12 13.12 3.37
C THR A 122 10.56 13.84 2.14
N GLU A 123 9.35 13.49 1.70
CA GLU A 123 8.80 14.08 0.48
C GLU A 123 8.08 15.40 0.77
N ILE A 124 7.70 15.65 2.02
CA ILE A 124 6.97 16.89 2.33
C ILE A 124 7.92 18.08 2.33
N GLY A 125 9.19 17.85 2.68
CA GLY A 125 10.19 18.91 2.69
C GLY A 125 11.26 18.81 1.62
N LYS A 126 10.91 18.34 0.43
CA LYS A 126 11.91 18.18 -0.60
C LYS A 126 12.50 19.53 -1.03
N GLY A 127 11.65 20.52 -1.30
CA GLY A 127 12.15 21.81 -1.72
C GLY A 127 12.67 22.74 -0.65
N LEU A 128 12.45 22.42 0.63
CA LEU A 128 12.69 23.38 1.70
C LEU A 128 14.17 23.72 1.84
N SER A 129 14.45 24.90 2.36
CA SER A 129 15.82 25.35 2.62
C SER A 129 16.28 25.04 4.04
N ARG A 130 15.46 24.36 4.83
CA ARG A 130 15.85 23.89 6.16
C ARG A 130 15.36 22.46 6.32
N PRO A 131 15.84 21.75 7.34
CA PRO A 131 15.37 20.39 7.57
C PRO A 131 13.87 20.36 7.86
N LEU A 132 13.30 19.17 7.68
CA LEU A 132 11.94 18.85 8.06
C LEU A 132 11.95 17.55 8.83
N VAL A 133 11.29 17.53 9.98
CA VAL A 133 11.25 16.39 10.88
C VAL A 133 9.80 16.13 11.26
N GLY A 134 9.52 14.89 11.66
CA GLY A 134 8.19 14.50 12.13
C GLY A 134 8.05 14.66 13.64
N MET A 135 6.89 15.16 14.07
CA MET A 135 6.53 15.23 15.48
C MET A 135 5.10 14.69 15.62
N HIS A 136 4.99 13.39 15.87
CA HIS A 136 3.73 12.67 15.74
C HIS A 136 3.03 12.62 17.10
N PHE A 137 1.92 13.35 17.22
CA PHE A 137 1.12 13.32 18.45
C PHE A 137 -0.04 12.34 18.31
N PHE A 138 -0.71 12.07 19.44
CA PHE A 138 -1.82 11.14 19.48
C PHE A 138 -3.00 11.82 20.16
N ASN A 139 -4.16 11.78 19.52
CA ASN A 139 -5.32 12.49 20.04
C ASN A 139 -5.91 11.70 21.20
N PRO A 140 -6.16 12.33 22.36
CA PRO A 140 -5.95 13.78 22.57
C PRO A 140 -4.50 14.16 22.89
N ALA A 141 -3.92 15.04 22.07
CA ALA A 141 -2.51 15.39 22.23
C ALA A 141 -2.17 15.95 23.61
N ASP A 142 -3.04 16.75 24.23
CA ASP A 142 -2.74 17.32 25.55
C ASP A 142 -2.63 16.24 26.63
N ARG A 143 -3.35 15.13 26.51
CA ARG A 143 -3.30 14.06 27.50
C ARG A 143 -2.33 12.94 27.12
N MET A 144 -2.09 12.67 25.83
CA MET A 144 -1.25 11.54 25.44
C MET A 144 0.22 11.88 25.61
N LYS A 145 1.00 10.95 26.20
CA LYS A 145 2.37 11.20 26.62
C LYS A 145 3.43 10.80 25.59
N LEU A 146 3.02 10.27 24.43
CA LEU A 146 3.99 9.79 23.44
C LEU A 146 4.08 10.75 22.27
N ILE A 147 5.30 10.95 21.77
CA ILE A 147 5.55 11.64 20.52
C ILE A 147 6.57 10.80 19.76
N GLU A 148 6.23 10.41 18.53
CA GLU A 148 7.18 9.74 17.65
C GLU A 148 7.96 10.81 16.91
N VAL A 149 9.28 10.79 17.06
CA VAL A 149 10.16 11.73 16.37
C VAL A 149 10.68 11.02 15.13
N ILE A 150 10.28 11.54 13.96
CA ILE A 150 10.52 10.92 12.66
C ILE A 150 11.66 11.66 11.95
N ALA A 151 12.81 11.00 11.83
CA ALA A 151 13.89 11.47 10.98
C ALA A 151 13.62 11.08 9.53
N GLY A 152 13.58 12.05 8.63
CA GLY A 152 13.53 11.76 7.22
C GLY A 152 14.89 11.35 6.69
N CYS A 153 14.94 11.08 5.39
CA CYS A 153 16.20 10.77 4.73
C CYS A 153 17.26 11.84 4.97
N ASN A 154 16.88 13.12 5.00
CA ASN A 154 17.87 14.19 5.17
C ASN A 154 17.73 14.97 6.48
N THR A 155 16.96 14.46 7.45
CA THR A 155 16.79 15.15 8.73
C THR A 155 18.09 14.99 9.53
N PRO A 156 18.78 16.07 9.88
CA PRO A 156 20.00 15.94 10.70
C PRO A 156 19.70 15.46 12.12
N ALA A 157 20.70 14.80 12.73
CA ALA A 157 20.56 14.33 14.11
C ALA A 157 20.32 15.48 15.09
N GLU A 158 20.90 16.64 14.81
CA GLU A 158 20.75 17.81 15.66
C GLU A 158 19.30 18.27 15.71
N THR A 159 18.60 18.21 14.57
CA THR A 159 17.17 18.52 14.58
C THR A 159 16.39 17.47 15.37
N VAL A 160 16.72 16.20 15.18
CA VAL A 160 15.99 15.15 15.85
C VAL A 160 16.09 15.32 17.37
N GLU A 161 17.26 15.72 17.89
CA GLU A 161 17.36 15.91 19.33
C GLU A 161 16.65 17.17 19.80
N LYS A 162 16.64 18.21 18.95
CA LYS A 162 15.90 19.40 19.36
C LYS A 162 14.42 19.09 19.51
N ILE A 163 13.94 18.05 18.83
CA ILE A 163 12.55 17.62 19.03
C ILE A 163 12.43 16.78 20.30
N LYS A 164 13.41 15.90 20.56
CA LYS A 164 13.44 15.16 21.82
C LYS A 164 13.47 16.09 23.02
N GLU A 165 14.26 17.17 22.95
CA GLU A 165 14.38 18.07 24.09
C GLU A 165 13.09 18.84 24.29
N ILE A 166 12.43 19.24 23.20
CA ILE A 166 11.20 20.01 23.32
C ILE A 166 10.08 19.11 23.88
N SER A 167 10.15 17.81 23.60
CA SER A 167 9.11 16.88 24.03
C SER A 167 9.22 16.58 25.52
N VAL A 168 10.44 16.38 26.01
CA VAL A 168 10.63 16.28 27.45
C VAL A 168 10.18 17.57 28.12
N ALA A 169 10.36 18.73 27.49
CA ALA A 169 10.02 19.98 28.16
C ALA A 169 8.52 20.24 28.25
N ILE A 170 7.68 19.37 27.68
CA ILE A 170 6.23 19.54 27.73
C ILE A 170 5.59 18.26 28.26
N GLY A 171 6.39 17.39 28.88
CA GLY A 171 5.85 16.24 29.57
C GLY A 171 5.70 14.96 28.77
N LYS A 172 6.42 14.81 27.65
CA LYS A 172 6.23 13.69 26.74
C LYS A 172 7.52 12.89 26.52
N ASN A 173 7.36 11.60 26.21
CA ASN A 173 8.48 10.73 25.87
C ASN A 173 8.66 10.69 24.35
N PRO A 174 9.78 11.15 23.82
CA PRO A 174 10.06 10.96 22.39
C PRO A 174 10.61 9.56 22.12
N VAL A 175 9.94 8.83 21.23
CA VAL A 175 10.54 7.67 20.57
C VAL A 175 11.08 8.14 19.22
N GLN A 176 12.34 7.82 18.93
CA GLN A 176 12.91 8.16 17.64
C GLN A 176 12.55 7.08 16.63
N VAL A 177 12.12 7.50 15.43
CA VAL A 177 11.69 6.62 14.36
C VAL A 177 12.41 7.02 13.07
N ASN A 178 13.01 6.06 12.41
CA ASN A 178 13.50 6.30 11.07
C ASN A 178 12.32 6.15 10.11
N GLU A 179 12.11 7.14 9.26
CA GLU A 179 10.91 7.22 8.43
C GLU A 179 10.59 5.89 7.73
N ALA A 180 9.44 5.34 8.07
CA ALA A 180 8.87 4.15 7.44
C ALA A 180 7.35 4.25 7.58
N ALA A 181 6.63 3.54 6.71
CA ALA A 181 5.17 3.62 6.77
C ALA A 181 4.66 3.14 8.15
N GLY A 182 3.76 3.93 8.74
CA GLY A 182 3.12 3.62 10.02
C GLY A 182 3.97 3.92 11.24
N PHE A 183 5.22 4.31 11.04
CA PHE A 183 6.17 4.43 12.16
C PHE A 183 6.14 3.15 13.00
N VAL A 184 5.73 3.30 14.25
CA VAL A 184 5.64 2.19 15.21
C VAL A 184 4.19 1.92 15.59
N VAL A 185 3.50 2.91 16.16
CA VAL A 185 2.18 2.68 16.73
C VAL A 185 1.20 2.19 15.67
N ASN A 186 0.96 3.00 14.64
CA ASN A 186 -0.03 2.69 13.60
C ASN A 186 0.35 1.41 12.84
N ARG A 187 1.64 1.21 12.56
CA ARG A 187 2.04 -0.02 11.87
C ARG A 187 1.67 -1.29 12.65
N ILE A 188 1.68 -1.25 13.97
CA ILE A 188 1.27 -2.38 14.81
C ILE A 188 -0.23 -2.35 15.10
N LEU A 189 -0.73 -1.16 15.46
CA LEU A 189 -2.09 -1.03 15.97
C LEU A 189 -3.13 -1.30 14.89
N ILE A 190 -3.02 -0.65 13.73
CA ILE A 190 -4.13 -0.66 12.78
C ILE A 190 -4.27 -2.00 12.06
N PRO A 191 -3.19 -2.76 11.81
CA PRO A 191 -3.36 -4.18 11.43
C PRO A 191 -3.97 -5.05 12.52
N MET A 192 -3.91 -4.66 13.80
CA MET A 192 -4.74 -5.34 14.79
C MET A 192 -6.19 -5.22 14.38
N ILE A 193 -6.64 -3.98 14.23
CA ILE A 193 -8.02 -3.72 13.88
C ILE A 193 -8.36 -4.44 12.60
N ASN A 194 -7.49 -4.33 11.59
CA ASN A 194 -7.74 -4.96 10.30
C ASN A 194 -7.95 -6.45 10.45
N GLU A 195 -7.17 -7.10 11.34
CA GLU A 195 -7.36 -8.53 11.56
C GLU A 195 -8.70 -8.80 12.26
N ALA A 196 -9.09 -7.91 13.17
CA ALA A 196 -10.37 -8.07 13.83
C ALA A 196 -11.51 -8.04 12.82
N ALA A 197 -11.43 -7.16 11.81
CA ALA A 197 -12.52 -7.12 10.84
C ALA A 197 -12.48 -8.34 9.93
N PHE A 198 -11.28 -8.86 9.66
CA PHE A 198 -11.19 -10.10 8.89
C PHE A 198 -11.86 -11.25 9.64
N ILE A 199 -11.68 -11.28 10.98
CA ILE A 199 -12.23 -12.34 11.82
C ILE A 199 -13.75 -12.31 11.80
N LYS A 200 -14.34 -11.14 12.11
CA LYS A 200 -15.77 -10.94 11.90
C LYS A 200 -16.19 -11.38 10.50
N MET A 201 -15.49 -10.88 9.47
CA MET A 201 -15.88 -11.14 8.09
C MET A 201 -15.79 -12.61 7.71
N GLU A 202 -14.78 -13.34 8.21
CA GLU A 202 -14.64 -14.76 7.91
C GLU A 202 -15.46 -15.65 8.87
N GLY A 203 -16.41 -15.05 9.58
CA GLY A 203 -17.31 -15.78 10.46
C GLY A 203 -16.64 -16.49 11.62
N VAL A 204 -15.63 -15.89 12.24
CA VAL A 204 -14.88 -16.62 13.26
C VAL A 204 -15.52 -16.38 14.61
N SER A 205 -15.87 -15.14 14.91
CA SER A 205 -16.58 -14.76 16.12
C SER A 205 -17.39 -13.51 15.81
N ASP A 206 -18.13 -13.06 16.79
CA ASP A 206 -18.99 -11.91 16.61
C ASP A 206 -18.26 -10.65 17.05
N ILE A 207 -18.83 -9.50 16.70
CA ILE A 207 -18.23 -8.21 17.02
C ILE A 207 -18.02 -8.08 18.53
N ALA A 208 -19.08 -8.28 19.32
CA ALA A 208 -18.95 -8.17 20.76
C ALA A 208 -17.99 -9.22 21.33
N GLY A 209 -18.03 -10.44 20.78
CA GLY A 209 -17.07 -11.46 21.16
C GLY A 209 -15.61 -11.06 20.94
N ILE A 210 -15.27 -10.60 19.72
CA ILE A 210 -13.88 -10.22 19.44
C ILE A 210 -13.41 -9.16 20.44
N ASP A 211 -14.24 -8.14 20.68
CA ASP A 211 -13.82 -7.02 21.51
C ASP A 211 -13.61 -7.45 22.97
N THR A 212 -14.54 -8.25 23.53
CA THR A 212 -14.30 -8.65 24.91
C THR A 212 -13.17 -9.68 25.00
N ALA A 213 -12.88 -10.41 23.92
CA ALA A 213 -11.79 -11.37 23.94
C ALA A 213 -10.42 -10.69 23.96
N MET A 214 -10.28 -9.52 23.30
CA MET A 214 -8.99 -8.85 23.29
C MET A 214 -8.74 -8.10 24.59
N LYS A 215 -9.79 -7.68 25.28
CA LYS A 215 -9.57 -6.97 26.52
C LYS A 215 -9.49 -7.91 27.73
N LEU A 216 -10.00 -9.14 27.61
CA LEU A 216 -9.85 -10.17 28.63
C LEU A 216 -8.68 -11.12 28.35
N GLY A 217 -8.57 -11.66 27.14
CA GLY A 217 -7.42 -12.48 26.80
C GLY A 217 -6.08 -11.77 26.78
N ALA A 218 -6.07 -10.46 26.51
CA ALA A 218 -4.80 -9.74 26.46
C ALA A 218 -4.78 -8.45 27.26
N ASN A 219 -5.84 -8.17 28.02
CA ASN A 219 -5.88 -7.03 28.94
C ASN A 219 -5.71 -5.70 28.19
N HIS A 220 -6.29 -5.62 26.98
CA HIS A 220 -6.25 -4.35 26.28
C HIS A 220 -7.33 -3.41 26.81
N PRO A 221 -7.05 -2.12 26.89
CA PRO A 221 -8.05 -1.17 27.42
C PRO A 221 -9.32 -1.10 26.58
N MET A 222 -9.23 -1.33 25.26
CA MET A 222 -10.42 -1.36 24.40
C MET A 222 -10.30 -2.53 23.41
N GLY A 223 -11.44 -2.96 22.89
CA GLY A 223 -11.45 -3.93 21.82
C GLY A 223 -11.06 -3.33 20.47
N PRO A 224 -10.50 -4.15 19.58
CA PRO A 224 -10.06 -3.62 18.27
C PRO A 224 -11.17 -2.99 17.44
N LEU A 225 -12.35 -3.62 17.35
CA LEU A 225 -13.46 -3.04 16.61
C LEU A 225 -13.96 -1.75 17.27
N GLU A 226 -14.22 -1.80 18.58
CA GLU A 226 -14.49 -0.62 19.39
C GLU A 226 -13.48 0.48 19.12
N LEU A 227 -12.22 0.09 18.94
CA LEU A 227 -11.15 1.07 18.80
C LEU A 227 -11.16 1.68 17.42
N GLY A 228 -11.47 0.88 16.39
CA GLY A 228 -11.60 1.44 15.07
C GLY A 228 -12.70 2.49 15.03
N ASP A 229 -13.85 2.20 15.64
CA ASP A 229 -14.94 3.18 15.59
C ASP A 229 -14.49 4.51 16.16
N PHE A 230 -13.45 4.48 16.99
CA PHE A 230 -13.12 5.62 17.82
C PHE A 230 -11.98 6.42 17.22
N ILE A 231 -11.06 5.75 16.54
CA ILE A 231 -10.07 6.41 15.71
C ILE A 231 -10.71 6.93 14.43
N GLY A 232 -11.71 6.23 13.91
CA GLY A 232 -12.24 6.51 12.59
C GLY A 232 -11.92 5.38 11.62
N LEU A 233 -12.94 4.65 11.19
CA LEU A 233 -12.71 3.59 10.20
C LEU A 233 -12.22 4.17 8.87
N ASP A 234 -12.41 5.46 8.62
CA ASP A 234 -11.76 6.08 7.47
C ASP A 234 -10.25 6.24 7.69
N ILE A 235 -9.85 6.60 8.91
CA ILE A 235 -8.43 6.66 9.24
C ILE A 235 -7.78 5.28 9.08
N CYS A 236 -8.36 4.27 9.76
CA CYS A 236 -7.88 2.89 9.65
C CYS A 236 -7.73 2.44 8.19
N LEU A 237 -8.80 2.49 7.40
CA LEU A 237 -8.67 2.12 5.98
C LEU A 237 -7.53 2.89 5.31
N ALA A 238 -7.44 4.20 5.55
CA ALA A 238 -6.37 4.97 4.91
C ALA A 238 -4.99 4.48 5.35
N ILE A 239 -4.78 4.33 6.67
CA ILE A 239 -3.49 3.88 7.18
C ILE A 239 -3.15 2.51 6.59
N MET A 240 -4.15 1.62 6.47
CA MET A 240 -3.86 0.32 5.87
C MET A 240 -3.44 0.47 4.41
N ASP A 241 -4.08 1.39 3.67
CA ASP A 241 -3.76 1.53 2.26
C ASP A 241 -2.36 2.10 2.09
N VAL A 242 -1.96 3.02 2.97
CA VAL A 242 -0.61 3.59 2.90
C VAL A 242 0.42 2.50 3.09
N LEU A 243 0.17 1.59 4.05
CA LEU A 243 1.08 0.49 4.30
C LEU A 243 1.23 -0.38 3.06
N TYR A 244 0.09 -0.72 2.42
CA TYR A 244 0.12 -1.60 1.27
C TYR A 244 0.84 -0.95 0.08
N HIS A 245 0.69 0.37 -0.12
CA HIS A 245 1.32 1.01 -1.27
C HIS A 245 2.79 1.26 -1.04
N GLU A 246 3.16 1.59 0.21
CA GLU A 246 4.55 1.90 0.50
C GLU A 246 5.42 0.66 0.39
N THR A 247 4.87 -0.50 0.76
CA THR A 247 5.65 -1.73 0.84
C THR A 247 5.40 -2.67 -0.32
N GLY A 248 4.24 -2.56 -0.98
CA GLY A 248 3.87 -3.54 -1.99
C GLY A 248 3.52 -4.91 -1.44
N ASP A 249 3.33 -5.01 -0.12
CA ASP A 249 3.21 -6.28 0.56
C ASP A 249 1.73 -6.61 0.71
N SER A 250 1.27 -7.72 0.13
CA SER A 250 -0.13 -8.11 0.34
C SER A 250 -0.50 -8.25 1.82
N LYS A 251 0.49 -8.41 2.72
CA LYS A 251 0.25 -8.56 4.15
C LYS A 251 -0.62 -7.42 4.71
N TYR A 252 -0.43 -6.19 4.19
CA TYR A 252 -1.14 -5.02 4.68
C TYR A 252 -2.38 -4.67 3.83
N ARG A 253 -2.89 -5.61 3.05
CA ARG A 253 -4.17 -5.41 2.39
C ARG A 253 -5.29 -5.22 3.43
N ALA A 254 -6.18 -4.27 3.14
CA ALA A 254 -7.27 -3.92 4.05
C ALA A 254 -8.48 -4.83 3.83
N CYS A 255 -9.08 -5.21 4.93
CA CYS A 255 -10.25 -6.06 4.95
C CYS A 255 -11.34 -5.44 4.07
N PRO A 256 -11.85 -6.15 3.05
CA PRO A 256 -12.87 -5.51 2.19
C PRO A 256 -14.05 -5.00 2.96
N LEU A 257 -14.27 -5.51 4.19
CA LEU A 257 -15.39 -5.12 5.04
C LEU A 257 -15.22 -3.70 5.60
N ILE A 258 -13.99 -3.30 5.90
CA ILE A 258 -13.78 -1.93 6.35
C ILE A 258 -13.97 -0.94 5.19
N ARG A 259 -13.44 -1.29 4.00
CA ARG A 259 -13.78 -0.49 2.83
C ARG A 259 -15.30 -0.49 2.60
N LYS A 260 -15.97 -1.63 2.69
CA LYS A 260 -17.43 -1.62 2.54
C LYS A 260 -18.08 -0.60 3.48
N MET A 261 -17.51 -0.43 4.69
CA MET A 261 -18.18 0.39 5.68
C MET A 261 -17.79 1.85 5.56
N VAL A 262 -16.54 2.12 5.19
CA VAL A 262 -16.14 3.50 4.92
C VAL A 262 -16.86 4.03 3.68
N ARG A 263 -17.00 3.22 2.63
CA ARG A 263 -17.81 3.67 1.50
C ARG A 263 -19.22 3.99 1.97
N GLY A 264 -19.75 3.22 2.92
CA GLY A 264 -21.09 3.52 3.41
C GLY A 264 -21.18 4.67 4.38
N GLY A 265 -20.10 5.40 4.61
CA GLY A 265 -20.14 6.43 5.63
C GLY A 265 -20.28 5.93 7.06
N ASN A 266 -20.19 4.62 7.29
CA ASN A 266 -20.25 4.07 8.64
C ASN A 266 -18.84 4.06 9.22
N LEU A 267 -18.37 5.21 9.71
CA LEU A 267 -16.98 5.36 10.09
C LEU A 267 -16.73 5.14 11.58
N GLY A 268 -17.78 4.97 12.36
CA GLY A 268 -17.64 4.71 13.77
C GLY A 268 -18.37 5.74 14.62
N CYS A 269 -17.72 6.18 15.69
CA CYS A 269 -18.36 7.07 16.65
C CYS A 269 -18.90 8.31 15.96
N LYS A 270 -18.04 9.04 15.27
CA LYS A 270 -18.35 10.32 14.67
C LYS A 270 -19.44 10.28 13.59
N THR A 271 -19.94 9.10 13.20
CA THR A 271 -21.12 9.00 12.35
C THR A 271 -22.24 8.17 12.99
N GLY A 272 -22.21 8.00 14.31
CA GLY A 272 -23.27 7.31 15.02
C GLY A 272 -23.35 5.82 14.79
N LYS A 273 -22.78 5.31 13.71
CA LYS A 273 -22.76 3.87 13.45
C LYS A 273 -21.35 3.50 12.99
N GLY A 274 -21.00 2.23 13.18
CA GLY A 274 -19.74 1.66 12.72
C GLY A 274 -19.79 0.16 12.91
N PHE A 275 -18.85 -0.38 13.70
CA PHE A 275 -19.00 -1.75 14.17
C PHE A 275 -20.05 -1.84 15.25
N TYR A 276 -20.28 -0.73 15.95
CA TYR A 276 -21.33 -0.53 16.92
C TYR A 276 -22.21 0.62 16.49
N VAL A 277 -23.50 0.53 16.80
CA VAL A 277 -24.42 1.67 16.69
C VAL A 277 -24.32 2.46 17.98
N TYR A 278 -24.11 3.77 17.86
CA TYR A 278 -23.97 4.64 19.04
C TYR A 278 -25.34 5.22 19.32
N ASN A 279 -26.19 4.40 19.95
CA ASN A 279 -27.60 4.73 20.10
C ASN A 279 -27.79 5.94 21.00
N ALA A 280 -28.83 6.73 20.68
CA ALA A 280 -28.98 8.07 21.24
C ALA A 280 -28.97 8.04 22.76
N ASP A 281 -29.31 6.90 23.34
CA ASP A 281 -29.24 6.65 24.78
C ASP A 281 -27.81 6.67 25.32
N ARG A 282 -26.80 6.99 24.51
CA ARG A 282 -25.40 7.07 24.93
C ARG A 282 -24.80 5.72 25.31
N THR A 283 -25.47 4.61 25.01
CA THR A 283 -24.89 3.28 25.18
C THR A 283 -24.19 2.87 23.87
N LYS A 284 -24.15 1.56 23.59
CA LYS A 284 -23.43 1.08 22.42
C LYS A 284 -23.81 -0.36 22.09
N THR A 285 -24.35 -0.59 20.87
CA THR A 285 -24.82 -1.91 20.47
C THR A 285 -24.01 -2.43 19.29
N PRO A 286 -23.49 -3.66 19.37
CA PRO A 286 -22.86 -4.27 18.18
C PRO A 286 -23.90 -4.56 17.12
N VAL A 287 -23.57 -4.21 15.86
CA VAL A 287 -24.50 -4.35 14.73
C VAL A 287 -24.62 -5.81 14.27
N ASP A 288 -24.10 -6.76 15.07
CA ASP A 288 -24.41 -8.18 14.88
C ASP A 288 -25.85 -8.49 15.25
N GLN A 289 -26.37 -7.84 16.28
CA GLN A 289 -27.74 -8.08 16.72
C GLN A 289 -28.54 -6.77 16.72
N MET B 1 12.72 38.38 -5.37
CA MET B 1 13.30 39.45 -6.18
C MET B 1 14.82 39.55 -5.97
N LYS B 2 15.51 40.37 -6.77
CA LYS B 2 16.93 40.63 -6.57
C LYS B 2 17.15 42.03 -6.01
N ILE B 3 18.01 42.12 -5.00
CA ILE B 3 18.24 43.35 -4.25
C ILE B 3 19.73 43.65 -4.24
N GLY B 4 20.11 44.87 -4.61
CA GLY B 4 21.48 45.34 -4.49
C GLY B 4 21.67 46.21 -3.25
N VAL B 5 22.50 45.73 -2.32
CA VAL B 5 22.83 46.48 -1.10
C VAL B 5 24.19 47.16 -1.30
N ILE B 6 24.25 48.48 -1.10
CA ILE B 6 25.43 49.31 -1.34
C ILE B 6 26.05 49.69 0.01
N GLY B 7 27.26 49.18 0.27
CA GLY B 7 27.86 49.30 1.58
C GLY B 7 27.94 47.94 2.24
N ALA B 8 29.15 47.52 2.64
CA ALA B 8 29.42 46.23 3.26
C ALA B 8 29.66 46.35 4.77
N GLY B 9 29.36 47.51 5.33
CA GLY B 9 29.53 47.76 6.75
C GLY B 9 28.38 47.19 7.56
N THR B 10 28.38 47.50 8.86
CA THR B 10 27.48 46.85 9.81
C THR B 10 26.03 46.95 9.36
N MET B 11 25.64 48.10 8.80
CA MET B 11 24.26 48.24 8.34
C MET B 11 24.02 47.49 7.03
N GLY B 12 25.03 47.41 6.15
CA GLY B 12 24.82 46.78 4.86
C GLY B 12 24.70 45.26 4.96
N GLN B 13 25.44 44.64 5.88
CA GLN B 13 25.32 43.20 6.09
C GLN B 13 23.97 42.86 6.70
N GLY B 14 23.58 43.53 7.80
CA GLY B 14 22.25 43.33 8.32
C GLY B 14 21.19 43.38 7.23
N ILE B 15 21.24 44.40 6.37
CA ILE B 15 20.28 44.52 5.28
C ILE B 15 20.44 43.37 4.29
N ALA B 16 21.68 42.94 4.03
CA ALA B 16 21.88 41.78 3.15
C ALA B 16 21.22 40.53 3.73
N LYS B 17 21.45 40.26 5.02
CA LYS B 17 20.90 39.06 5.64
C LYS B 17 19.37 39.13 5.72
N ALA B 18 18.83 40.32 6.01
CA ALA B 18 17.39 40.46 6.14
C ALA B 18 16.67 40.08 4.84
N PHE B 19 17.29 40.36 3.70
CA PHE B 19 16.66 39.97 2.45
C PHE B 19 16.97 38.52 2.10
N ALA B 20 18.22 38.08 2.32
CA ALA B 20 18.64 36.73 1.95
C ALA B 20 18.06 35.66 2.87
N GLN B 21 17.67 36.04 4.10
CA GLN B 21 16.99 35.14 5.03
C GLN B 21 15.71 34.54 4.48
N VAL B 22 15.08 35.18 3.49
CA VAL B 22 13.71 34.82 3.15
C VAL B 22 13.69 33.61 2.20
N GLU B 23 13.98 33.79 0.91
CA GLU B 23 13.81 32.68 -0.03
C GLU B 23 14.33 32.96 -1.42
N GLY B 24 13.41 33.22 -2.35
CA GLY B 24 13.76 33.54 -3.71
C GLY B 24 14.43 34.89 -3.80
N ASN B 25 14.65 35.52 -2.66
CA ASN B 25 15.37 36.78 -2.65
C ASN B 25 16.85 36.51 -2.88
N THR B 26 17.45 37.26 -3.80
CA THR B 26 18.88 37.21 -4.03
C THR B 26 19.43 38.60 -3.74
N VAL B 27 20.73 38.67 -3.47
CA VAL B 27 21.33 39.88 -2.90
C VAL B 27 22.71 40.13 -3.47
N ALA B 28 22.95 41.40 -3.80
CA ALA B 28 24.24 41.92 -4.27
C ALA B 28 24.77 42.88 -3.21
N LEU B 29 25.85 42.48 -2.52
CA LEU B 29 26.44 43.32 -1.48
C LEU B 29 27.68 44.00 -2.06
N CYS B 30 27.59 45.31 -2.30
CA CYS B 30 28.62 46.06 -3.00
C CYS B 30 29.23 47.15 -2.10
N ASP B 31 30.48 47.49 -2.39
CA ASP B 31 31.17 48.53 -1.63
C ASP B 31 32.20 49.21 -2.53
N ILE B 32 33.06 50.03 -1.90
CA ILE B 32 34.13 50.73 -2.63
C ILE B 32 35.13 49.72 -3.19
N LYS B 33 35.63 48.82 -2.35
CA LYS B 33 36.51 47.75 -2.77
C LYS B 33 35.70 46.46 -2.77
N GLN B 34 36.13 45.49 -3.56
CA GLN B 34 35.55 44.18 -3.38
C GLN B 34 36.18 43.46 -2.19
N GLU B 35 37.47 43.65 -1.96
CA GLU B 35 38.04 43.22 -0.69
C GLU B 35 37.31 43.90 0.46
N TRP B 36 36.61 45.01 0.20
CA TRP B 36 35.72 45.57 1.20
C TRP B 36 34.39 44.81 1.23
N ALA B 37 33.89 44.37 0.06
CA ALA B 37 32.59 43.70 -0.01
C ALA B 37 32.64 42.32 0.64
N GLU B 38 33.50 41.43 0.13
CA GLU B 38 33.51 40.10 0.72
C GLU B 38 34.09 40.09 2.13
N ASN B 39 34.66 41.19 2.59
CA ASN B 39 34.93 41.33 4.02
C ASN B 39 33.61 41.35 4.79
N GLY B 40 32.62 42.07 4.26
CA GLY B 40 31.31 42.11 4.90
C GLY B 40 30.57 40.80 4.78
N LEU B 41 30.71 40.11 3.65
CA LEU B 41 30.11 38.78 3.49
C LEU B 41 30.81 37.74 4.36
N ALA B 42 32.14 37.81 4.46
CA ALA B 42 32.87 36.82 5.24
C ALA B 42 32.48 36.90 6.71
N LYS B 43 32.23 38.12 7.21
CA LYS B 43 31.73 38.25 8.56
C LYS B 43 30.30 37.71 8.67
N ILE B 44 29.49 37.87 7.62
CA ILE B 44 28.18 37.24 7.59
C ILE B 44 28.33 35.74 7.74
N LYS B 45 29.29 35.14 7.02
CA LYS B 45 29.55 33.72 7.16
C LYS B 45 30.00 33.36 8.57
N LYS B 46 31.01 34.08 9.07
CA LYS B 46 31.46 33.88 10.45
C LYS B 46 30.30 33.93 11.45
N GLY B 47 29.43 34.92 11.31
CA GLY B 47 28.29 35.01 12.21
C GLY B 47 27.36 33.81 12.08
N TYR B 48 26.95 33.50 10.85
CA TYR B 48 26.13 32.31 10.62
C TYR B 48 26.82 31.02 11.03
N GLU B 49 28.16 31.01 11.03
CA GLU B 49 28.87 29.81 11.45
C GLU B 49 28.94 29.72 12.98
N LYS B 50 28.74 30.84 13.69
CA LYS B 50 28.69 30.79 15.13
C LYS B 50 27.32 30.31 15.62
N LEU B 51 26.25 30.75 14.94
CA LEU B 51 24.90 30.28 15.29
C LEU B 51 24.70 28.84 14.84
N VAL B 52 25.47 28.37 13.86
CA VAL B 52 25.43 26.96 13.49
C VAL B 52 25.81 26.08 14.68
N ALA B 53 26.88 26.44 15.38
CA ALA B 53 27.39 25.60 16.46
C ALA B 53 26.82 25.98 17.83
N LYS B 54 25.86 26.89 17.86
CA LYS B 54 24.98 27.06 19.01
C LYS B 54 23.74 26.18 18.92
N GLY B 55 23.65 25.36 17.88
CA GLY B 55 22.46 24.57 17.65
C GLY B 55 21.22 25.39 17.39
N LYS B 56 21.39 26.67 17.06
CA LYS B 56 20.29 27.60 16.87
C LYS B 56 19.78 27.66 15.43
N ILE B 57 20.64 27.43 14.44
CA ILE B 57 20.20 27.34 13.06
C ILE B 57 21.00 26.23 12.36
N PRO B 58 20.37 25.40 11.53
CA PRO B 58 21.12 24.32 10.87
C PRO B 58 22.02 24.86 9.76
N GLN B 59 23.06 24.08 9.46
CA GLN B 59 23.99 24.50 8.43
C GLN B 59 23.31 24.69 7.08
N GLU B 60 22.57 23.69 6.61
CA GLU B 60 22.00 23.73 5.26
C GLU B 60 21.17 24.98 5.03
N LYS B 61 20.69 25.64 6.09
CA LYS B 61 20.03 26.92 5.95
C LYS B 61 20.99 28.10 6.03
N ALA B 62 21.98 28.05 6.94
CA ALA B 62 23.08 29.00 6.88
C ALA B 62 23.70 29.03 5.48
N ASP B 63 23.98 27.85 4.90
CA ASP B 63 24.50 27.77 3.54
C ASP B 63 23.53 28.41 2.54
N ALA B 64 22.23 28.18 2.71
CA ALA B 64 21.27 28.64 1.70
C ALA B 64 21.12 30.16 1.71
N ILE B 65 21.50 30.81 2.80
CA ILE B 65 21.41 32.27 2.86
C ILE B 65 22.66 32.88 2.25
N VAL B 66 23.83 32.40 2.68
CA VAL B 66 25.12 32.83 2.13
C VAL B 66 25.19 32.59 0.62
N ALA B 67 24.52 31.54 0.11
CA ALA B 67 24.62 31.22 -1.31
C ALA B 67 23.83 32.19 -2.17
N ALA B 68 22.96 33.02 -1.57
CA ALA B 68 22.26 34.06 -2.28
C ALA B 68 22.81 35.46 -2.00
N ILE B 69 24.02 35.59 -1.46
CA ILE B 69 24.70 36.88 -1.33
C ILE B 69 25.99 36.86 -2.13
N THR B 70 25.98 37.50 -3.29
CA THR B 70 27.17 37.63 -4.15
C THR B 70 27.87 38.94 -3.87
N PRO B 71 29.16 38.95 -3.44
CA PRO B 71 29.83 40.22 -3.14
C PRO B 71 30.35 40.87 -4.41
N GLY B 72 31.28 41.79 -4.24
CA GLY B 72 31.86 42.50 -5.36
C GLY B 72 31.39 43.93 -5.40
N LEU B 73 31.51 44.54 -6.57
CA LEU B 73 31.25 45.96 -6.70
C LEU B 73 29.99 46.15 -7.55
N LYS B 74 29.41 47.34 -7.47
CA LYS B 74 28.28 47.63 -8.34
C LYS B 74 28.74 47.54 -9.80
N GLU B 75 28.10 48.30 -10.69
CA GLU B 75 28.45 48.27 -12.12
C GLU B 75 28.35 46.88 -12.70
N ASN B 76 29.20 45.96 -12.24
CA ASN B 76 29.09 44.53 -12.50
C ASN B 76 27.78 43.89 -12.03
N LEU B 77 27.40 44.06 -10.75
CA LEU B 77 26.38 43.19 -10.13
C LEU B 77 24.95 43.72 -10.19
N CYS B 78 24.68 44.99 -9.87
CA CYS B 78 23.34 45.51 -9.63
C CYS B 78 22.59 45.89 -10.92
N ALA B 79 22.99 45.34 -12.07
CA ALA B 79 22.34 45.76 -13.32
C ALA B 79 20.92 45.23 -13.45
N ASP B 80 20.66 44.03 -12.94
CA ASP B 80 19.34 43.41 -13.04
C ASP B 80 18.55 43.50 -11.74
N CYS B 81 19.11 44.10 -10.69
CA CYS B 81 18.39 44.18 -9.42
C CYS B 81 17.04 44.85 -9.61
N ASP B 82 16.17 44.65 -8.64
CA ASP B 82 14.82 45.21 -8.66
C ASP B 82 14.59 46.17 -7.52
N LEU B 83 15.51 46.20 -6.57
CA LEU B 83 15.48 47.11 -5.44
C LEU B 83 16.91 47.48 -5.11
N ILE B 84 17.12 48.76 -4.81
CA ILE B 84 18.40 49.25 -4.36
C ILE B 84 18.23 49.79 -2.95
N VAL B 85 18.96 49.21 -1.99
CA VAL B 85 18.99 49.74 -0.65
C VAL B 85 20.41 50.24 -0.43
N GLU B 86 20.55 51.55 -0.37
CA GLU B 86 21.81 52.23 -0.08
C GLU B 86 22.05 52.33 1.42
N ALA B 87 23.23 51.92 1.86
CA ALA B 87 23.59 51.98 3.28
C ALA B 87 25.08 52.29 3.40
N ALA B 88 25.53 53.35 2.73
CA ALA B 88 26.94 53.69 2.70
C ALA B 88 27.20 54.85 3.66
N PHE B 89 28.31 55.55 3.46
CA PHE B 89 28.62 56.76 4.23
C PHE B 89 27.42 57.70 4.29
N GLU B 90 27.12 58.20 5.49
CA GLU B 90 26.08 59.22 5.65
C GLU B 90 26.69 60.57 5.25
N ASP B 91 26.85 60.76 3.94
CA ASP B 91 27.61 61.85 3.31
C ASP B 91 26.91 62.32 2.04
N MET B 92 26.45 63.59 2.02
CA MET B 92 25.36 63.94 1.12
C MET B 92 25.73 63.74 -0.34
N LYS B 93 26.92 64.21 -0.74
CA LYS B 93 27.26 64.10 -2.15
C LYS B 93 27.76 62.70 -2.53
N VAL B 94 28.36 61.99 -1.58
CA VAL B 94 28.63 60.56 -1.81
C VAL B 94 27.38 59.85 -2.33
N LYS B 95 26.27 59.91 -1.55
CA LYS B 95 25.03 59.29 -2.00
C LYS B 95 24.53 59.90 -3.30
N GLN B 96 24.54 61.22 -3.41
CA GLN B 96 24.02 61.87 -4.61
C GLN B 96 24.74 61.38 -5.86
N THR B 97 26.04 61.15 -5.76
CA THR B 97 26.78 60.61 -6.90
C THR B 97 26.64 59.10 -7.01
N THR B 98 26.77 58.38 -5.88
CA THR B 98 26.52 56.94 -5.91
C THR B 98 25.16 56.65 -6.52
N PHE B 99 24.13 57.38 -6.09
CA PHE B 99 22.81 57.18 -6.66
C PHE B 99 22.78 57.64 -8.11
N GLY B 100 23.60 58.64 -8.45
CA GLY B 100 23.68 59.09 -9.83
C GLY B 100 24.27 58.05 -10.76
N GLU B 101 25.29 57.30 -10.29
CA GLU B 101 25.85 56.25 -11.13
C GLU B 101 24.83 55.13 -11.34
N LEU B 102 24.31 54.55 -10.25
CA LEU B 102 23.28 53.52 -10.28
C LEU B 102 22.14 53.83 -11.24
N ASP B 103 21.73 55.10 -11.33
CA ASP B 103 20.59 55.45 -12.18
C ASP B 103 20.82 55.03 -13.63
N LYS B 104 22.07 55.08 -14.10
CA LYS B 104 22.38 54.54 -15.41
C LYS B 104 22.36 53.03 -15.43
N ILE B 105 23.04 52.39 -14.47
CA ILE B 105 23.24 50.95 -14.44
C ILE B 105 21.90 50.20 -14.37
N CYS B 106 21.08 50.46 -13.36
CA CYS B 106 19.94 49.61 -13.08
C CYS B 106 18.84 49.78 -14.11
N LYS B 107 18.10 48.70 -14.35
CA LYS B 107 16.96 48.70 -15.25
C LYS B 107 16.03 49.86 -14.96
N PRO B 108 15.15 50.21 -15.91
CA PRO B 108 14.15 51.26 -15.64
C PRO B 108 13.17 50.93 -14.52
N GLU B 109 13.10 49.70 -14.05
CA GLU B 109 12.09 49.39 -13.04
C GLU B 109 12.65 49.18 -11.63
N CYS B 110 13.97 49.07 -11.46
CA CYS B 110 14.58 48.91 -10.14
C CYS B 110 14.22 50.10 -9.25
N ILE B 111 13.54 49.82 -8.15
CA ILE B 111 13.21 50.86 -7.17
C ILE B 111 14.48 51.27 -6.44
N PHE B 112 14.53 52.53 -6.02
CA PHE B 112 15.70 53.13 -5.39
C PHE B 112 15.34 53.53 -3.96
N ALA B 113 16.10 53.02 -2.99
CA ALA B 113 15.83 53.33 -1.60
C ALA B 113 17.14 53.58 -0.86
N SER B 114 17.06 54.41 0.17
CA SER B 114 18.20 54.70 1.03
C SER B 114 17.82 54.41 2.47
N ASN B 115 18.76 53.80 3.20
CA ASN B 115 18.62 53.54 4.63
C ASN B 115 19.16 54.72 5.46
N THR B 116 19.08 55.95 4.95
CA THR B 116 19.67 57.11 5.64
C THR B 116 18.76 57.58 6.77
N SER B 117 19.38 57.92 7.91
CA SER B 117 18.65 58.35 9.09
C SER B 117 18.65 59.85 9.31
N SER B 118 19.61 60.58 8.74
CA SER B 118 19.83 61.97 9.09
C SER B 118 19.93 62.87 7.87
N LEU B 119 19.81 62.33 6.66
CA LEU B 119 19.90 63.08 5.41
C LEU B 119 18.53 63.18 4.74
N SER B 120 18.38 64.17 3.86
CA SER B 120 17.08 64.37 3.26
C SER B 120 16.89 63.41 2.11
N ILE B 121 15.82 62.62 2.16
CA ILE B 121 15.53 61.73 1.04
C ILE B 121 15.20 62.55 -0.21
N THR B 122 14.61 63.73 -0.03
CA THR B 122 14.27 64.52 -1.20
C THR B 122 15.54 65.05 -1.87
N GLU B 123 16.51 65.52 -1.07
CA GLU B 123 17.74 66.05 -1.64
C GLU B 123 18.60 64.95 -2.26
N ILE B 124 18.58 63.73 -1.67
CA ILE B 124 19.43 62.65 -2.19
C ILE B 124 19.01 62.29 -3.62
N GLY B 125 17.70 62.29 -3.88
CA GLY B 125 17.22 62.08 -5.25
C GLY B 125 16.84 63.33 -6.02
N LYS B 126 17.56 64.44 -5.82
CA LYS B 126 17.14 65.73 -6.38
C LYS B 126 16.97 65.69 -7.88
N GLY B 127 17.92 65.11 -8.61
CA GLY B 127 17.81 65.11 -10.05
C GLY B 127 17.87 63.77 -10.76
N LEU B 128 17.35 62.71 -10.14
CA LEU B 128 17.43 61.39 -10.76
C LEU B 128 16.24 61.17 -11.69
N SER B 129 16.41 60.24 -12.63
CA SER B 129 15.39 59.88 -13.60
C SER B 129 14.23 59.15 -12.97
N ARG B 130 14.44 58.54 -11.82
CA ARG B 130 13.46 57.73 -11.13
C ARG B 130 13.25 58.31 -9.75
N PRO B 131 12.17 57.91 -9.07
CA PRO B 131 11.99 58.37 -7.69
C PRO B 131 12.97 57.68 -6.74
N LEU B 132 13.11 58.30 -5.58
CA LEU B 132 13.97 57.82 -4.50
C LEU B 132 13.14 57.79 -3.23
N VAL B 133 13.21 56.68 -2.48
CA VAL B 133 12.38 56.46 -1.31
C VAL B 133 13.25 56.03 -0.14
N GLY B 134 12.72 56.19 1.07
CA GLY B 134 13.41 55.81 2.28
C GLY B 134 13.02 54.40 2.70
N MET B 135 14.02 53.63 3.12
CA MET B 135 13.80 52.28 3.64
C MET B 135 14.72 52.19 4.86
N HIS B 136 14.19 52.58 6.02
CA HIS B 136 14.98 52.76 7.24
C HIS B 136 14.92 51.48 8.05
N PHE B 137 16.05 50.80 8.15
CA PHE B 137 16.12 49.61 8.98
C PHE B 137 16.66 49.95 10.36
N PHE B 138 16.73 48.94 11.22
CA PHE B 138 17.19 49.15 12.57
C PHE B 138 18.18 48.04 12.90
N ASN B 139 19.40 48.44 13.30
CA ASN B 139 20.41 47.49 13.73
C ASN B 139 19.90 46.77 14.97
N PRO B 140 19.96 45.41 15.02
CA PRO B 140 20.37 44.61 13.85
C PRO B 140 19.23 44.37 12.81
N ALA B 141 19.53 44.71 11.55
CA ALA B 141 18.53 44.70 10.49
C ALA B 141 17.85 43.33 10.30
N ASP B 142 18.61 42.23 10.30
CA ASP B 142 18.00 40.92 10.11
C ASP B 142 17.01 40.56 11.22
N ARG B 143 17.15 41.14 12.43
CA ARG B 143 16.32 40.76 13.58
C ARG B 143 15.26 41.80 13.91
N MET B 144 15.52 43.10 13.70
CA MET B 144 14.58 44.16 14.05
C MET B 144 13.46 44.22 13.04
N LYS B 145 12.23 44.35 13.49
CA LYS B 145 11.11 44.19 12.57
C LYS B 145 10.52 45.50 12.05
N LEU B 146 11.05 46.65 12.46
CA LEU B 146 10.51 47.93 12.03
C LEU B 146 11.25 48.41 10.78
N ILE B 147 10.48 48.94 9.83
CA ILE B 147 11.01 49.73 8.73
C ILE B 147 10.16 50.99 8.65
N GLU B 148 10.80 52.15 8.70
CA GLU B 148 10.10 53.38 8.38
C GLU B 148 10.23 53.61 6.87
N VAL B 149 9.10 53.76 6.19
CA VAL B 149 9.06 54.10 4.78
C VAL B 149 8.98 55.62 4.69
N ILE B 150 10.00 56.24 4.07
CA ILE B 150 10.18 57.69 4.03
C ILE B 150 9.83 58.24 2.64
N ALA B 151 8.72 58.95 2.55
CA ALA B 151 8.33 59.63 1.31
C ALA B 151 8.93 61.02 1.27
N GLY B 152 9.79 61.27 0.27
CA GLY B 152 10.24 62.61 0.00
C GLY B 152 9.15 63.44 -0.65
N CYS B 153 9.45 64.72 -0.84
CA CYS B 153 8.54 65.64 -1.49
C CYS B 153 7.98 65.09 -2.80
N ASN B 154 8.82 64.41 -3.62
CA ASN B 154 8.40 63.95 -4.95
C ASN B 154 8.10 62.44 -5.03
N THR B 155 8.32 61.69 -3.94
CA THR B 155 8.11 60.24 -3.91
C THR B 155 6.66 59.91 -4.26
N PRO B 156 6.44 59.16 -5.33
CA PRO B 156 5.06 58.74 -5.68
C PRO B 156 4.48 57.74 -4.68
N ALA B 157 3.19 57.90 -4.39
CA ALA B 157 2.48 57.01 -3.47
C ALA B 157 2.71 55.54 -3.81
N GLU B 158 2.66 55.18 -5.10
CA GLU B 158 2.87 53.78 -5.51
C GLU B 158 4.25 53.28 -5.11
N THR B 159 5.28 54.09 -5.36
CA THR B 159 6.62 53.74 -4.89
C THR B 159 6.62 53.50 -3.38
N VAL B 160 5.78 54.21 -2.64
CA VAL B 160 5.73 54.01 -1.20
C VAL B 160 5.06 52.68 -0.89
N GLU B 161 4.14 52.25 -1.76
CA GLU B 161 3.47 50.96 -1.58
C GLU B 161 4.44 49.83 -1.90
N LYS B 162 5.15 49.91 -3.03
CA LYS B 162 6.11 48.87 -3.32
C LYS B 162 7.04 48.65 -2.13
N ILE B 163 7.33 49.68 -1.34
CA ILE B 163 8.24 49.44 -0.21
C ILE B 163 7.48 48.86 0.99
N LYS B 164 6.26 49.31 1.23
CA LYS B 164 5.40 48.66 2.22
C LYS B 164 5.22 47.17 1.91
N GLU B 165 4.96 46.83 0.65
CA GLU B 165 4.70 45.44 0.30
C GLU B 165 5.94 44.59 0.45
N ILE B 166 7.07 45.05 -0.11
CA ILE B 166 8.33 44.32 0.02
C ILE B 166 8.68 44.12 1.50
N SER B 167 8.44 45.14 2.33
CA SER B 167 8.73 45.04 3.76
C SER B 167 7.93 43.93 4.41
N VAL B 168 6.61 43.94 4.19
CA VAL B 168 5.75 42.89 4.70
C VAL B 168 6.23 41.52 4.22
N ALA B 169 6.77 41.45 3.00
CA ALA B 169 7.18 40.17 2.43
C ALA B 169 8.51 39.66 2.97
N ILE B 170 9.27 40.49 3.69
CA ILE B 170 10.51 40.04 4.31
C ILE B 170 10.36 40.09 5.81
N GLY B 171 9.11 40.12 6.29
CA GLY B 171 8.76 39.91 7.68
C GLY B 171 8.59 41.15 8.55
N LYS B 172 8.77 42.34 7.99
CA LYS B 172 8.87 43.57 8.77
C LYS B 172 7.54 44.31 8.80
N ASN B 173 7.49 45.31 9.66
CA ASN B 173 6.29 46.12 9.82
C ASN B 173 6.59 47.52 9.29
N PRO B 174 5.96 47.97 8.21
CA PRO B 174 6.33 49.27 7.65
C PRO B 174 5.48 50.39 8.24
N VAL B 175 6.15 51.41 8.77
CA VAL B 175 5.50 52.65 9.19
C VAL B 175 5.82 53.74 8.17
N GLN B 176 4.78 54.30 7.57
CA GLN B 176 4.96 55.36 6.60
C GLN B 176 5.28 56.67 7.30
N VAL B 177 6.32 57.35 6.81
CA VAL B 177 6.77 58.63 7.35
C VAL B 177 6.94 59.60 6.20
N ASN B 178 6.27 60.74 6.29
CA ASN B 178 6.54 61.85 5.39
C ASN B 178 7.77 62.58 5.89
N GLU B 179 8.82 62.59 5.06
CA GLU B 179 10.15 63.07 5.44
C GLU B 179 10.13 64.31 6.33
N ALA B 180 10.67 64.13 7.55
CA ALA B 180 10.88 65.19 8.54
C ALA B 180 12.09 64.78 9.38
N ALA B 181 12.76 65.74 9.99
CA ALA B 181 13.99 65.42 10.73
C ALA B 181 13.71 64.44 11.89
N GLY B 182 14.45 63.33 11.91
CA GLY B 182 14.32 62.38 12.99
C GLY B 182 13.20 61.39 12.81
N PHE B 183 12.47 61.47 11.70
CA PHE B 183 11.40 60.52 11.44
C PHE B 183 10.47 60.40 12.65
N VAL B 184 10.37 59.20 13.22
CA VAL B 184 9.60 58.98 14.43
C VAL B 184 10.48 58.50 15.58
N VAL B 185 11.20 57.38 15.38
CA VAL B 185 11.94 56.74 16.46
C VAL B 185 12.98 57.69 17.03
N ASN B 186 13.92 58.17 16.20
CA ASN B 186 14.99 59.03 16.67
C ASN B 186 14.48 60.36 17.21
N ARG B 187 13.59 61.02 16.46
CA ARG B 187 13.10 62.32 16.90
C ARG B 187 12.46 62.23 18.30
N ILE B 188 11.84 61.11 18.63
CA ILE B 188 11.40 60.87 19.99
C ILE B 188 12.54 60.38 20.88
N LEU B 189 13.24 59.34 20.44
CA LEU B 189 14.12 58.58 21.32
C LEU B 189 15.36 59.36 21.75
N ILE B 190 16.03 60.08 20.83
CA ILE B 190 17.31 60.71 21.13
C ILE B 190 17.14 61.91 22.07
N PRO B 191 16.08 62.74 21.95
CA PRO B 191 15.82 63.74 23.00
C PRO B 191 15.57 63.15 24.40
N MET B 192 15.05 61.92 24.53
CA MET B 192 15.09 61.28 25.83
C MET B 192 16.52 61.27 26.36
N ILE B 193 17.41 60.59 25.63
CA ILE B 193 18.80 60.53 26.05
C ILE B 193 19.31 61.93 26.32
N ASN B 194 18.98 62.87 25.45
CA ASN B 194 19.45 64.23 25.62
C ASN B 194 18.95 64.82 26.92
N GLU B 195 17.65 64.61 27.22
CA GLU B 195 17.10 65.16 28.45
C GLU B 195 17.72 64.45 29.67
N ALA B 196 17.98 63.15 29.56
CA ALA B 196 18.64 62.43 30.64
C ALA B 196 19.99 63.05 30.99
N ALA B 197 20.73 63.53 29.99
CA ALA B 197 22.04 64.09 30.28
C ALA B 197 21.92 65.48 30.89
N PHE B 198 20.84 66.19 30.56
CA PHE B 198 20.57 67.49 31.20
C PHE B 198 20.21 67.31 32.67
N ILE B 199 19.58 66.16 33.02
CA ILE B 199 19.29 65.89 34.43
C ILE B 199 20.57 65.66 35.20
N LYS B 200 21.43 64.77 34.68
CA LYS B 200 22.75 64.59 35.26
C LYS B 200 23.47 65.92 35.40
N MET B 201 23.59 66.68 34.31
CA MET B 201 24.38 67.92 34.31
C MET B 201 23.86 68.93 35.33
N GLU B 202 22.55 69.09 35.44
CA GLU B 202 21.97 70.07 36.34
C GLU B 202 21.90 69.55 37.78
N GLY B 203 22.63 68.48 38.09
CA GLY B 203 22.68 67.94 39.42
C GLY B 203 21.35 67.50 39.97
N VAL B 204 20.49 66.90 39.16
CA VAL B 204 19.16 66.56 39.63
C VAL B 204 19.14 65.17 40.23
N SER B 205 19.74 64.21 39.52
CA SER B 205 19.98 62.89 40.04
C SER B 205 21.35 62.45 39.54
N ASP B 206 21.65 61.18 39.72
CA ASP B 206 22.93 60.64 39.33
C ASP B 206 22.71 59.61 38.23
N ILE B 207 23.81 59.23 37.57
CA ILE B 207 23.73 58.40 36.36
C ILE B 207 22.94 57.12 36.63
N ALA B 208 23.26 56.37 37.68
CA ALA B 208 22.58 55.09 37.85
C ALA B 208 21.17 55.28 38.40
N GLY B 209 20.93 56.35 39.18
CA GLY B 209 19.58 56.65 39.62
C GLY B 209 18.64 56.98 38.48
N ILE B 210 19.10 57.81 37.54
CA ILE B 210 18.32 58.09 36.32
C ILE B 210 18.01 56.78 35.60
N ASP B 211 19.03 55.97 35.36
CA ASP B 211 18.85 54.83 34.47
C ASP B 211 17.95 53.80 35.12
N THR B 212 17.92 53.73 36.46
CA THR B 212 16.98 52.82 37.10
C THR B 212 15.60 53.44 37.20
N ALA B 213 15.52 54.76 37.38
CA ALA B 213 14.20 55.39 37.44
C ALA B 213 13.46 55.28 36.10
N MET B 214 14.17 55.13 34.98
CA MET B 214 13.43 55.00 33.72
C MET B 214 12.96 53.57 33.48
N LYS B 215 13.77 52.56 33.79
CA LYS B 215 13.38 51.19 33.49
C LYS B 215 12.46 50.59 34.55
N LEU B 216 12.47 51.11 35.78
CA LEU B 216 11.41 50.80 36.73
C LEU B 216 10.20 51.73 36.55
N GLY B 217 10.42 53.05 36.45
CA GLY B 217 9.31 53.97 36.32
C GLY B 217 8.52 53.82 35.04
N ALA B 218 9.18 53.58 33.91
CA ALA B 218 8.48 53.47 32.63
C ALA B 218 8.61 52.09 32.01
N ASN B 219 9.19 51.12 32.72
CA ASN B 219 9.25 49.75 32.21
C ASN B 219 9.92 49.72 30.83
N HIS B 220 11.01 50.59 30.65
CA HIS B 220 11.86 50.56 29.47
C HIS B 220 12.92 49.48 29.62
N PRO B 221 13.34 48.88 28.50
CA PRO B 221 14.38 47.85 28.56
C PRO B 221 15.75 48.36 28.98
N MET B 222 16.15 49.57 28.59
CA MET B 222 17.39 50.15 29.11
C MET B 222 17.11 51.58 29.58
N GLY B 223 18.01 52.11 30.41
CA GLY B 223 17.99 53.51 30.76
C GLY B 223 18.47 54.36 29.61
N PRO B 224 18.11 55.66 29.64
CA PRO B 224 18.58 56.54 28.55
C PRO B 224 20.08 56.72 28.49
N LEU B 225 20.76 56.90 29.63
CA LEU B 225 22.23 56.98 29.62
C LEU B 225 22.85 55.70 29.06
N GLU B 226 22.42 54.53 29.56
CA GLU B 226 22.86 53.25 29.00
C GLU B 226 22.65 53.21 27.51
N LEU B 227 21.40 53.44 27.08
CA LEU B 227 21.09 53.42 25.67
C LEU B 227 22.01 54.35 24.92
N GLY B 228 22.27 55.54 25.48
CA GLY B 228 23.14 56.49 24.79
C GLY B 228 24.51 55.90 24.49
N ASP B 229 25.17 55.34 25.53
CA ASP B 229 26.43 54.63 25.34
C ASP B 229 26.30 53.50 24.34
N PHE B 230 25.14 52.86 24.28
CA PHE B 230 24.95 51.72 23.41
C PHE B 230 24.85 52.13 21.95
N ILE B 231 24.10 53.21 21.68
CA ILE B 231 23.97 53.74 20.33
C ILE B 231 25.26 54.36 19.88
N GLY B 232 26.06 54.87 20.82
CA GLY B 232 27.14 55.79 20.53
C GLY B 232 26.72 57.23 20.76
N LEU B 233 27.36 57.91 21.71
CA LEU B 233 27.02 59.31 21.98
C LEU B 233 27.36 60.24 20.80
N ASP B 234 28.36 59.92 19.96
CA ASP B 234 28.60 60.73 18.76
C ASP B 234 27.38 60.72 17.84
N ILE B 235 26.79 59.55 17.64
CA ILE B 235 25.53 59.45 16.89
C ILE B 235 24.43 60.28 17.56
N CYS B 236 24.29 60.15 18.90
CA CYS B 236 23.28 60.94 19.61
C CYS B 236 23.51 62.45 19.45
N LEU B 237 24.72 62.92 19.73
CA LEU B 237 25.07 64.32 19.46
C LEU B 237 24.79 64.70 18.01
N ALA B 238 24.97 63.76 17.06
CA ALA B 238 24.77 64.12 15.68
C ALA B 238 23.29 64.21 15.33
N ILE B 239 22.46 63.35 15.93
CA ILE B 239 21.04 63.41 15.64
C ILE B 239 20.43 64.63 16.31
N MET B 240 20.84 64.93 17.55
CA MET B 240 20.38 66.15 18.19
C MET B 240 20.69 67.39 17.34
N ASP B 241 21.87 67.45 16.71
CA ASP B 241 22.21 68.66 15.95
C ASP B 241 21.47 68.73 14.63
N VAL B 242 21.18 67.58 13.99
CA VAL B 242 20.34 67.61 12.79
C VAL B 242 18.99 68.23 13.13
N LEU B 243 18.41 67.81 14.28
CA LEU B 243 17.10 68.34 14.62
C LEU B 243 17.17 69.84 14.81
N TYR B 244 18.12 70.30 15.63
CA TYR B 244 18.28 71.74 15.85
C TYR B 244 18.44 72.48 14.53
N HIS B 245 19.28 71.94 13.65
CA HIS B 245 19.57 72.64 12.40
C HIS B 245 18.39 72.56 11.44
N GLU B 246 17.62 71.45 11.50
CA GLU B 246 16.55 71.29 10.53
C GLU B 246 15.32 72.10 10.93
N THR B 247 15.24 72.50 12.20
CA THR B 247 14.06 73.20 12.68
C THR B 247 14.38 74.63 13.13
N GLY B 248 15.61 74.91 13.52
CA GLY B 248 15.85 76.20 14.15
C GLY B 248 15.19 76.35 15.51
N ASP B 249 14.76 75.23 16.12
CA ASP B 249 14.09 75.19 17.42
C ASP B 249 15.06 74.71 18.50
N SER B 250 15.33 75.57 19.49
CA SER B 250 16.23 75.21 20.59
C SER B 250 15.69 74.08 21.46
N LYS B 251 14.41 73.71 21.32
CA LYS B 251 13.91 72.48 21.95
C LYS B 251 14.89 71.33 21.76
N TYR B 252 15.49 71.22 20.58
CA TYR B 252 16.42 70.14 20.21
C TYR B 252 17.90 70.54 20.30
N ARG B 253 18.25 71.53 21.13
CA ARG B 253 19.66 71.80 21.43
C ARG B 253 20.29 70.63 22.21
N ALA B 254 21.42 70.14 21.71
CA ALA B 254 22.22 69.15 22.40
C ALA B 254 22.65 69.64 23.77
N CYS B 255 22.68 68.72 24.73
CA CYS B 255 23.21 68.98 26.07
C CYS B 255 24.72 69.25 26.00
N PRO B 256 25.20 70.35 26.56
CA PRO B 256 26.66 70.59 26.50
C PRO B 256 27.49 69.43 27.05
N LEU B 257 26.98 68.72 28.04
CA LEU B 257 27.67 67.55 28.57
C LEU B 257 27.97 66.53 27.47
N ILE B 258 27.02 66.30 26.56
CA ILE B 258 27.27 65.27 25.57
C ILE B 258 28.32 65.76 24.57
N ARG B 259 28.21 67.03 24.13
CA ARG B 259 29.24 67.61 23.26
C ARG B 259 30.62 67.52 23.91
N LYS B 260 30.73 67.87 25.19
CA LYS B 260 32.02 67.74 25.90
C LYS B 260 32.54 66.32 25.85
N MET B 261 31.63 65.34 26.02
CA MET B 261 32.02 63.93 26.08
C MET B 261 32.41 63.39 24.70
N VAL B 262 31.64 63.69 23.63
CA VAL B 262 32.04 63.29 22.29
C VAL B 262 33.32 63.99 21.97
N ARG B 263 33.41 65.26 22.29
CA ARG B 263 34.70 66.02 22.05
C ARG B 263 35.77 65.43 22.96
N GLY B 264 35.47 64.37 23.54
CA GLY B 264 36.36 63.74 24.48
C GLY B 264 36.67 62.31 24.18
N GLY B 265 36.21 61.76 23.09
CA GLY B 265 36.37 60.36 22.78
C GLY B 265 35.52 59.41 23.62
N ASN B 266 34.95 59.90 24.70
CA ASN B 266 34.11 59.05 25.57
C ASN B 266 32.75 58.86 24.90
N LEU B 267 32.65 57.88 24.00
CA LEU B 267 31.48 57.71 23.15
C LEU B 267 30.54 56.64 23.65
N GLY B 268 30.95 55.88 24.68
CA GLY B 268 30.19 54.78 25.24
C GLY B 268 30.89 53.43 25.16
N CYS B 269 30.09 52.39 24.87
CA CYS B 269 30.59 51.01 24.77
C CYS B 269 31.71 50.86 23.75
N LYS B 270 31.62 51.55 22.63
CA LYS B 270 32.59 51.34 21.57
C LYS B 270 33.92 52.03 21.83
N THR B 271 34.02 52.80 22.91
CA THR B 271 35.31 53.32 23.33
C THR B 271 35.65 52.87 24.74
N GLY B 272 34.82 52.01 25.34
CA GLY B 272 35.02 51.58 26.71
C GLY B 272 34.77 52.61 27.77
N LYS B 273 34.29 53.81 27.41
CA LYS B 273 33.86 54.78 28.40
C LYS B 273 32.87 55.76 27.79
N GLY B 274 31.87 56.11 28.59
CA GLY B 274 30.87 57.13 28.29
C GLY B 274 30.23 57.59 29.59
N PHE B 275 28.93 57.35 29.76
CA PHE B 275 28.33 57.55 31.09
C PHE B 275 28.75 56.47 32.07
N TYR B 276 29.06 55.28 31.56
CA TYR B 276 29.61 54.19 32.35
C TYR B 276 30.99 53.84 31.78
N VAL B 277 31.85 53.32 32.65
CA VAL B 277 33.10 52.70 32.21
C VAL B 277 32.81 51.21 32.01
N TYR B 278 33.00 50.73 30.77
CA TYR B 278 32.68 49.35 30.43
C TYR B 278 33.94 48.53 30.67
N ASN B 279 34.11 48.08 31.92
CA ASN B 279 35.39 47.49 32.30
C ASN B 279 35.69 46.23 31.50
N ALA B 280 36.97 45.87 31.47
CA ALA B 280 37.41 44.76 30.64
C ALA B 280 36.83 43.43 31.11
N ASP B 281 36.60 43.29 32.42
CA ASP B 281 36.00 42.09 32.97
C ASP B 281 34.48 42.08 32.89
N ARG B 282 33.92 42.65 31.81
CA ARG B 282 32.53 42.54 31.38
C ARG B 282 31.54 43.44 32.10
N THR B 283 31.81 43.89 33.31
CA THR B 283 30.84 44.67 34.05
C THR B 283 30.91 46.15 33.67
N LYS B 284 30.08 46.94 34.33
CA LYS B 284 29.82 48.31 33.94
C LYS B 284 29.68 49.19 35.17
N THR B 285 30.35 50.35 35.17
CA THR B 285 30.33 51.18 36.35
C THR B 285 30.06 52.63 35.96
N PRO B 286 29.07 53.27 36.60
CA PRO B 286 28.83 54.69 36.33
C PRO B 286 30.07 55.50 36.66
N VAL B 287 30.44 56.41 35.75
CA VAL B 287 31.60 57.27 35.94
C VAL B 287 31.31 58.26 37.06
N ASP B 288 30.03 58.29 37.51
CA ASP B 288 29.65 59.09 38.67
C ASP B 288 30.49 58.76 39.90
N GLN B 289 30.87 57.49 40.09
CA GLN B 289 31.74 57.10 41.19
C GLN B 289 32.88 56.16 40.76
N MET C 1 -20.25 -31.03 39.93
CA MET C 1 -19.76 -31.86 38.82
C MET C 1 -18.28 -32.24 38.97
N LYS C 2 -17.91 -33.35 38.34
CA LYS C 2 -16.55 -33.87 38.34
C LYS C 2 -15.88 -33.55 37.00
N ILE C 3 -14.62 -33.11 37.06
CA ILE C 3 -13.87 -32.65 35.91
C ILE C 3 -12.54 -33.37 35.88
N GLY C 4 -12.24 -34.05 34.76
CA GLY C 4 -10.94 -34.65 34.55
C GLY C 4 -10.06 -33.74 33.72
N VAL C 5 -8.82 -33.55 34.16
CA VAL C 5 -7.90 -32.62 33.53
C VAL C 5 -6.65 -33.40 33.12
N ILE C 6 -6.50 -33.64 31.82
CA ILE C 6 -5.45 -34.50 31.30
C ILE C 6 -4.19 -33.67 31.07
N GLY C 7 -3.09 -34.05 31.72
CA GLY C 7 -1.87 -33.28 31.67
C GLY C 7 -1.71 -32.44 32.91
N ALA C 8 -0.63 -32.67 33.65
CA ALA C 8 -0.40 -32.06 34.96
C ALA C 8 0.65 -30.97 34.86
N GLY C 9 0.97 -30.58 33.63
CA GLY C 9 1.80 -29.45 33.30
C GLY C 9 1.18 -28.13 33.74
N THR C 10 1.84 -27.05 33.35
CA THR C 10 1.49 -25.72 33.85
C THR C 10 0.08 -25.32 33.46
N MET C 11 -0.35 -25.68 32.24
CA MET C 11 -1.73 -25.38 31.87
C MET C 11 -2.71 -26.32 32.57
N GLY C 12 -2.36 -27.61 32.71
CA GLY C 12 -3.22 -28.53 33.45
C GLY C 12 -3.44 -28.09 34.88
N GLN C 13 -2.37 -27.69 35.58
CA GLN C 13 -2.51 -27.25 36.95
C GLN C 13 -3.46 -26.06 37.06
N GLY C 14 -3.28 -25.07 36.20
CA GLY C 14 -4.12 -23.88 36.29
C GLY C 14 -5.57 -24.15 35.99
N ILE C 15 -5.84 -25.20 35.20
CA ILE C 15 -7.23 -25.54 34.89
C ILE C 15 -7.84 -26.31 36.05
N ALA C 16 -7.07 -27.21 36.66
CA ALA C 16 -7.49 -27.88 37.89
C ALA C 16 -7.86 -26.85 38.95
N LYS C 17 -7.03 -25.80 39.09
CA LYS C 17 -7.31 -24.74 40.04
C LYS C 17 -8.61 -24.02 39.70
N ALA C 18 -8.84 -23.72 38.42
CA ALA C 18 -10.03 -22.96 38.04
C ALA C 18 -11.33 -23.68 38.44
N PHE C 19 -11.34 -25.01 38.39
CA PHE C 19 -12.54 -25.72 38.83
C PHE C 19 -12.55 -25.93 40.36
N ALA C 20 -11.40 -26.32 40.94
CA ALA C 20 -11.34 -26.51 42.39
C ALA C 20 -11.69 -25.24 43.16
N GLN C 21 -11.58 -24.07 42.53
CA GLN C 21 -11.82 -22.83 43.25
C GLN C 21 -13.25 -22.66 43.71
N VAL C 22 -14.21 -23.32 43.08
CA VAL C 22 -15.59 -22.91 43.31
C VAL C 22 -16.21 -23.69 44.47
N GLU C 23 -16.75 -24.87 44.21
CA GLU C 23 -17.63 -25.41 45.25
C GLU C 23 -17.67 -26.91 45.43
N GLY C 24 -18.59 -27.58 44.74
CA GLY C 24 -18.67 -29.03 44.81
C GLY C 24 -17.90 -29.65 43.67
N ASN C 25 -17.23 -28.82 42.90
CA ASN C 25 -16.51 -29.33 41.75
C ASN C 25 -15.31 -30.14 42.23
N THR C 26 -15.14 -31.30 41.64
CA THR C 26 -14.04 -32.18 41.92
C THR C 26 -13.16 -32.23 40.67
N VAL C 27 -11.85 -32.29 40.87
CA VAL C 27 -10.93 -32.34 39.75
C VAL C 27 -10.06 -33.58 39.83
N ALA C 28 -10.15 -34.40 38.79
CA ALA C 28 -9.24 -35.51 38.57
C ALA C 28 -8.07 -35.02 37.72
N LEU C 29 -6.93 -34.70 38.36
CA LEU C 29 -5.73 -34.28 37.64
C LEU C 29 -4.96 -35.52 37.22
N CYS C 30 -5.21 -35.98 36.00
CA CYS C 30 -4.50 -37.10 35.38
C CYS C 30 -3.41 -36.59 34.44
N ASP C 31 -2.46 -37.48 34.16
CA ASP C 31 -1.30 -37.22 33.32
C ASP C 31 -0.78 -38.58 32.86
N ILE C 32 0.48 -38.61 32.41
CA ILE C 32 1.06 -39.86 31.93
C ILE C 32 1.45 -40.75 33.10
N LYS C 33 2.05 -40.13 34.15
CA LYS C 33 2.52 -40.82 35.33
C LYS C 33 2.00 -40.16 36.63
N GLN C 34 1.43 -41.01 37.51
CA GLN C 34 1.07 -40.58 38.85
C GLN C 34 2.17 -39.73 39.49
N GLU C 35 3.45 -40.08 39.27
CA GLU C 35 4.54 -39.20 39.67
C GLU C 35 4.36 -37.80 39.09
N TRP C 36 3.96 -37.72 37.83
CA TRP C 36 3.77 -36.42 37.20
C TRP C 36 2.44 -35.79 37.58
N ALA C 37 1.43 -36.62 37.90
CA ALA C 37 0.21 -36.11 38.50
C ALA C 37 0.49 -35.41 39.82
N GLU C 38 0.92 -36.17 40.84
CA GLU C 38 1.21 -35.57 42.13
C GLU C 38 2.29 -34.50 42.06
N ASN C 39 3.18 -34.55 41.05
CA ASN C 39 4.12 -33.47 40.83
C ASN C 39 3.39 -32.14 40.67
N GLY C 40 2.55 -32.04 39.63
CA GLY C 40 1.71 -30.87 39.47
C GLY C 40 0.87 -30.56 40.69
N LEU C 41 0.43 -31.59 41.43
CA LEU C 41 -0.36 -31.34 42.62
C LEU C 41 0.47 -30.74 43.75
N ALA C 42 1.74 -31.16 43.88
CA ALA C 42 2.58 -30.53 44.88
C ALA C 42 2.88 -29.08 44.51
N LYS C 43 3.00 -28.79 43.21
CA LYS C 43 3.10 -27.42 42.72
C LYS C 43 1.88 -26.59 43.08
N ILE C 44 0.67 -27.17 42.91
CA ILE C 44 -0.54 -26.47 43.33
C ILE C 44 -0.53 -26.26 44.83
N LYS C 45 0.06 -27.20 45.57
CA LYS C 45 0.09 -27.10 47.02
C LYS C 45 0.99 -25.95 47.44
N LYS C 46 2.15 -25.80 46.79
CA LYS C 46 3.14 -24.81 47.22
C LYS C 46 2.59 -23.38 47.14
N GLY C 47 2.22 -22.93 45.92
CA GLY C 47 1.59 -21.63 45.78
C GLY C 47 0.45 -21.38 46.74
N TYR C 48 -0.44 -22.37 46.92
CA TYR C 48 -1.64 -22.15 47.71
C TYR C 48 -1.36 -22.09 49.20
N GLU C 49 -0.11 -22.31 49.62
CA GLU C 49 0.28 -21.98 50.99
C GLU C 49 0.88 -20.57 51.04
N LYS C 50 1.36 -20.06 49.91
CA LYS C 50 1.94 -18.74 49.86
C LYS C 50 0.89 -17.67 50.06
N LEU C 51 -0.13 -17.64 49.19
CA LEU C 51 -1.20 -16.66 49.30
C LEU C 51 -2.04 -16.86 50.56
N VAL C 52 -1.91 -18.02 51.23
CA VAL C 52 -2.25 -18.05 52.65
C VAL C 52 -1.39 -17.04 53.41
N ALA C 53 -0.06 -17.21 53.35
CA ALA C 53 0.87 -16.48 54.22
C ALA C 53 1.02 -15.01 53.83
N LYS C 54 0.42 -14.61 52.72
CA LYS C 54 0.36 -13.20 52.40
C LYS C 54 -1.06 -12.64 52.48
N GLY C 55 -1.83 -13.03 53.50
CA GLY C 55 -3.15 -12.47 53.72
C GLY C 55 -4.02 -12.38 52.49
N LYS C 56 -3.91 -13.36 51.58
CA LYS C 56 -4.65 -13.34 50.33
C LYS C 56 -5.65 -14.48 50.20
N ILE C 57 -5.58 -15.45 51.11
CA ILE C 57 -6.41 -16.65 51.17
C ILE C 57 -6.49 -16.99 52.65
N PRO C 58 -7.67 -17.21 53.23
CA PRO C 58 -7.72 -17.88 54.54
C PRO C 58 -7.09 -19.26 54.38
N GLN C 59 -7.03 -20.03 55.47
CA GLN C 59 -6.42 -21.35 55.25
C GLN C 59 -7.45 -22.46 55.03
N GLU C 60 -8.57 -22.44 55.73
CA GLU C 60 -9.57 -23.49 55.51
C GLU C 60 -10.25 -23.36 54.13
N LYS C 61 -10.03 -22.26 53.43
CA LYS C 61 -10.36 -22.17 52.00
C LYS C 61 -9.22 -22.64 51.10
N ALA C 62 -7.96 -22.31 51.44
CA ALA C 62 -6.85 -22.83 50.66
C ALA C 62 -6.74 -24.36 50.73
N ASP C 63 -7.17 -24.96 51.84
CA ASP C 63 -7.05 -26.42 52.01
C ASP C 63 -8.18 -27.16 51.32
N ALA C 64 -9.39 -26.58 51.33
CA ALA C 64 -10.54 -27.21 50.67
C ALA C 64 -10.37 -27.22 49.15
N ILE C 65 -9.36 -26.50 48.63
CA ILE C 65 -9.17 -26.44 47.17
C ILE C 65 -8.28 -27.59 46.70
N VAL C 66 -7.14 -27.78 47.38
CA VAL C 66 -6.29 -28.94 47.12
C VAL C 66 -7.02 -30.21 47.55
N ALA C 67 -8.05 -30.06 48.38
CA ALA C 67 -8.85 -31.19 48.84
C ALA C 67 -9.78 -31.70 47.75
N ALA C 68 -10.37 -30.82 46.94
CA ALA C 68 -11.21 -31.26 45.83
C ALA C 68 -10.40 -31.87 44.71
N ILE C 69 -9.10 -31.66 44.68
CA ILE C 69 -8.26 -32.09 43.58
C ILE C 69 -7.63 -33.42 43.95
N THR C 70 -7.94 -34.46 43.19
CA THR C 70 -7.29 -35.74 43.39
C THR C 70 -6.45 -36.08 42.16
N PRO C 71 -5.16 -36.34 42.36
CA PRO C 71 -4.27 -36.50 41.22
C PRO C 71 -4.46 -37.86 40.57
N GLY C 72 -3.39 -38.59 40.32
CA GLY C 72 -3.47 -39.90 39.73
C GLY C 72 -3.49 -39.83 38.22
N LEU C 73 -3.65 -41.00 37.61
CA LEU C 73 -3.72 -41.11 36.16
C LEU C 73 -5.16 -41.44 35.76
N LYS C 74 -5.49 -41.25 34.49
CA LYS C 74 -6.85 -41.49 34.02
C LYS C 74 -7.22 -42.96 34.21
N GLU C 75 -8.21 -43.44 33.45
CA GLU C 75 -8.67 -44.83 33.57
C GLU C 75 -9.24 -45.09 34.97
N ASN C 76 -8.39 -45.02 36.01
CA ASN C 76 -8.83 -44.96 37.39
C ASN C 76 -9.93 -43.93 37.65
N LEU C 77 -9.77 -42.70 37.15
CA LEU C 77 -10.48 -41.55 37.71
C LEU C 77 -11.54 -40.95 36.83
N CYS C 78 -11.57 -41.24 35.54
CA CYS C 78 -12.36 -40.41 34.65
C CYS C 78 -13.68 -41.05 34.26
N ALA C 79 -14.01 -42.21 34.84
CA ALA C 79 -15.24 -42.91 34.48
C ALA C 79 -16.50 -42.10 34.84
N ASP C 80 -16.53 -41.41 35.97
CA ASP C 80 -17.72 -40.67 36.39
C ASP C 80 -17.69 -39.20 35.97
N CYS C 81 -16.60 -38.73 35.36
CA CYS C 81 -16.38 -37.31 35.13
C CYS C 81 -17.40 -36.71 34.16
N ASP C 82 -17.76 -35.44 34.43
CA ASP C 82 -18.78 -34.70 33.72
C ASP C 82 -18.24 -33.94 32.51
N LEU C 83 -16.94 -33.69 32.50
CA LEU C 83 -16.24 -32.87 31.51
C LEU C 83 -14.78 -33.26 31.52
N ILE C 84 -14.21 -33.43 30.35
CA ILE C 84 -12.77 -33.61 30.20
C ILE C 84 -12.21 -32.35 29.55
N VAL C 85 -11.17 -31.80 30.14
CA VAL C 85 -10.43 -30.69 29.56
C VAL C 85 -9.00 -31.18 29.46
N GLU C 86 -8.57 -31.52 28.24
CA GLU C 86 -7.23 -32.03 28.06
C GLU C 86 -6.25 -30.90 27.75
N ALA C 87 -5.11 -30.93 28.41
CA ALA C 87 -4.07 -29.90 28.35
C ALA C 87 -2.70 -30.57 28.26
N ALA C 88 -2.59 -31.56 27.35
CA ALA C 88 -1.39 -32.37 27.16
C ALA C 88 -0.52 -31.78 26.04
N PHE C 89 0.42 -32.58 25.52
CA PHE C 89 1.40 -32.04 24.60
C PHE C 89 0.77 -31.81 23.23
N GLU C 90 0.82 -30.55 22.80
CA GLU C 90 0.24 -30.08 21.54
C GLU C 90 0.70 -30.97 20.37
N ASP C 91 0.18 -32.19 20.36
CA ASP C 91 0.55 -33.21 19.39
C ASP C 91 -0.68 -34.01 18.95
N MET C 92 -0.90 -34.07 17.63
CA MET C 92 -2.17 -34.55 17.08
C MET C 92 -2.42 -36.01 17.45
N LYS C 93 -1.41 -36.87 17.32
CA LYS C 93 -1.65 -38.29 17.57
C LYS C 93 -1.77 -38.61 19.05
N VAL C 94 -1.02 -37.90 19.91
CA VAL C 94 -1.29 -37.91 21.36
C VAL C 94 -2.76 -37.66 21.63
N LYS C 95 -3.24 -36.45 21.27
CA LYS C 95 -4.60 -36.06 21.64
C LYS C 95 -5.62 -37.02 21.05
N GLN C 96 -5.29 -37.64 19.92
CA GLN C 96 -6.25 -38.50 19.25
C GLN C 96 -6.41 -39.83 19.98
N THR C 97 -5.29 -40.44 20.37
CA THR C 97 -5.36 -41.69 21.13
C THR C 97 -5.88 -41.43 22.53
N THR C 98 -5.33 -40.41 23.21
CA THR C 98 -5.84 -40.03 24.52
C THR C 98 -7.36 -39.90 24.52
N PHE C 99 -7.93 -39.28 23.49
CA PHE C 99 -9.37 -39.15 23.43
C PHE C 99 -10.03 -40.44 22.96
N GLY C 100 -9.30 -41.29 22.24
CA GLY C 100 -9.85 -42.57 21.87
C GLY C 100 -9.98 -43.49 23.07
N GLU C 101 -8.96 -43.48 23.95
CA GLU C 101 -9.02 -44.27 25.17
C GLU C 101 -10.12 -43.75 26.09
N LEU C 102 -10.11 -42.46 26.43
CA LEU C 102 -11.17 -41.89 27.26
C LEU C 102 -12.56 -42.05 26.65
N ASP C 103 -12.66 -42.34 25.36
CA ASP C 103 -13.96 -42.50 24.74
C ASP C 103 -14.67 -43.75 25.25
N LYS C 104 -13.91 -44.79 25.57
CA LYS C 104 -14.48 -45.96 26.21
C LYS C 104 -14.40 -45.88 27.74
N ILE C 105 -13.44 -45.12 28.28
CA ILE C 105 -13.37 -44.89 29.72
C ILE C 105 -14.56 -44.07 30.20
N CYS C 106 -14.70 -42.85 29.69
CA CYS C 106 -15.66 -41.94 30.28
C CYS C 106 -17.08 -42.43 30.04
N LYS C 107 -17.98 -41.99 30.93
CA LYS C 107 -19.39 -42.28 30.75
C LYS C 107 -19.89 -41.56 29.50
N PRO C 108 -20.97 -42.05 28.91
CA PRO C 108 -21.49 -41.41 27.67
C PRO C 108 -21.80 -39.93 27.80
N GLU C 109 -22.16 -39.46 28.98
CA GLU C 109 -22.63 -38.08 29.14
C GLU C 109 -21.50 -37.08 29.34
N CYS C 110 -20.27 -37.56 29.53
CA CYS C 110 -19.10 -36.71 29.72
C CYS C 110 -18.88 -35.83 28.49
N ILE C 111 -18.52 -34.57 28.72
CA ILE C 111 -18.23 -33.65 27.63
C ILE C 111 -16.72 -33.62 27.37
N PHE C 112 -16.34 -33.71 26.10
CA PHE C 112 -14.95 -33.72 25.68
C PHE C 112 -14.57 -32.32 25.21
N ALA C 113 -13.58 -31.73 25.85
CA ALA C 113 -13.07 -30.42 25.50
C ALA C 113 -11.54 -30.45 25.54
N SER C 114 -10.92 -29.66 24.65
CA SER C 114 -9.47 -29.50 24.64
C SER C 114 -9.12 -28.02 24.71
N ASN C 115 -7.96 -27.74 25.30
CA ASN C 115 -7.42 -26.41 25.50
C ASN C 115 -6.46 -25.98 24.37
N THR C 116 -6.31 -26.80 23.32
CA THR C 116 -5.31 -26.57 22.27
C THR C 116 -5.43 -25.17 21.67
N SER C 117 -4.26 -24.54 21.47
CA SER C 117 -4.13 -23.24 20.81
C SER C 117 -3.86 -23.38 19.32
N SER C 118 -3.35 -24.53 18.88
CA SER C 118 -2.67 -24.63 17.60
C SER C 118 -3.03 -25.89 16.82
N LEU C 119 -3.95 -26.72 17.31
CA LEU C 119 -4.37 -27.88 16.55
C LEU C 119 -5.86 -27.79 16.21
N SER C 120 -6.23 -28.47 15.12
CA SER C 120 -7.63 -28.53 14.71
C SER C 120 -8.46 -29.30 15.73
N ILE C 121 -9.33 -28.57 16.45
CA ILE C 121 -10.34 -29.22 17.28
C ILE C 121 -11.11 -30.26 16.47
N THR C 122 -11.46 -29.93 15.22
CA THR C 122 -12.19 -30.85 14.36
C THR C 122 -11.39 -32.11 14.08
N GLU C 123 -10.12 -31.97 13.69
CA GLU C 123 -9.32 -33.17 13.45
C GLU C 123 -9.11 -34.00 14.73
N ILE C 124 -9.01 -33.35 15.90
CA ILE C 124 -8.79 -34.10 17.15
C ILE C 124 -9.95 -35.06 17.42
N GLY C 125 -11.18 -34.60 17.15
CA GLY C 125 -12.38 -35.41 17.40
C GLY C 125 -13.00 -36.08 16.17
N LYS C 126 -12.17 -36.51 15.22
CA LYS C 126 -12.67 -37.17 14.01
C LYS C 126 -13.44 -38.46 14.32
N GLY C 127 -12.76 -39.60 14.40
CA GLY C 127 -13.38 -40.90 14.53
C GLY C 127 -13.98 -41.22 15.88
N LEU C 128 -14.57 -40.23 16.55
CA LEU C 128 -15.00 -40.44 17.93
C LEU C 128 -16.50 -40.71 17.99
N SER C 129 -16.98 -41.08 19.18
CA SER C 129 -18.39 -41.40 19.40
C SER C 129 -19.18 -40.21 19.93
N ARG C 130 -18.51 -39.20 20.47
CA ARG C 130 -19.19 -38.07 21.07
C ARG C 130 -18.53 -36.81 20.55
N PRO C 131 -19.27 -35.69 20.53
CA PRO C 131 -18.71 -34.43 20.04
C PRO C 131 -17.44 -34.04 20.80
N LEU C 132 -16.57 -33.31 20.11
CA LEU C 132 -15.38 -32.71 20.70
C LEU C 132 -15.44 -31.20 20.51
N VAL C 133 -15.27 -30.48 21.60
CA VAL C 133 -15.42 -29.04 21.66
C VAL C 133 -14.08 -28.46 22.08
N GLY C 134 -13.90 -27.17 21.84
CA GLY C 134 -12.72 -26.44 22.24
C GLY C 134 -13.03 -25.54 23.41
N MET C 135 -12.26 -25.70 24.50
CA MET C 135 -12.39 -24.86 25.69
C MET C 135 -11.01 -24.24 25.97
N HIS C 136 -10.78 -23.01 25.44
CA HIS C 136 -9.45 -22.41 25.43
C HIS C 136 -9.24 -21.50 26.64
N PHE C 137 -8.35 -21.90 27.53
CA PHE C 137 -8.04 -21.10 28.72
C PHE C 137 -6.83 -20.22 28.45
N PHE C 138 -6.57 -19.30 29.37
CA PHE C 138 -5.48 -18.34 29.27
C PHE C 138 -4.69 -18.35 30.57
N ASN C 139 -3.43 -18.74 30.50
CA ASN C 139 -2.63 -18.86 31.71
C ASN C 139 -2.38 -17.49 32.34
N PRO C 140 -2.50 -17.37 33.68
CA PRO C 140 -2.89 -18.49 34.55
C PRO C 140 -4.41 -18.67 34.62
N ALA C 141 -4.86 -19.87 34.25
CA ALA C 141 -6.29 -20.06 34.01
C ALA C 141 -7.16 -19.81 35.25
N ASP C 142 -6.59 -19.90 36.48
CA ASP C 142 -7.33 -19.68 37.72
C ASP C 142 -7.54 -18.21 38.06
N ARG C 143 -6.95 -17.29 37.29
CA ARG C 143 -7.17 -15.86 37.44
C ARG C 143 -7.80 -15.21 36.20
N MET C 144 -7.31 -15.55 35.00
CA MET C 144 -7.81 -14.95 33.76
C MET C 144 -9.19 -15.49 33.43
N LYS C 145 -10.12 -14.60 33.05
CA LYS C 145 -11.52 -14.98 32.94
C LYS C 145 -12.05 -15.10 31.51
N LEU C 146 -11.20 -15.16 30.50
CA LEU C 146 -11.69 -15.37 29.14
C LEU C 146 -11.66 -16.86 28.82
N ILE C 147 -12.74 -17.36 28.24
CA ILE C 147 -12.76 -18.69 27.65
C ILE C 147 -13.19 -18.56 26.20
N GLU C 148 -12.41 -19.13 25.30
CA GLU C 148 -12.82 -19.22 23.91
C GLU C 148 -13.41 -20.60 23.65
N VAL C 149 -14.71 -20.64 23.39
CA VAL C 149 -15.42 -21.90 23.16
C VAL C 149 -15.32 -22.21 21.66
N ILE C 150 -14.38 -23.08 21.31
CA ILE C 150 -14.09 -23.40 19.92
C ILE C 150 -15.11 -24.42 19.42
N ALA C 151 -15.84 -24.06 18.37
CA ALA C 151 -16.76 -24.97 17.69
C ALA C 151 -16.05 -25.64 16.51
N GLY C 152 -16.19 -26.95 16.40
CA GLY C 152 -15.65 -27.68 15.26
C GLY C 152 -16.67 -27.86 14.17
N CYS C 153 -16.22 -28.46 13.06
CA CYS C 153 -17.08 -28.69 11.90
C CYS C 153 -18.40 -29.35 12.26
N ASN C 154 -18.37 -30.27 13.25
CA ASN C 154 -19.50 -31.13 13.59
C ASN C 154 -19.96 -30.95 15.03
N THR C 155 -19.35 -30.01 15.75
CA THR C 155 -19.68 -29.77 17.15
C THR C 155 -21.08 -29.17 17.25
N PRO C 156 -22.02 -29.87 17.90
CA PRO C 156 -23.42 -29.39 17.95
C PRO C 156 -23.55 -28.15 18.80
N ALA C 157 -24.61 -27.38 18.51
CA ALA C 157 -24.79 -26.09 19.17
C ALA C 157 -24.99 -26.26 20.67
N GLU C 158 -25.61 -27.38 21.07
CA GLU C 158 -25.80 -27.69 22.48
C GLU C 158 -24.49 -27.94 23.19
N THR C 159 -23.59 -28.71 22.58
CA THR C 159 -22.27 -28.90 23.18
C THR C 159 -21.59 -27.57 23.44
N VAL C 160 -21.89 -26.56 22.61
CA VAL C 160 -21.33 -25.23 22.83
C VAL C 160 -21.99 -24.55 24.03
N GLU C 161 -23.33 -24.53 24.07
CA GLU C 161 -24.02 -23.88 25.18
C GLU C 161 -23.60 -24.48 26.53
N LYS C 162 -23.48 -25.82 26.61
CA LYS C 162 -23.04 -26.42 27.85
C LYS C 162 -21.73 -25.81 28.31
N ILE C 163 -20.76 -25.67 27.39
CA ILE C 163 -19.46 -25.14 27.83
C ILE C 163 -19.62 -23.68 28.27
N LYS C 164 -20.31 -22.85 27.46
CA LYS C 164 -20.57 -21.47 27.88
C LYS C 164 -21.21 -21.42 29.26
N GLU C 165 -22.08 -22.37 29.58
CA GLU C 165 -22.73 -22.33 30.88
C GLU C 165 -21.76 -22.76 31.98
N ILE C 166 -20.95 -23.79 31.70
CA ILE C 166 -19.93 -24.20 32.66
C ILE C 166 -18.95 -23.05 32.92
N SER C 167 -18.44 -22.43 31.85
CA SER C 167 -17.60 -21.25 31.98
C SER C 167 -18.21 -20.22 32.89
N VAL C 168 -19.49 -19.92 32.65
CA VAL C 168 -20.17 -19.05 33.58
C VAL C 168 -20.42 -19.74 34.92
N ALA C 169 -20.19 -21.04 35.09
CA ALA C 169 -20.23 -21.57 36.45
C ALA C 169 -18.94 -21.31 37.21
N ILE C 170 -17.79 -21.18 36.55
CA ILE C 170 -16.53 -20.99 37.26
C ILE C 170 -15.96 -19.57 37.18
N GLY C 171 -16.73 -18.62 36.66
CA GLY C 171 -16.30 -17.25 36.80
C GLY C 171 -15.73 -16.60 35.57
N LYS C 172 -15.79 -17.26 34.42
CA LYS C 172 -15.17 -16.73 33.20
C LYS C 172 -16.24 -16.19 32.24
N ASN C 173 -15.79 -15.43 31.25
CA ASN C 173 -16.63 -14.96 30.16
C ASN C 173 -16.34 -15.79 28.92
N PRO C 174 -17.27 -16.62 28.46
CA PRO C 174 -17.03 -17.41 27.24
C PRO C 174 -17.32 -16.61 25.97
N VAL C 175 -16.44 -16.74 24.99
CA VAL C 175 -16.58 -16.09 23.69
C VAL C 175 -16.60 -17.19 22.64
N GLN C 176 -17.64 -17.18 21.80
CA GLN C 176 -17.79 -18.28 20.85
C GLN C 176 -16.91 -18.08 19.64
N VAL C 177 -16.25 -19.16 19.22
CA VAL C 177 -15.26 -19.14 18.14
C VAL C 177 -15.56 -20.29 17.20
N ASN C 178 -15.88 -19.98 15.95
CA ASN C 178 -15.98 -21.02 14.94
C ASN C 178 -14.57 -21.32 14.45
N GLU C 179 -14.20 -22.60 14.51
CA GLU C 179 -12.81 -23.04 14.33
C GLU C 179 -12.14 -22.30 13.17
N ALA C 180 -11.07 -21.57 13.53
CA ALA C 180 -10.10 -20.97 12.61
C ALA C 180 -8.77 -20.86 13.35
N ALA C 181 -7.68 -20.81 12.60
CA ALA C 181 -6.35 -20.81 13.20
C ALA C 181 -6.16 -19.59 14.08
N GLY C 182 -5.59 -19.79 15.26
CA GLY C 182 -5.38 -18.72 16.22
C GLY C 182 -6.64 -18.11 16.79
N PHE C 183 -7.81 -18.72 16.54
CA PHE C 183 -9.07 -18.27 17.11
C PHE C 183 -9.22 -16.74 16.98
N VAL C 184 -9.21 -16.05 18.12
CA VAL C 184 -9.34 -14.59 18.15
C VAL C 184 -8.12 -13.94 18.78
N VAL C 185 -7.76 -14.34 20.00
CA VAL C 185 -6.69 -13.64 20.72
C VAL C 185 -5.33 -13.87 20.06
N ASN C 186 -4.92 -15.14 19.89
CA ASN C 186 -3.64 -15.46 19.28
C ASN C 186 -3.51 -14.86 17.87
N ARG C 187 -4.55 -15.03 17.05
CA ARG C 187 -4.51 -14.56 15.66
C ARG C 187 -4.31 -13.05 15.58
N ILE C 188 -4.84 -12.30 16.53
CA ILE C 188 -4.63 -10.86 16.60
C ILE C 188 -3.35 -10.52 17.34
N LEU C 189 -3.11 -11.17 18.49
CA LEU C 189 -2.03 -10.72 19.35
C LEU C 189 -0.68 -11.16 18.81
N ILE C 190 -0.53 -12.44 18.49
CA ILE C 190 0.81 -12.89 18.10
C ILE C 190 1.31 -12.09 16.89
N PRO C 191 0.53 -11.82 15.84
CA PRO C 191 1.10 -10.98 14.75
C PRO C 191 1.45 -9.55 15.19
N MET C 192 0.82 -9.03 16.26
CA MET C 192 1.34 -7.81 16.87
C MET C 192 2.81 -7.97 17.19
N ILE C 193 3.17 -9.05 17.91
CA ILE C 193 4.56 -9.23 18.30
C ILE C 193 5.45 -9.41 17.06
N ASN C 194 4.95 -10.13 16.04
CA ASN C 194 5.70 -10.34 14.81
C ASN C 194 6.03 -9.01 14.15
N GLU C 195 5.03 -8.12 14.04
CA GLU C 195 5.23 -6.82 13.42
C GLU C 195 6.32 -6.04 14.15
N ALA C 196 6.29 -6.09 15.49
CA ALA C 196 7.30 -5.42 16.29
C ALA C 196 8.69 -5.97 16.00
N ALA C 197 8.81 -7.28 15.78
CA ALA C 197 10.12 -7.82 15.47
C ALA C 197 10.59 -7.39 14.08
N PHE C 198 9.64 -7.25 13.14
CA PHE C 198 9.98 -6.72 11.82
C PHE C 198 10.42 -5.26 11.90
N ILE C 199 9.75 -4.47 12.74
CA ILE C 199 10.11 -3.06 12.91
C ILE C 199 11.51 -2.93 13.50
N LYS C 200 11.87 -3.83 14.41
CA LYS C 200 13.22 -3.77 14.97
C LYS C 200 14.22 -4.30 13.96
N MET C 201 13.82 -5.27 13.15
CA MET C 201 14.74 -5.86 12.18
C MET C 201 15.10 -4.86 11.08
N GLU C 202 14.21 -3.94 10.76
CA GLU C 202 14.38 -3.02 9.65
C GLU C 202 14.89 -1.64 10.10
N GLY C 203 15.47 -1.55 11.30
CA GLY C 203 16.06 -0.28 11.74
C GLY C 203 15.10 0.87 11.84
N VAL C 204 13.80 0.59 12.04
CA VAL C 204 12.83 1.66 12.21
C VAL C 204 12.94 2.27 13.61
N SER C 205 13.08 1.44 14.65
CA SER C 205 13.33 1.92 16.02
C SER C 205 14.00 0.82 16.83
N ASP C 206 14.33 1.15 18.08
CA ASP C 206 14.99 0.19 18.95
C ASP C 206 13.97 -0.59 19.78
N ILE C 207 14.48 -1.63 20.46
CA ILE C 207 13.67 -2.51 21.29
C ILE C 207 12.90 -1.71 22.33
N ALA C 208 13.61 -0.92 23.13
CA ALA C 208 12.95 -0.21 24.22
C ALA C 208 12.07 0.92 23.69
N GLY C 209 12.47 1.55 22.58
CA GLY C 209 11.62 2.56 21.96
C GLY C 209 10.30 2.01 21.44
N ILE C 210 10.33 0.81 20.85
CA ILE C 210 9.11 0.19 20.30
C ILE C 210 8.12 -0.16 21.41
N ASP C 211 8.63 -0.53 22.59
CA ASP C 211 7.74 -0.96 23.64
C ASP C 211 7.13 0.22 24.39
N THR C 212 7.91 1.27 24.61
CA THR C 212 7.31 2.44 25.27
C THR C 212 6.42 3.21 24.31
N ALA C 213 6.67 3.11 23.00
CA ALA C 213 5.73 3.66 22.05
C ALA C 213 4.39 2.93 22.11
N MET C 214 4.43 1.60 22.17
CA MET C 214 3.19 0.83 22.15
C MET C 214 2.38 0.95 23.44
N LYS C 215 3.01 1.24 24.58
CA LYS C 215 2.25 1.33 25.83
C LYS C 215 1.90 2.76 26.24
N LEU C 216 2.64 3.77 25.78
CA LEU C 216 2.18 5.14 25.95
C LEU C 216 1.32 5.63 24.77
N GLY C 217 1.31 4.92 23.64
CA GLY C 217 0.49 5.34 22.53
C GLY C 217 -0.79 4.55 22.37
N ALA C 218 -0.75 3.25 22.64
CA ALA C 218 -1.96 2.47 22.65
C ALA C 218 -2.44 2.17 24.07
N ASN C 219 -1.81 2.75 25.10
CA ASN C 219 -2.06 2.43 26.51
C ASN C 219 -2.29 0.95 26.74
N HIS C 220 -1.35 0.13 26.20
CA HIS C 220 -1.33 -1.29 26.48
C HIS C 220 -0.57 -1.55 27.78
N PRO C 221 -0.81 -2.67 28.46
CA PRO C 221 -0.10 -2.94 29.71
C PRO C 221 1.36 -3.33 29.50
N MET C 222 1.72 -3.83 28.32
CA MET C 222 3.08 -4.24 28.02
C MET C 222 3.42 -3.88 26.58
N GLY C 223 4.71 -3.69 26.31
CA GLY C 223 5.18 -3.64 24.96
C GLY C 223 5.20 -5.02 24.31
N PRO C 224 4.98 -5.06 22.99
CA PRO C 224 4.95 -6.36 22.28
C PRO C 224 6.25 -7.15 22.38
N LEU C 225 7.42 -6.50 22.39
CA LEU C 225 8.65 -7.26 22.56
C LEU C 225 8.72 -7.86 23.96
N GLU C 226 8.53 -7.01 24.98
CA GLU C 226 8.30 -7.49 26.34
C GLU C 226 7.36 -8.67 26.34
N LEU C 227 6.16 -8.46 25.77
CA LEU C 227 5.09 -9.44 25.87
C LEU C 227 5.51 -10.78 25.30
N GLY C 228 6.18 -10.76 24.15
CA GLY C 228 6.62 -12.01 23.53
C GLY C 228 7.68 -12.72 24.33
N ASP C 229 8.61 -11.95 24.93
CA ASP C 229 9.56 -12.56 25.86
C ASP C 229 8.83 -13.20 27.04
N PHE C 230 7.64 -12.68 27.37
CA PHE C 230 6.87 -13.21 28.49
C PHE C 230 6.04 -14.42 28.10
N ILE C 231 5.50 -14.43 26.87
CA ILE C 231 4.80 -15.59 26.36
C ILE C 231 5.78 -16.73 26.10
N GLY C 232 7.01 -16.39 25.69
CA GLY C 232 7.96 -17.33 25.13
C GLY C 232 7.98 -17.16 23.63
N LEU C 233 9.17 -16.82 23.09
CA LEU C 233 9.30 -16.58 21.66
C LEU C 233 9.16 -17.86 20.85
N ASP C 234 9.38 -19.01 21.48
CA ASP C 234 9.07 -20.28 20.83
C ASP C 234 7.56 -20.49 20.73
N ILE C 235 6.79 -19.93 21.67
CA ILE C 235 5.34 -19.93 21.50
C ILE C 235 4.98 -19.03 20.31
N CYS C 236 5.42 -17.76 20.36
CA CYS C 236 5.14 -16.81 19.28
C CYS C 236 5.48 -17.38 17.91
N LEU C 237 6.70 -17.90 17.74
CA LEU C 237 7.14 -18.42 16.46
C LEU C 237 6.25 -19.57 15.99
N ALA C 238 5.86 -20.44 16.93
CA ALA C 238 5.00 -21.59 16.61
C ALA C 238 3.60 -21.14 16.17
N ILE C 239 3.01 -20.15 16.85
CA ILE C 239 1.70 -19.62 16.45
C ILE C 239 1.78 -19.01 15.04
N MET C 240 2.85 -18.26 14.75
CA MET C 240 2.96 -17.66 13.42
C MET C 240 2.95 -18.72 12.35
N ASP C 241 3.74 -19.79 12.55
CA ASP C 241 3.82 -20.85 11.55
C ASP C 241 2.49 -21.61 11.41
N VAL C 242 1.74 -21.79 12.50
CA VAL C 242 0.43 -22.39 12.33
C VAL C 242 -0.43 -21.52 11.43
N LEU C 243 -0.53 -20.22 11.77
CA LEU C 243 -1.31 -19.29 10.96
C LEU C 243 -0.89 -19.39 9.50
N TYR C 244 0.42 -19.30 9.26
CA TYR C 244 0.93 -19.33 7.89
C TYR C 244 0.55 -20.62 7.20
N HIS C 245 0.67 -21.75 7.90
CA HIS C 245 0.42 -23.05 7.27
C HIS C 245 -1.06 -23.32 7.11
N GLU C 246 -1.89 -22.77 8.02
CA GLU C 246 -3.32 -22.98 7.90
C GLU C 246 -3.92 -22.13 6.79
N THR C 247 -3.31 -20.97 6.50
CA THR C 247 -3.88 -20.00 5.55
C THR C 247 -3.20 -20.01 4.18
N GLY C 248 -1.91 -20.32 4.11
CA GLY C 248 -1.22 -20.20 2.84
C GLY C 248 -0.91 -18.77 2.47
N ASP C 249 -1.02 -17.85 3.44
CA ASP C 249 -0.91 -16.41 3.22
C ASP C 249 0.40 -15.90 3.83
N SER C 250 1.24 -15.30 2.99
CA SER C 250 2.49 -14.68 3.44
C SER C 250 2.25 -13.60 4.50
N LYS C 251 1.01 -13.11 4.67
CA LYS C 251 0.68 -12.14 5.70
C LYS C 251 1.09 -12.60 7.10
N TYR C 252 1.14 -13.91 7.34
CA TYR C 252 1.49 -14.46 8.64
C TYR C 252 2.90 -15.06 8.69
N ARG C 253 3.74 -14.82 7.69
CA ARG C 253 5.14 -15.26 7.72
C ARG C 253 5.86 -14.67 8.93
N ALA C 254 6.65 -15.49 9.63
CA ALA C 254 7.29 -15.05 10.86
C ALA C 254 8.49 -14.18 10.55
N CYS C 255 8.71 -13.20 11.41
CA CYS C 255 9.95 -12.43 11.37
C CYS C 255 11.16 -13.35 11.43
N PRO C 256 12.04 -13.32 10.44
CA PRO C 256 13.28 -14.08 10.56
C PRO C 256 14.01 -13.80 11.87
N LEU C 257 13.92 -12.58 12.42
CA LEU C 257 14.61 -12.26 13.67
C LEU C 257 14.07 -13.09 14.85
N ILE C 258 12.78 -13.43 14.83
CA ILE C 258 12.25 -14.32 15.87
C ILE C 258 12.76 -15.74 15.65
N ARG C 259 12.80 -16.21 14.39
CA ARG C 259 13.26 -17.59 14.16
C ARG C 259 14.74 -17.73 14.46
N LYS C 260 15.51 -16.63 14.36
CA LYS C 260 16.91 -16.72 14.73
C LYS C 260 17.06 -16.86 16.24
N MET C 261 16.49 -15.90 16.98
CA MET C 261 16.54 -15.95 18.43
C MET C 261 16.09 -17.31 18.96
N VAL C 262 14.92 -17.80 18.51
CA VAL C 262 14.47 -19.10 19.00
C VAL C 262 15.50 -20.19 18.71
N ARG C 263 16.05 -20.24 17.49
CA ARG C 263 17.12 -21.19 17.24
C ARG C 263 18.25 -21.04 18.26
N GLY C 264 18.47 -19.83 18.78
CA GLY C 264 19.58 -19.69 19.70
C GLY C 264 19.23 -19.88 21.15
N GLY C 265 18.00 -20.27 21.45
CA GLY C 265 17.60 -20.38 22.83
C GLY C 265 17.28 -19.06 23.50
N ASN C 266 17.43 -17.93 22.80
CA ASN C 266 17.04 -16.63 23.35
C ASN C 266 15.51 -16.51 23.31
N LEU C 267 14.86 -17.27 24.18
CA LEU C 267 13.41 -17.42 24.12
C LEU C 267 12.63 -16.38 24.92
N GLY C 268 13.32 -15.50 25.66
CA GLY C 268 12.64 -14.63 26.61
C GLY C 268 12.95 -14.90 28.08
N CYS C 269 12.03 -14.54 28.99
CA CYS C 269 12.27 -14.68 30.45
C CYS C 269 12.71 -16.09 30.85
N LYS C 270 11.97 -17.10 30.45
CA LYS C 270 12.23 -18.49 30.82
C LYS C 270 13.63 -18.96 30.44
N THR C 271 14.34 -18.25 29.57
CA THR C 271 15.74 -18.57 29.31
C THR C 271 16.66 -17.41 29.68
N GLY C 272 16.19 -16.42 30.44
CA GLY C 272 17.01 -15.32 30.88
C GLY C 272 17.33 -14.27 29.82
N LYS C 273 17.04 -14.54 28.54
CA LYS C 273 17.30 -13.58 27.47
C LYS C 273 16.40 -13.88 26.28
N GLY C 274 15.87 -12.80 25.71
CA GLY C 274 15.29 -12.81 24.37
C GLY C 274 15.51 -11.43 23.79
N PHE C 275 14.43 -10.62 23.73
CA PHE C 275 14.56 -9.22 23.34
C PHE C 275 15.14 -8.38 24.47
N TYR C 276 15.04 -8.87 25.70
CA TYR C 276 15.64 -8.27 26.87
C TYR C 276 16.48 -9.31 27.57
N VAL C 277 17.48 -8.85 28.34
CA VAL C 277 18.21 -9.70 29.26
C VAL C 277 17.63 -9.51 30.66
N TYR C 278 17.15 -10.61 31.25
CA TYR C 278 16.64 -10.61 32.63
C TYR C 278 17.81 -11.00 33.50
N ASN C 279 18.32 -10.01 34.22
CA ASN C 279 19.57 -10.20 34.93
C ASN C 279 19.33 -11.09 36.15
N ALA C 280 20.33 -11.93 36.46
CA ALA C 280 20.26 -12.74 37.67
C ALA C 280 19.87 -11.90 38.89
N ASP C 281 20.09 -10.58 38.82
CA ASP C 281 19.66 -9.63 39.83
C ASP C 281 18.39 -8.88 39.45
N ARG C 282 17.51 -9.47 38.67
CA ARG C 282 16.06 -9.20 38.67
C ARG C 282 15.55 -8.18 37.65
N THR C 283 16.38 -7.25 37.15
CA THR C 283 15.83 -6.20 36.31
C THR C 283 16.05 -6.55 34.83
N LYS C 284 15.72 -5.59 33.97
CA LYS C 284 15.42 -5.87 32.56
C LYS C 284 16.17 -4.94 31.62
N THR C 285 16.96 -5.49 30.72
CA THR C 285 17.73 -4.63 29.82
C THR C 285 17.61 -5.07 28.37
N PRO C 286 17.37 -4.14 27.44
CA PRO C 286 17.25 -4.53 26.03
C PRO C 286 18.61 -4.83 25.41
N VAL C 287 18.64 -5.88 24.58
CA VAL C 287 19.88 -6.41 24.01
C VAL C 287 20.42 -5.46 22.96
N ASP C 288 19.64 -4.43 22.63
CA ASP C 288 20.14 -3.26 21.89
C ASP C 288 21.39 -2.68 22.54
N GLN C 289 21.34 -2.46 23.85
CA GLN C 289 22.44 -1.84 24.56
C GLN C 289 22.97 -2.75 25.69
N MET D 1 21.31 4.27 -45.33
CA MET D 1 19.94 4.49 -44.88
C MET D 1 19.81 5.80 -44.10
N LYS D 2 18.63 6.41 -44.18
CA LYS D 2 18.30 7.61 -43.40
C LYS D 2 17.51 7.20 -42.16
N ILE D 3 17.92 7.73 -41.01
CA ILE D 3 17.34 7.38 -39.72
C ILE D 3 16.72 8.62 -39.12
N GLY D 4 15.45 8.54 -38.72
CA GLY D 4 14.83 9.58 -37.92
C GLY D 4 14.88 9.21 -36.45
N VAL D 5 15.60 10.01 -35.67
CA VAL D 5 15.66 9.83 -34.22
C VAL D 5 14.81 10.93 -33.59
N ILE D 6 13.74 10.54 -32.89
CA ILE D 6 12.82 11.47 -32.24
C ILE D 6 13.25 11.71 -30.79
N GLY D 7 13.79 12.91 -30.50
CA GLY D 7 14.24 13.30 -29.17
C GLY D 7 15.73 13.56 -29.10
N ALA D 8 16.16 14.67 -28.48
CA ALA D 8 17.56 15.10 -28.52
C ALA D 8 18.23 15.10 -27.15
N GLY D 9 17.64 14.42 -26.16
CA GLY D 9 18.22 14.23 -24.84
C GLY D 9 19.32 13.21 -24.85
N THR D 10 19.59 12.62 -23.67
CA THR D 10 20.70 11.68 -23.56
C THR D 10 20.62 10.59 -24.63
N MET D 11 19.44 9.98 -24.81
CA MET D 11 19.31 8.81 -25.67
C MET D 11 19.35 9.17 -27.16
N GLY D 12 18.53 10.11 -27.60
CA GLY D 12 18.56 10.53 -28.99
C GLY D 12 19.96 10.83 -29.48
N GLN D 13 20.72 11.61 -28.73
CA GLN D 13 22.10 11.88 -29.13
C GLN D 13 22.92 10.59 -29.16
N GLY D 14 22.57 9.63 -28.29
CA GLY D 14 23.28 8.36 -28.30
C GLY D 14 22.93 7.50 -29.50
N ILE D 15 21.67 7.52 -29.93
CA ILE D 15 21.28 6.69 -31.08
C ILE D 15 21.76 7.32 -32.39
N ALA D 16 21.66 8.65 -32.51
CA ALA D 16 22.18 9.36 -33.67
C ALA D 16 23.66 9.06 -33.88
N LYS D 17 24.45 9.12 -32.80
CA LYS D 17 25.87 8.78 -32.91
C LYS D 17 26.06 7.35 -33.38
N ALA D 18 25.28 6.42 -32.81
CA ALA D 18 25.48 5.00 -33.05
C ALA D 18 25.14 4.62 -34.48
N PHE D 19 24.34 5.45 -35.16
CA PHE D 19 24.10 5.29 -36.60
C PHE D 19 25.16 6.02 -37.43
N ALA D 20 25.30 7.33 -37.24
CA ALA D 20 26.23 8.12 -38.04
C ALA D 20 27.65 7.62 -37.91
N GLN D 21 27.94 6.77 -36.93
CA GLN D 21 29.25 6.15 -36.85
C GLN D 21 29.55 5.24 -38.05
N VAL D 22 28.51 4.69 -38.68
CA VAL D 22 28.69 3.66 -39.71
C VAL D 22 29.33 4.30 -40.95
N GLU D 23 28.53 4.73 -41.93
CA GLU D 23 29.08 5.34 -43.14
C GLU D 23 27.99 5.96 -44.01
N GLY D 24 27.33 5.15 -44.83
CA GLY D 24 26.25 5.63 -45.67
C GLY D 24 24.99 6.03 -44.92
N ASN D 25 25.05 6.04 -43.58
CA ASN D 25 23.89 6.39 -42.77
C ASN D 25 23.87 7.88 -42.49
N THR D 26 22.72 8.50 -42.71
CA THR D 26 22.44 9.86 -42.29
C THR D 26 21.33 9.84 -41.25
N VAL D 27 21.43 10.72 -40.26
CA VAL D 27 20.47 10.74 -39.17
C VAL D 27 19.72 12.07 -39.20
N ALA D 28 18.43 12.02 -38.87
CA ALA D 28 17.61 13.21 -38.70
C ALA D 28 17.24 13.34 -37.22
N LEU D 29 18.09 14.05 -36.45
CA LEU D 29 17.82 14.30 -35.04
C LEU D 29 16.71 15.34 -34.96
N CYS D 30 15.54 14.91 -34.49
CA CYS D 30 14.39 15.77 -34.30
C CYS D 30 13.95 15.73 -32.85
N ASP D 31 13.43 16.86 -32.38
CA ASP D 31 12.96 16.98 -31.01
C ASP D 31 11.97 18.13 -30.99
N ILE D 32 11.70 18.67 -29.80
CA ILE D 32 10.61 19.62 -29.63
C ILE D 32 10.82 20.89 -30.48
N LYS D 33 11.99 21.57 -30.35
CA LYS D 33 12.36 22.75 -31.15
C LYS D 33 13.87 22.82 -31.43
N GLN D 34 14.21 23.43 -32.59
CA GLN D 34 15.51 23.24 -33.26
C GLN D 34 16.73 23.51 -32.38
N GLU D 35 16.73 24.58 -31.57
CA GLU D 35 17.87 24.81 -30.68
C GLU D 35 17.97 23.73 -29.60
N TRP D 36 16.91 22.96 -29.41
CA TRP D 36 17.05 21.71 -28.67
C TRP D 36 17.59 20.61 -29.57
N ALA D 37 17.15 20.58 -30.84
CA ALA D 37 17.74 19.66 -31.81
C ALA D 37 19.13 20.12 -32.18
N GLU D 38 19.38 21.43 -32.13
CA GLU D 38 20.72 21.97 -32.29
C GLU D 38 21.55 21.91 -31.00
N ASN D 39 20.91 21.66 -29.85
CA ASN D 39 21.63 21.53 -28.59
C ASN D 39 22.44 20.23 -28.54
N GLY D 40 21.75 19.10 -28.76
CA GLY D 40 22.44 17.83 -28.84
C GLY D 40 23.67 17.85 -29.73
N LEU D 41 23.52 18.34 -30.97
CA LEU D 41 24.57 18.20 -31.98
C LEU D 41 25.87 18.89 -31.56
N ALA D 42 25.77 20.02 -30.86
CA ALA D 42 26.98 20.60 -30.28
C ALA D 42 27.55 19.72 -29.17
N LYS D 43 26.69 19.31 -28.22
CA LYS D 43 27.07 18.27 -27.25
C LYS D 43 27.78 17.11 -27.93
N ILE D 44 27.22 16.59 -29.04
CA ILE D 44 27.86 15.51 -29.79
C ILE D 44 29.25 15.93 -30.29
N LYS D 45 29.39 17.18 -30.76
CA LYS D 45 30.69 17.62 -31.26
C LYS D 45 31.73 17.67 -30.14
N LYS D 46 31.38 18.27 -29.00
CA LYS D 46 32.27 18.29 -27.82
C LYS D 46 33.03 16.98 -27.68
N GLY D 47 32.32 15.87 -27.41
CA GLY D 47 33.00 14.60 -27.17
C GLY D 47 33.95 14.22 -28.29
N TYR D 48 33.51 14.39 -29.53
CA TYR D 48 34.23 13.82 -30.67
C TYR D 48 35.58 14.49 -30.91
N GLU D 49 35.73 15.77 -30.54
CA GLU D 49 37.04 16.41 -30.65
C GLU D 49 37.97 15.92 -29.53
N LYS D 50 37.45 15.82 -28.30
CA LYS D 50 38.14 15.04 -27.28
C LYS D 50 38.56 13.69 -27.85
N LEU D 51 37.68 13.03 -28.60
CA LEU D 51 37.97 11.73 -29.23
C LEU D 51 39.14 11.84 -30.21
N VAL D 52 39.31 12.98 -30.90
CA VAL D 52 40.52 13.21 -31.70
C VAL D 52 41.65 13.71 -30.82
N ALA D 53 41.35 14.68 -29.94
CA ALA D 53 42.34 15.22 -29.02
C ALA D 53 43.13 14.13 -28.32
N LYS D 54 42.46 13.15 -27.73
CA LYS D 54 43.13 11.89 -27.42
C LYS D 54 43.05 10.91 -28.58
N GLY D 55 44.04 10.87 -29.47
CA GLY D 55 43.97 10.19 -30.76
C GLY D 55 43.16 8.89 -30.81
N LYS D 56 41.90 8.92 -30.34
CA LYS D 56 41.03 7.77 -30.32
C LYS D 56 40.09 7.79 -31.51
N ILE D 57 40.13 8.86 -32.30
CA ILE D 57 39.40 9.01 -33.54
C ILE D 57 40.24 10.04 -34.27
N PRO D 58 40.56 9.84 -35.53
CA PRO D 58 41.06 10.96 -36.32
C PRO D 58 39.95 12.01 -36.43
N GLN D 59 40.36 13.23 -36.73
CA GLN D 59 39.39 14.26 -37.11
C GLN D 59 38.68 13.89 -38.42
N GLU D 60 39.39 13.22 -39.33
CA GLU D 60 38.79 12.66 -40.53
C GLU D 60 37.42 12.05 -40.24
N LYS D 61 37.27 11.33 -39.13
CA LYS D 61 36.08 10.55 -38.85
C LYS D 61 35.16 11.20 -37.83
N ALA D 62 35.68 12.10 -37.00
CA ALA D 62 34.87 12.75 -35.98
C ALA D 62 34.04 13.89 -36.55
N ASP D 63 34.41 14.38 -37.72
CA ASP D 63 33.65 15.46 -38.39
C ASP D 63 32.69 14.90 -39.42
N ALA D 64 33.10 13.83 -40.12
CA ALA D 64 32.20 13.10 -41.01
C ALA D 64 31.00 12.54 -40.25
N ILE D 65 31.16 12.25 -38.95
CA ILE D 65 30.03 11.76 -38.17
C ILE D 65 29.09 12.91 -37.82
N VAL D 66 29.63 14.01 -37.30
CA VAL D 66 28.80 15.18 -37.03
C VAL D 66 28.20 15.71 -38.34
N ALA D 67 28.92 15.50 -39.46
CA ALA D 67 28.40 15.91 -40.77
C ALA D 67 27.17 15.10 -41.18
N ALA D 68 27.14 13.80 -40.87
CA ALA D 68 26.01 12.96 -41.23
C ALA D 68 24.74 13.31 -40.45
N ILE D 69 24.83 14.05 -39.35
CA ILE D 69 23.70 14.29 -38.46
C ILE D 69 23.18 15.71 -38.69
N THR D 70 21.93 15.81 -39.14
CA THR D 70 21.32 17.11 -39.44
C THR D 70 20.18 17.33 -38.45
N PRO D 71 20.25 18.41 -37.63
CA PRO D 71 19.20 18.66 -36.64
C PRO D 71 17.99 19.25 -37.30
N GLY D 72 17.17 19.91 -36.52
CA GLY D 72 15.86 20.33 -36.97
C GLY D 72 14.79 19.42 -36.43
N LEU D 73 13.55 19.83 -36.62
CA LEU D 73 12.39 19.11 -36.11
C LEU D 73 11.84 18.18 -37.19
N LYS D 74 11.02 17.21 -36.75
CA LYS D 74 10.41 16.22 -37.62
C LYS D 74 9.58 16.90 -38.71
N GLU D 75 8.79 16.12 -39.44
CA GLU D 75 7.94 16.69 -40.50
C GLU D 75 8.77 17.33 -41.63
N ASN D 76 9.73 18.19 -41.28
CA ASN D 76 10.73 18.67 -42.23
C ASN D 76 11.61 17.56 -42.79
N LEU D 77 12.12 16.66 -41.93
CA LEU D 77 13.21 15.78 -42.31
C LEU D 77 12.85 14.30 -42.45
N CYS D 78 11.68 13.85 -41.98
CA CYS D 78 11.46 12.41 -41.85
C CYS D 78 10.58 11.83 -42.95
N ALA D 79 10.32 12.58 -44.01
CA ALA D 79 9.40 12.08 -45.04
C ALA D 79 10.00 10.89 -45.80
N ASP D 80 11.31 10.68 -45.72
CA ASP D 80 11.98 9.67 -46.54
C ASP D 80 12.89 8.74 -45.75
N CYS D 81 12.89 8.80 -44.41
CA CYS D 81 13.81 7.96 -43.64
C CYS D 81 13.46 6.48 -43.80
N ASP D 82 14.49 5.64 -43.73
CA ASP D 82 14.33 4.19 -43.78
C ASP D 82 13.92 3.58 -42.46
N LEU D 83 14.37 4.17 -41.34
CA LEU D 83 14.10 3.70 -39.99
C LEU D 83 13.86 4.90 -39.10
N ILE D 84 12.86 4.80 -38.24
CA ILE D 84 12.57 5.83 -37.22
C ILE D 84 12.74 5.22 -35.84
N VAL D 85 13.46 5.91 -34.98
CA VAL D 85 13.75 5.45 -33.62
C VAL D 85 13.33 6.57 -32.68
N GLU D 86 12.17 6.41 -32.05
CA GLU D 86 11.73 7.39 -31.06
C GLU D 86 12.48 7.21 -29.74
N ALA D 87 12.94 8.33 -29.20
CA ALA D 87 13.68 8.36 -27.94
C ALA D 87 13.21 9.58 -27.14
N ALA D 88 11.89 9.77 -27.11
CA ALA D 88 11.33 10.96 -26.49
C ALA D 88 11.03 10.68 -25.02
N PHE D 89 10.19 11.53 -24.45
CA PHE D 89 9.69 11.30 -23.10
C PHE D 89 9.03 9.93 -23.01
N GLU D 90 9.20 9.26 -21.87
CA GLU D 90 8.52 7.98 -21.66
C GLU D 90 7.13 8.31 -21.10
N ASP D 91 6.30 8.84 -22.00
CA ASP D 91 4.91 9.24 -21.77
C ASP D 91 4.05 8.65 -22.87
N MET D 92 2.88 8.07 -22.49
CA MET D 92 2.13 7.25 -23.45
C MET D 92 1.42 8.11 -24.50
N LYS D 93 0.88 9.26 -24.09
CA LYS D 93 0.13 10.04 -25.09
C LYS D 93 1.03 10.84 -26.02
N VAL D 94 2.19 11.27 -25.55
CA VAL D 94 3.20 11.85 -26.45
C VAL D 94 3.61 10.86 -27.50
N LYS D 95 4.20 9.74 -27.07
CA LYS D 95 4.60 8.67 -27.98
C LYS D 95 3.51 8.42 -29.02
N GLN D 96 2.27 8.24 -28.58
CA GLN D 96 1.22 7.82 -29.50
C GLN D 96 0.99 8.87 -30.57
N THR D 97 1.09 10.15 -30.21
CA THR D 97 0.78 11.21 -31.16
C THR D 97 1.95 11.52 -32.09
N THR D 98 3.19 11.55 -31.55
CA THR D 98 4.35 11.72 -32.41
C THR D 98 4.43 10.58 -33.42
N PHE D 99 4.17 9.35 -33.00
CA PHE D 99 4.07 8.28 -33.97
C PHE D 99 2.88 8.48 -34.89
N GLY D 100 1.77 9.01 -34.37
CA GLY D 100 0.60 9.21 -35.19
C GLY D 100 0.80 10.28 -36.24
N GLU D 101 1.37 11.43 -35.83
CA GLU D 101 1.82 12.45 -36.78
C GLU D 101 2.76 11.87 -37.81
N LEU D 102 3.76 11.10 -37.36
CA LEU D 102 4.69 10.40 -38.23
C LEU D 102 4.00 9.45 -39.22
N ASP D 103 2.83 8.90 -38.88
CA ASP D 103 2.20 7.91 -39.73
C ASP D 103 1.81 8.49 -41.08
N LYS D 104 1.38 9.76 -41.12
CA LYS D 104 1.15 10.44 -42.39
C LYS D 104 2.43 11.00 -43.00
N ILE D 105 3.34 11.47 -42.14
CA ILE D 105 4.57 12.10 -42.61
C ILE D 105 5.52 11.09 -43.26
N CYS D 106 5.92 10.05 -42.52
CA CYS D 106 6.90 9.12 -43.09
C CYS D 106 6.32 8.38 -44.30
N LYS D 107 7.20 7.69 -45.01
CA LYS D 107 6.79 7.01 -46.23
C LYS D 107 6.32 5.59 -45.88
N PRO D 108 5.53 4.95 -46.76
CA PRO D 108 4.90 3.65 -46.41
C PRO D 108 5.84 2.55 -45.95
N GLU D 109 7.14 2.69 -46.23
CA GLU D 109 8.10 1.63 -45.95
C GLU D 109 9.04 1.98 -44.81
N CYS D 110 8.85 3.14 -44.20
CA CYS D 110 9.62 3.52 -43.02
C CYS D 110 9.23 2.62 -41.85
N ILE D 111 10.23 2.02 -41.21
CA ILE D 111 9.99 1.22 -40.02
C ILE D 111 9.88 2.14 -38.81
N PHE D 112 8.92 1.84 -37.93
CA PHE D 112 8.74 2.57 -36.68
C PHE D 112 9.30 1.73 -35.52
N ALA D 113 10.34 2.24 -34.88
CA ALA D 113 10.91 1.60 -33.71
C ALA D 113 10.84 2.55 -32.53
N SER D 114 10.72 1.99 -31.34
CA SER D 114 10.81 2.78 -30.12
C SER D 114 11.85 2.16 -29.20
N ASN D 115 12.53 3.03 -28.47
CA ASN D 115 13.56 2.68 -27.49
C ASN D 115 13.01 2.55 -26.07
N THR D 116 11.70 2.74 -25.87
CA THR D 116 11.12 2.70 -24.52
C THR D 116 11.42 1.38 -23.82
N SER D 117 11.70 1.48 -22.52
CA SER D 117 11.86 0.30 -21.68
C SER D 117 10.74 0.16 -20.66
N SER D 118 9.94 1.18 -20.46
CA SER D 118 8.95 1.17 -19.41
C SER D 118 7.50 1.19 -19.91
N LEU D 119 7.28 1.38 -21.21
CA LEU D 119 5.95 1.53 -21.79
C LEU D 119 5.67 0.44 -22.82
N SER D 120 4.39 0.15 -22.99
CA SER D 120 3.98 -0.97 -23.84
C SER D 120 4.15 -0.62 -25.31
N ILE D 121 5.05 -1.33 -25.99
CA ILE D 121 5.24 -1.15 -27.43
C ILE D 121 3.95 -1.44 -28.17
N THR D 122 3.23 -2.49 -27.76
CA THR D 122 1.95 -2.82 -28.35
C THR D 122 1.01 -1.63 -28.26
N GLU D 123 0.93 -1.00 -27.10
CA GLU D 123 -0.01 0.11 -26.91
C GLU D 123 0.40 1.34 -27.71
N ILE D 124 1.71 1.58 -27.87
CA ILE D 124 2.21 2.80 -28.51
C ILE D 124 1.87 2.79 -29.99
N GLY D 125 1.84 1.60 -30.58
CA GLY D 125 1.52 1.48 -31.98
C GLY D 125 0.16 0.87 -32.22
N LYS D 126 -0.79 1.16 -31.34
CA LYS D 126 -2.11 0.54 -31.42
C LYS D 126 -2.89 1.08 -32.61
N GLY D 127 -3.13 2.38 -32.65
CA GLY D 127 -3.85 2.98 -33.73
C GLY D 127 -3.14 2.96 -35.07
N LEU D 128 -1.81 2.93 -35.07
CA LEU D 128 -1.02 3.22 -36.27
C LEU D 128 -1.31 2.21 -37.38
N SER D 129 -0.94 2.60 -38.60
CA SER D 129 -1.31 1.88 -39.82
C SER D 129 -0.20 1.00 -40.36
N ARG D 130 0.92 0.89 -39.63
CA ARG D 130 1.99 -0.04 -39.95
C ARG D 130 2.59 -0.56 -38.65
N PRO D 131 3.32 -1.68 -38.70
CA PRO D 131 3.87 -2.26 -37.48
C PRO D 131 4.72 -1.29 -36.66
N LEU D 132 4.54 -1.40 -35.35
CA LEU D 132 5.42 -0.81 -34.34
C LEU D 132 6.25 -1.92 -33.67
N VAL D 133 7.56 -1.69 -33.61
CA VAL D 133 8.52 -2.61 -33.03
C VAL D 133 9.38 -1.84 -32.03
N GLY D 134 9.92 -2.57 -31.05
CA GLY D 134 10.85 -2.02 -30.07
C GLY D 134 12.28 -2.23 -30.51
N MET D 135 13.07 -1.15 -30.45
CA MET D 135 14.53 -1.20 -30.61
C MET D 135 15.13 -0.53 -29.36
N HIS D 136 15.46 -1.35 -28.36
CA HIS D 136 15.87 -0.84 -27.06
C HIS D 136 17.40 -0.79 -26.98
N PHE D 137 17.93 0.43 -26.85
CA PHE D 137 19.37 0.63 -26.68
C PHE D 137 19.71 0.79 -25.20
N PHE D 138 21.01 0.70 -24.90
CA PHE D 138 21.52 0.82 -23.54
C PHE D 138 22.56 1.94 -23.51
N ASN D 139 22.33 2.91 -22.65
CA ASN D 139 23.20 4.06 -22.60
C ASN D 139 24.59 3.64 -22.10
N PRO D 140 25.67 4.04 -22.78
CA PRO D 140 25.61 4.88 -23.97
C PRO D 140 25.48 4.09 -25.29
N ALA D 141 24.54 4.52 -26.12
CA ALA D 141 24.09 3.74 -27.28
C ALA D 141 25.19 3.46 -28.29
N ASP D 142 26.18 4.35 -28.43
CA ASP D 142 27.20 4.18 -29.46
C ASP D 142 28.24 3.13 -29.12
N ARG D 143 28.49 2.85 -27.83
CA ARG D 143 29.47 1.84 -27.46
C ARG D 143 28.86 0.51 -27.05
N MET D 144 27.69 0.52 -26.40
CA MET D 144 27.06 -0.70 -25.92
C MET D 144 26.56 -1.54 -27.09
N LYS D 145 26.93 -2.83 -27.10
CA LYS D 145 26.68 -3.72 -28.23
C LYS D 145 25.32 -4.40 -28.24
N LEU D 146 24.52 -4.28 -27.19
CA LEU D 146 23.29 -5.06 -27.09
C LEU D 146 22.08 -4.24 -27.54
N ILE D 147 21.23 -4.84 -28.36
CA ILE D 147 19.95 -4.24 -28.72
C ILE D 147 18.87 -5.26 -28.44
N GLU D 148 17.77 -4.82 -27.85
CA GLU D 148 16.65 -5.70 -27.60
C GLU D 148 15.53 -5.37 -28.57
N VAL D 149 15.18 -6.33 -29.42
CA VAL D 149 14.14 -6.15 -30.42
C VAL D 149 12.85 -6.58 -29.74
N ILE D 150 12.02 -5.62 -29.37
CA ILE D 150 10.79 -5.93 -28.67
C ILE D 150 9.71 -6.17 -29.71
N ALA D 151 9.26 -7.41 -29.82
CA ALA D 151 8.09 -7.75 -30.62
C ALA D 151 6.82 -7.48 -29.82
N GLY D 152 5.95 -6.62 -30.34
CA GLY D 152 4.65 -6.41 -29.77
C GLY D 152 3.67 -7.47 -30.22
N CYS D 153 2.45 -7.39 -29.67
CA CYS D 153 1.41 -8.37 -29.97
C CYS D 153 1.22 -8.58 -31.47
N ASN D 154 1.03 -7.48 -32.19
CA ASN D 154 0.76 -7.48 -33.63
C ASN D 154 1.99 -7.04 -34.42
N THR D 155 3.18 -7.18 -33.84
CA THR D 155 4.41 -6.84 -34.57
C THR D 155 4.84 -8.05 -35.41
N PRO D 156 4.88 -7.93 -36.74
CA PRO D 156 5.16 -9.10 -37.58
C PRO D 156 6.62 -9.56 -37.50
N ALA D 157 6.83 -10.86 -37.76
CA ALA D 157 8.17 -11.43 -37.70
C ALA D 157 9.12 -10.76 -38.69
N GLU D 158 8.63 -10.45 -39.91
CA GLU D 158 9.45 -9.74 -40.89
C GLU D 158 9.98 -8.43 -40.33
N THR D 159 9.16 -7.71 -39.56
CA THR D 159 9.63 -6.46 -38.96
C THR D 159 10.67 -6.73 -37.87
N VAL D 160 10.61 -7.90 -37.24
CA VAL D 160 11.63 -8.20 -36.24
C VAL D 160 12.98 -8.46 -36.92
N GLU D 161 12.96 -9.13 -38.08
CA GLU D 161 14.23 -9.49 -38.73
C GLU D 161 14.94 -8.27 -39.31
N LYS D 162 14.19 -7.34 -39.91
CA LYS D 162 14.80 -6.14 -40.44
C LYS D 162 15.38 -5.28 -39.32
N ILE D 163 14.69 -5.23 -38.17
CA ILE D 163 15.31 -4.61 -37.01
C ILE D 163 16.56 -5.38 -36.62
N LYS D 164 16.51 -6.72 -36.61
CA LYS D 164 17.70 -7.51 -36.31
C LYS D 164 18.82 -7.31 -37.34
N GLU D 165 18.46 -7.18 -38.63
CA GLU D 165 19.49 -7.01 -39.65
C GLU D 165 20.19 -5.66 -39.51
N ILE D 166 19.39 -4.58 -39.39
CA ILE D 166 19.94 -3.25 -39.17
C ILE D 166 20.88 -3.24 -37.98
N SER D 167 20.50 -3.91 -36.89
CA SER D 167 21.34 -3.96 -35.70
C SER D 167 22.72 -4.53 -36.01
N VAL D 168 22.75 -5.72 -36.64
CA VAL D 168 24.02 -6.29 -37.06
C VAL D 168 24.75 -5.31 -37.98
N ALA D 169 23.99 -4.53 -38.77
CA ALA D 169 24.60 -3.59 -39.71
C ALA D 169 25.29 -2.41 -39.03
N ILE D 170 24.93 -2.10 -37.79
CA ILE D 170 25.59 -0.99 -37.07
C ILE D 170 26.42 -1.56 -35.93
N GLY D 171 26.72 -2.85 -35.96
CA GLY D 171 27.66 -3.39 -35.00
C GLY D 171 27.10 -3.78 -33.66
N LYS D 172 25.83 -4.14 -33.59
CA LYS D 172 25.21 -4.58 -32.35
C LYS D 172 24.84 -6.05 -32.44
N ASN D 173 24.70 -6.68 -31.27
CA ASN D 173 24.16 -8.03 -31.17
C ASN D 173 22.71 -7.95 -30.71
N PRO D 174 21.74 -8.32 -31.55
CA PRO D 174 20.33 -8.20 -31.17
C PRO D 174 19.81 -9.46 -30.47
N VAL D 175 18.94 -9.24 -29.48
CA VAL D 175 18.30 -10.31 -28.73
C VAL D 175 16.79 -10.10 -28.84
N GLN D 176 16.07 -11.13 -29.30
CA GLN D 176 14.65 -10.95 -29.53
C GLN D 176 13.87 -11.12 -28.23
N VAL D 177 13.05 -10.13 -27.92
CA VAL D 177 12.17 -10.19 -26.76
C VAL D 177 10.74 -10.07 -27.24
N ASN D 178 9.90 -11.02 -26.85
CA ASN D 178 8.47 -10.82 -26.98
C ASN D 178 8.01 -10.01 -25.77
N GLU D 179 7.28 -8.93 -26.04
CA GLU D 179 7.04 -7.90 -25.04
C GLU D 179 6.64 -8.46 -23.69
N ALA D 180 7.35 -8.02 -22.65
CA ALA D 180 7.09 -8.31 -21.24
C ALA D 180 7.92 -7.33 -20.41
N ALA D 181 7.35 -6.89 -19.30
CA ALA D 181 7.92 -5.79 -18.51
C ALA D 181 9.36 -6.06 -18.11
N GLY D 182 10.21 -5.04 -18.31
CA GLY D 182 11.63 -5.16 -18.01
C GLY D 182 12.38 -5.94 -19.06
N PHE D 183 11.68 -6.37 -20.12
CA PHE D 183 12.23 -7.20 -21.19
C PHE D 183 13.07 -8.33 -20.57
N VAL D 184 14.39 -8.22 -20.68
CA VAL D 184 15.32 -9.22 -20.18
C VAL D 184 16.34 -8.63 -19.22
N VAL D 185 16.98 -7.52 -19.62
CA VAL D 185 18.08 -6.97 -18.81
C VAL D 185 17.55 -6.27 -17.56
N ASN D 186 16.60 -5.36 -17.71
CA ASN D 186 16.05 -4.67 -16.55
C ASN D 186 15.37 -5.65 -15.60
N ARG D 187 14.66 -6.64 -16.15
CA ARG D 187 13.93 -7.60 -15.31
C ARG D 187 14.85 -8.39 -14.42
N ILE D 188 16.07 -8.66 -14.89
CA ILE D 188 17.05 -9.39 -14.10
C ILE D 188 17.92 -8.44 -13.28
N LEU D 189 18.32 -7.32 -13.88
CA LEU D 189 19.36 -6.53 -13.24
C LEU D 189 18.79 -5.69 -12.09
N ILE D 190 17.59 -5.16 -12.23
CA ILE D 190 17.09 -4.18 -11.27
C ILE D 190 16.63 -4.85 -9.98
N PRO D 191 15.90 -5.98 -10.00
CA PRO D 191 15.65 -6.70 -8.72
C PRO D 191 16.92 -7.13 -7.98
N MET D 192 18.06 -7.30 -8.68
CA MET D 192 19.33 -7.45 -7.98
C MET D 192 19.60 -6.28 -7.05
N ILE D 193 19.58 -5.06 -7.62
CA ILE D 193 19.86 -3.86 -6.82
C ILE D 193 18.81 -3.68 -5.74
N ASN D 194 17.57 -4.08 -6.05
CA ASN D 194 16.49 -4.02 -5.08
C ASN D 194 16.76 -4.97 -3.92
N GLU D 195 17.25 -6.16 -4.24
CA GLU D 195 17.62 -7.13 -3.20
C GLU D 195 18.74 -6.58 -2.34
N ALA D 196 19.71 -5.90 -2.98
CA ALA D 196 20.84 -5.36 -2.24
C ALA D 196 20.39 -4.30 -1.25
N ALA D 197 19.35 -3.53 -1.60
CA ALA D 197 18.87 -2.52 -0.66
C ALA D 197 18.18 -3.18 0.53
N PHE D 198 17.50 -4.32 0.31
CA PHE D 198 16.85 -5.04 1.40
C PHE D 198 17.86 -5.59 2.40
N ILE D 199 18.93 -6.22 1.89
CA ILE D 199 20.04 -6.68 2.71
C ILE D 199 20.51 -5.57 3.65
N LYS D 200 20.74 -4.37 3.09
CA LYS D 200 21.18 -3.26 3.91
C LYS D 200 20.08 -2.83 4.89
N MET D 201 18.84 -2.71 4.43
CA MET D 201 17.73 -2.25 5.26
C MET D 201 17.45 -3.22 6.42
N GLU D 202 17.76 -4.50 6.24
CA GLU D 202 17.46 -5.53 7.23
C GLU D 202 18.65 -5.82 8.14
N GLY D 203 19.70 -5.00 8.09
CA GLY D 203 20.86 -5.18 8.91
C GLY D 203 21.75 -6.35 8.53
N VAL D 204 21.49 -6.98 7.38
CA VAL D 204 22.28 -8.15 6.99
C VAL D 204 23.76 -7.79 6.82
N SER D 205 24.06 -6.67 6.17
CA SER D 205 25.44 -6.21 6.08
C SER D 205 25.48 -4.77 5.57
N ASP D 206 26.68 -4.19 5.59
CA ASP D 206 26.90 -2.79 5.28
C ASP D 206 26.94 -2.56 3.74
N ILE D 207 26.84 -1.28 3.34
CA ILE D 207 26.78 -0.91 1.92
C ILE D 207 28.03 -1.34 1.17
N ALA D 208 29.22 -1.12 1.75
CA ALA D 208 30.44 -1.52 1.05
C ALA D 208 30.58 -3.04 0.99
N GLY D 209 30.34 -3.74 2.10
CA GLY D 209 30.57 -5.19 2.13
C GLY D 209 29.68 -5.97 1.18
N ILE D 210 28.44 -5.52 0.99
CA ILE D 210 27.56 -6.07 -0.04
C ILE D 210 28.18 -5.87 -1.43
N ASP D 211 28.65 -4.65 -1.73
CA ASP D 211 29.17 -4.41 -3.07
C ASP D 211 30.48 -5.18 -3.31
N THR D 212 31.32 -5.30 -2.28
CA THR D 212 32.55 -6.06 -2.48
C THR D 212 32.28 -7.56 -2.46
N ALA D 213 31.16 -7.98 -1.85
CA ALA D 213 30.82 -9.40 -1.87
C ALA D 213 30.24 -9.81 -3.21
N MET D 214 29.51 -8.90 -3.86
CA MET D 214 28.97 -9.24 -5.18
C MET D 214 30.02 -9.15 -6.28
N LYS D 215 31.03 -8.30 -6.16
CA LYS D 215 32.09 -8.31 -7.17
C LYS D 215 33.16 -9.34 -6.88
N LEU D 216 33.38 -9.70 -5.61
CA LEU D 216 34.36 -10.74 -5.32
C LEU D 216 33.73 -12.12 -5.33
N GLY D 217 32.40 -12.21 -5.24
CA GLY D 217 31.75 -13.51 -5.23
C GLY D 217 31.19 -13.90 -6.57
N ALA D 218 30.55 -12.98 -7.28
CA ALA D 218 30.03 -13.28 -8.59
C ALA D 218 30.94 -12.78 -9.72
N ASN D 219 32.15 -12.30 -9.39
CA ASN D 219 33.05 -11.64 -10.35
C ASN D 219 32.29 -10.60 -11.17
N HIS D 220 31.49 -9.80 -10.48
CA HIS D 220 30.74 -8.77 -11.18
C HIS D 220 31.57 -7.49 -11.27
N PRO D 221 31.45 -6.72 -12.35
CA PRO D 221 32.26 -5.50 -12.47
C PRO D 221 31.98 -4.51 -11.36
N MET D 222 30.71 -4.17 -11.09
CA MET D 222 30.38 -3.25 -10.01
C MET D 222 29.43 -3.93 -9.04
N GLY D 223 29.39 -3.43 -7.81
CA GLY D 223 28.41 -3.88 -6.84
C GLY D 223 27.02 -3.36 -7.14
N PRO D 224 26.00 -4.10 -6.71
CA PRO D 224 24.62 -3.67 -7.03
C PRO D 224 24.26 -2.31 -6.47
N LEU D 225 24.79 -1.94 -5.30
CA LEU D 225 24.52 -0.61 -4.76
C LEU D 225 25.27 0.46 -5.55
N GLU D 226 26.58 0.25 -5.76
CA GLU D 226 27.40 1.02 -6.70
C GLU D 226 26.67 1.26 -8.01
N LEU D 227 26.20 0.16 -8.60
CA LEU D 227 25.54 0.20 -9.90
C LEU D 227 24.27 1.03 -9.84
N GLY D 228 23.51 0.92 -8.75
CA GLY D 228 22.28 1.69 -8.65
C GLY D 228 22.55 3.18 -8.62
N ASP D 229 23.58 3.58 -7.88
CA ASP D 229 24.03 4.97 -7.88
C ASP D 229 24.35 5.43 -9.29
N PHE D 230 24.97 4.56 -10.10
CA PHE D 230 25.35 4.86 -11.46
C PHE D 230 24.14 4.98 -12.38
N ILE D 231 23.25 4.00 -12.36
CA ILE D 231 22.04 4.07 -13.17
C ILE D 231 21.18 5.25 -12.76
N GLY D 232 21.18 5.61 -11.46
CA GLY D 232 20.20 6.55 -10.91
C GLY D 232 19.10 5.83 -10.15
N LEU D 233 19.07 5.97 -8.83
CA LEU D 233 18.09 5.24 -8.02
C LEU D 233 16.65 5.62 -8.38
N ASP D 234 16.43 6.82 -8.92
CA ASP D 234 15.10 7.16 -9.43
C ASP D 234 14.71 6.25 -10.58
N ILE D 235 15.70 5.81 -11.37
CA ILE D 235 15.44 4.90 -12.48
C ILE D 235 15.11 3.51 -11.97
N CYS D 236 15.98 2.96 -11.11
CA CYS D 236 15.75 1.65 -10.47
C CYS D 236 14.40 1.57 -9.77
N LEU D 237 14.00 2.63 -9.08
CA LEU D 237 12.69 2.65 -8.44
C LEU D 237 11.57 2.64 -9.48
N ALA D 238 11.77 3.32 -10.61
CA ALA D 238 10.71 3.36 -11.63
C ALA D 238 10.52 2.01 -12.30
N ILE D 239 11.61 1.26 -12.53
CA ILE D 239 11.49 -0.08 -13.11
C ILE D 239 10.76 -1.01 -12.14
N MET D 240 11.14 -0.99 -10.86
CA MET D 240 10.48 -1.83 -9.88
C MET D 240 8.98 -1.56 -9.86
N ASP D 241 8.60 -0.28 -9.85
CA ASP D 241 7.18 0.04 -9.74
C ASP D 241 6.44 -0.33 -11.02
N VAL D 242 7.14 -0.36 -12.15
CA VAL D 242 6.55 -0.89 -13.37
C VAL D 242 6.46 -2.39 -13.29
N LEU D 243 7.55 -3.07 -12.91
CA LEU D 243 7.47 -4.50 -12.73
C LEU D 243 6.29 -4.85 -11.82
N TYR D 244 6.16 -4.11 -10.72
CA TYR D 244 5.14 -4.46 -9.72
C TYR D 244 3.74 -4.27 -10.29
N HIS D 245 3.52 -3.21 -11.07
CA HIS D 245 2.17 -2.93 -11.56
C HIS D 245 1.79 -3.80 -12.74
N GLU D 246 2.73 -4.02 -13.67
CA GLU D 246 2.45 -4.91 -14.80
C GLU D 246 2.11 -6.32 -14.31
N THR D 247 2.84 -6.82 -13.31
CA THR D 247 2.71 -8.22 -12.91
C THR D 247 1.68 -8.41 -11.82
N GLY D 248 1.48 -7.43 -10.95
CA GLY D 248 0.65 -7.67 -9.78
C GLY D 248 1.31 -8.53 -8.75
N ASP D 249 2.62 -8.77 -8.89
CA ASP D 249 3.37 -9.69 -8.04
C ASP D 249 4.20 -8.89 -7.04
N SER D 250 3.93 -9.08 -5.75
CA SER D 250 4.75 -8.44 -4.72
C SER D 250 6.21 -8.87 -4.77
N LYS D 251 6.54 -9.88 -5.58
CA LYS D 251 7.93 -10.25 -5.81
C LYS D 251 8.75 -9.09 -6.31
N TYR D 252 8.09 -8.13 -6.96
CA TYR D 252 8.77 -6.96 -7.51
C TYR D 252 8.46 -5.71 -6.69
N ARG D 253 8.12 -5.85 -5.40
CA ARG D 253 7.92 -4.69 -4.55
C ARG D 253 9.27 -4.04 -4.20
N ALA D 254 9.34 -2.73 -4.39
CA ALA D 254 10.56 -1.96 -4.23
C ALA D 254 10.94 -1.82 -2.77
N CYS D 255 12.22 -2.01 -2.48
CA CYS D 255 12.73 -1.72 -1.15
C CYS D 255 12.28 -0.33 -0.72
N PRO D 256 11.57 -0.20 0.40
CA PRO D 256 11.21 1.13 0.91
C PRO D 256 12.41 2.02 1.15
N LEU D 257 13.60 1.45 1.36
CA LEU D 257 14.80 2.25 1.49
C LEU D 257 15.15 2.96 0.18
N ILE D 258 14.73 2.42 -0.97
CA ILE D 258 14.99 3.10 -2.23
C ILE D 258 14.01 4.26 -2.42
N ARG D 259 12.74 4.09 -2.05
CA ARG D 259 11.78 5.20 -2.19
C ARG D 259 12.14 6.35 -1.25
N LYS D 260 12.72 6.05 -0.09
CA LYS D 260 13.04 7.11 0.87
C LYS D 260 14.17 7.96 0.32
N MET D 261 15.21 7.32 -0.23
CA MET D 261 16.34 8.04 -0.79
C MET D 261 15.93 8.88 -1.99
N VAL D 262 15.08 8.32 -2.86
CA VAL D 262 14.65 9.04 -4.04
C VAL D 262 13.79 10.24 -3.65
N ARG D 263 12.86 10.07 -2.71
CA ARG D 263 12.06 11.22 -2.27
C ARG D 263 12.96 12.32 -1.70
N GLY D 264 14.17 11.98 -1.27
CA GLY D 264 15.08 12.96 -0.72
C GLY D 264 16.11 13.50 -1.67
N GLY D 265 16.04 13.13 -2.95
CA GLY D 265 17.01 13.57 -3.93
C GLY D 265 18.38 12.92 -3.85
N ASN D 266 18.54 11.84 -3.08
CA ASN D 266 19.79 11.07 -3.07
C ASN D 266 19.70 10.00 -4.16
N LEU D 267 19.98 10.40 -5.41
CA LEU D 267 19.82 9.55 -6.58
C LEU D 267 21.08 8.79 -6.97
N GLY D 268 22.22 9.11 -6.37
CA GLY D 268 23.49 8.51 -6.75
C GLY D 268 24.50 9.48 -7.36
N CYS D 269 25.18 9.04 -8.41
CA CYS D 269 26.26 9.81 -9.03
C CYS D 269 25.80 11.16 -9.56
N LYS D 270 24.55 11.26 -10.01
CA LYS D 270 24.07 12.48 -10.62
C LYS D 270 23.58 13.50 -9.61
N THR D 271 23.65 13.23 -8.30
CA THR D 271 23.28 14.20 -7.28
C THR D 271 24.38 14.33 -6.22
N GLY D 272 25.48 13.59 -6.36
CA GLY D 272 26.55 13.57 -5.39
C GLY D 272 26.35 12.64 -4.19
N LYS D 273 25.14 12.12 -3.97
CA LYS D 273 24.88 11.24 -2.84
C LYS D 273 23.82 10.21 -3.22
N GLY D 274 24.09 8.97 -2.84
CA GLY D 274 23.12 7.90 -2.95
C GLY D 274 23.42 6.89 -1.86
N PHE D 275 23.77 5.66 -2.25
CA PHE D 275 24.33 4.73 -1.29
C PHE D 275 25.73 5.16 -0.88
N TYR D 276 26.37 5.99 -1.70
CA TYR D 276 27.66 6.58 -1.43
C TYR D 276 27.60 8.08 -1.66
N VAL D 277 28.30 8.82 -0.81
CA VAL D 277 28.48 10.25 -0.99
C VAL D 277 29.70 10.46 -1.88
N TYR D 278 29.49 11.11 -3.03
CA TYR D 278 30.53 11.28 -4.05
C TYR D 278 31.22 12.60 -3.80
N ASN D 279 32.50 12.51 -3.43
CA ASN D 279 33.27 13.68 -3.05
C ASN D 279 33.78 14.41 -4.30
N ALA D 280 33.69 15.75 -4.27
CA ALA D 280 34.12 16.55 -5.41
C ALA D 280 35.58 16.29 -5.77
N ASP D 281 36.34 15.69 -4.85
CA ASP D 281 37.71 15.25 -5.09
C ASP D 281 37.79 13.80 -5.55
N ARG D 282 36.81 13.33 -6.32
CA ARG D 282 36.86 12.13 -7.15
C ARG D 282 36.74 10.81 -6.38
N THR D 283 36.53 10.83 -5.07
CA THR D 283 36.40 9.54 -4.38
C THR D 283 34.96 9.33 -3.93
N LYS D 284 34.76 8.23 -3.21
CA LYS D 284 33.42 7.69 -2.97
C LYS D 284 33.38 7.03 -1.60
N THR D 285 32.50 7.52 -0.72
CA THR D 285 32.36 7.00 0.65
C THR D 285 30.97 6.46 0.89
N PRO D 286 30.84 5.25 1.42
CA PRO D 286 29.51 4.71 1.77
C PRO D 286 28.85 5.51 2.89
N VAL D 287 27.54 5.70 2.79
CA VAL D 287 26.79 6.49 3.75
C VAL D 287 26.64 5.70 5.05
N ASP D 288 27.19 4.48 5.05
CA ASP D 288 27.32 3.68 6.26
C ASP D 288 28.25 4.34 7.27
N GLN D 289 29.19 5.16 6.79
CA GLN D 289 30.17 5.81 7.65
C GLN D 289 30.38 7.28 7.28
N MET E 1 -45.71 -2.05 -12.99
CA MET E 1 -44.96 -0.89 -12.50
C MET E 1 -44.29 -0.12 -13.66
N LYS E 2 -43.98 1.15 -13.44
CA LYS E 2 -43.19 1.91 -14.40
C LYS E 2 -41.71 1.88 -14.01
N ILE E 3 -40.85 1.62 -14.98
CA ILE E 3 -39.42 1.42 -14.76
C ILE E 3 -38.63 2.40 -15.62
N GLY E 4 -37.62 3.03 -15.05
CA GLY E 4 -36.68 3.85 -15.80
C GLY E 4 -35.33 3.19 -15.94
N VAL E 5 -34.91 2.95 -17.18
CA VAL E 5 -33.63 2.32 -17.47
C VAL E 5 -32.69 3.40 -18.00
N ILE E 6 -31.60 3.64 -17.28
CA ILE E 6 -30.68 4.72 -17.61
C ILE E 6 -29.54 4.13 -18.45
N GLY E 7 -29.38 4.66 -19.66
CA GLY E 7 -28.47 4.05 -20.61
C GLY E 7 -29.19 3.22 -21.64
N ALA E 8 -28.79 3.37 -22.90
CA ALA E 8 -29.48 2.77 -24.04
C ALA E 8 -28.57 1.85 -24.85
N GLY E 9 -27.42 1.49 -24.28
CA GLY E 9 -26.48 0.57 -24.90
C GLY E 9 -27.01 -0.83 -24.95
N THR E 10 -26.09 -1.80 -25.05
CA THR E 10 -26.50 -3.20 -25.17
C THR E 10 -27.31 -3.64 -23.95
N MET E 11 -26.91 -3.22 -22.74
CA MET E 11 -27.57 -3.68 -21.52
C MET E 11 -28.91 -2.97 -21.29
N GLY E 12 -28.91 -1.63 -21.27
CA GLY E 12 -30.16 -0.91 -21.12
C GLY E 12 -31.24 -1.38 -22.07
N GLN E 13 -30.87 -1.62 -23.33
CA GLN E 13 -31.81 -2.21 -24.27
C GLN E 13 -32.32 -3.55 -23.74
N GLY E 14 -31.38 -4.42 -23.33
CA GLY E 14 -31.77 -5.73 -22.86
C GLY E 14 -32.60 -5.68 -21.59
N ILE E 15 -32.32 -4.73 -20.71
CA ILE E 15 -33.07 -4.66 -19.47
C ILE E 15 -34.49 -4.17 -19.73
N ALA E 16 -34.65 -3.23 -20.67
CA ALA E 16 -35.98 -2.71 -20.99
C ALA E 16 -36.87 -3.81 -21.55
N LYS E 17 -36.32 -4.65 -22.42
CA LYS E 17 -37.11 -5.75 -22.97
C LYS E 17 -37.47 -6.75 -21.89
N ALA E 18 -36.55 -6.96 -20.93
CA ALA E 18 -36.81 -7.85 -19.81
C ALA E 18 -38.03 -7.41 -19.01
N PHE E 19 -38.22 -6.10 -18.86
CA PHE E 19 -39.38 -5.59 -18.15
C PHE E 19 -40.61 -5.49 -19.06
N ALA E 20 -40.44 -5.05 -20.31
CA ALA E 20 -41.58 -4.84 -21.20
C ALA E 20 -42.18 -6.16 -21.72
N GLN E 21 -41.44 -7.26 -21.62
CA GLN E 21 -41.98 -8.57 -21.97
C GLN E 21 -43.14 -9.01 -21.07
N VAL E 22 -43.40 -8.29 -19.97
CA VAL E 22 -44.27 -8.79 -18.90
C VAL E 22 -45.73 -8.40 -19.11
N GLU E 23 -46.11 -7.22 -18.63
CA GLU E 23 -47.54 -6.89 -18.52
C GLU E 23 -47.72 -5.41 -18.20
N GLY E 24 -48.28 -5.12 -17.03
CA GLY E 24 -48.54 -3.75 -16.63
C GLY E 24 -47.27 -2.92 -16.45
N ASN E 25 -46.16 -3.44 -16.95
CA ASN E 25 -44.87 -2.75 -16.86
C ASN E 25 -44.70 -1.85 -18.06
N THR E 26 -44.19 -0.65 -17.84
CA THR E 26 -43.77 0.23 -18.92
C THR E 26 -42.38 0.77 -18.60
N VAL E 27 -41.59 1.01 -19.63
CA VAL E 27 -40.18 1.35 -19.47
C VAL E 27 -39.93 2.75 -20.01
N ALA E 28 -39.01 3.46 -19.37
CA ALA E 28 -38.51 4.74 -19.85
C ALA E 28 -37.04 4.55 -20.21
N LEU E 29 -36.76 4.46 -21.52
CA LEU E 29 -35.41 4.22 -22.01
C LEU E 29 -34.71 5.57 -22.20
N CYS E 30 -33.90 5.93 -21.22
CA CYS E 30 -33.22 7.22 -21.19
C CYS E 30 -31.72 7.05 -21.42
N ASP E 31 -31.10 8.15 -21.80
CA ASP E 31 -29.66 8.26 -22.01
C ASP E 31 -29.38 9.76 -22.04
N ILE E 32 -28.24 10.15 -22.62
CA ILE E 32 -27.80 11.55 -22.55
C ILE E 32 -28.62 12.45 -23.45
N LYS E 33 -28.79 12.07 -24.71
CA LYS E 33 -29.64 12.79 -25.63
C LYS E 33 -30.75 11.89 -26.13
N GLN E 34 -31.87 12.52 -26.54
CA GLN E 34 -33.02 11.75 -27.01
C GLN E 34 -32.67 10.93 -28.25
N GLU E 35 -31.89 11.51 -29.17
CA GLU E 35 -31.36 10.74 -30.30
C GLU E 35 -30.70 9.47 -29.82
N TRP E 36 -30.05 9.51 -28.64
CA TRP E 36 -29.34 8.35 -28.16
C TRP E 36 -30.29 7.36 -27.50
N ALA E 37 -31.41 7.85 -26.95
CA ALA E 37 -32.43 6.95 -26.44
C ALA E 37 -33.08 6.16 -27.56
N GLU E 38 -33.84 6.83 -28.43
CA GLU E 38 -34.58 6.16 -29.49
C GLU E 38 -33.67 5.40 -30.46
N ASN E 39 -32.37 5.70 -30.50
CA ASN E 39 -31.40 4.83 -31.15
C ASN E 39 -31.51 3.39 -30.65
N GLY E 40 -31.39 3.21 -29.32
CA GLY E 40 -31.54 1.89 -28.73
C GLY E 40 -32.95 1.35 -28.84
N LEU E 41 -33.95 2.24 -28.84
CA LEU E 41 -35.31 1.80 -29.12
C LEU E 41 -35.42 1.30 -30.56
N ALA E 42 -34.71 1.94 -31.49
CA ALA E 42 -34.71 1.47 -32.87
C ALA E 42 -34.17 0.04 -32.97
N LYS E 43 -32.99 -0.20 -32.39
CA LYS E 43 -32.43 -1.56 -32.36
C LYS E 43 -33.41 -2.56 -31.75
N ILE E 44 -34.14 -2.17 -30.71
CA ILE E 44 -35.04 -3.11 -30.04
C ILE E 44 -36.16 -3.55 -30.99
N LYS E 45 -36.82 -2.60 -31.67
CA LYS E 45 -37.88 -2.95 -32.61
C LYS E 45 -37.35 -3.84 -33.73
N LYS E 46 -36.21 -3.48 -34.31
CA LYS E 46 -35.65 -4.29 -35.39
C LYS E 46 -35.32 -5.70 -34.91
N GLY E 47 -34.85 -5.81 -33.67
CA GLY E 47 -34.63 -7.13 -33.09
C GLY E 47 -35.92 -7.91 -32.97
N TYR E 48 -37.01 -7.24 -32.53
CA TYR E 48 -38.31 -7.89 -32.46
C TYR E 48 -38.87 -8.21 -33.85
N GLU E 49 -38.59 -7.38 -34.87
CA GLU E 49 -39.02 -7.72 -36.22
C GLU E 49 -38.28 -8.94 -36.75
N LYS E 50 -37.01 -9.11 -36.37
CA LYS E 50 -36.32 -10.36 -36.67
C LYS E 50 -36.94 -11.53 -35.94
N LEU E 51 -37.36 -11.32 -34.69
CA LEU E 51 -38.05 -12.38 -33.97
C LEU E 51 -39.41 -12.69 -34.59
N VAL E 52 -40.07 -11.69 -35.18
CA VAL E 52 -41.39 -11.90 -35.80
C VAL E 52 -41.27 -12.83 -36.98
N ALA E 53 -40.22 -12.67 -37.79
CA ALA E 53 -39.72 -13.74 -38.64
C ALA E 53 -39.55 -15.05 -37.86
N LYS E 54 -38.73 -15.99 -38.33
CA LYS E 54 -38.46 -17.20 -37.56
C LYS E 54 -39.70 -17.99 -37.16
N GLY E 55 -40.76 -17.32 -36.71
CA GLY E 55 -41.89 -17.99 -36.09
C GLY E 55 -41.82 -17.97 -34.57
N LYS E 56 -41.19 -16.94 -34.00
CA LYS E 56 -40.82 -16.97 -32.59
C LYS E 56 -41.59 -15.99 -31.74
N ILE E 57 -42.14 -14.94 -32.33
CA ILE E 57 -43.06 -14.04 -31.63
C ILE E 57 -43.99 -13.42 -32.67
N PRO E 58 -45.30 -13.40 -32.45
CA PRO E 58 -46.19 -12.74 -33.39
C PRO E 58 -46.00 -11.23 -33.36
N GLN E 59 -46.33 -10.62 -34.50
CA GLN E 59 -46.17 -9.17 -34.66
C GLN E 59 -47.16 -8.39 -33.78
N GLU E 60 -48.24 -9.03 -33.32
CA GLU E 60 -49.10 -8.39 -32.32
C GLU E 60 -48.35 -8.11 -31.03
N LYS E 61 -47.73 -9.13 -30.44
CA LYS E 61 -46.96 -8.98 -29.21
C LYS E 61 -45.71 -8.15 -29.40
N ALA E 62 -44.98 -8.37 -30.50
CA ALA E 62 -43.78 -7.59 -30.78
C ALA E 62 -44.07 -6.10 -30.74
N ASP E 63 -45.25 -5.71 -31.21
CA ASP E 63 -45.67 -4.30 -31.14
C ASP E 63 -46.06 -3.91 -29.73
N ALA E 64 -46.69 -4.83 -29.00
CA ALA E 64 -47.15 -4.56 -27.64
C ALA E 64 -45.96 -4.31 -26.70
N ILE E 65 -44.90 -5.12 -26.83
CA ILE E 65 -43.70 -4.92 -26.03
C ILE E 65 -43.09 -3.54 -26.30
N VAL E 66 -43.08 -3.12 -27.57
CA VAL E 66 -42.38 -1.89 -27.94
C VAL E 66 -43.21 -0.67 -27.62
N ALA E 67 -44.53 -0.83 -27.51
CA ALA E 67 -45.38 0.28 -27.12
C ALA E 67 -45.27 0.57 -25.63
N ALA E 68 -44.73 -0.36 -24.84
CA ALA E 68 -44.44 -0.07 -23.44
C ALA E 68 -43.19 0.80 -23.26
N ILE E 69 -42.16 0.60 -24.06
CA ILE E 69 -40.91 1.35 -23.93
C ILE E 69 -41.07 2.69 -24.63
N THR E 70 -40.91 3.76 -23.88
CA THR E 70 -40.92 5.14 -24.37
C THR E 70 -39.49 5.66 -24.43
N PRO E 71 -39.02 6.17 -25.58
CA PRO E 71 -37.69 6.79 -25.61
C PRO E 71 -37.75 8.18 -25.00
N GLY E 72 -36.60 8.86 -24.92
CA GLY E 72 -36.47 10.12 -24.23
C GLY E 72 -35.38 10.05 -23.20
N LEU E 73 -35.29 11.09 -22.38
CA LEU E 73 -34.31 11.13 -21.30
C LEU E 73 -35.02 11.24 -19.95
N LYS E 74 -34.28 11.04 -18.86
CA LYS E 74 -34.79 11.36 -17.53
C LYS E 74 -35.23 12.83 -17.50
N GLU E 75 -35.64 13.32 -16.32
CA GLU E 75 -36.20 14.68 -16.20
C GLU E 75 -37.60 14.78 -16.81
N ASN E 76 -37.78 14.32 -18.06
CA ASN E 76 -39.08 14.23 -18.69
C ASN E 76 -39.83 12.93 -18.38
N LEU E 77 -39.12 11.85 -18.07
CA LEU E 77 -39.71 10.51 -18.09
C LEU E 77 -39.69 9.75 -16.76
N CYS E 78 -38.82 10.08 -15.81
CA CYS E 78 -38.57 9.21 -14.66
C CYS E 78 -39.15 9.76 -13.35
N ALA E 79 -40.23 10.54 -13.40
CA ALA E 79 -40.70 11.17 -12.15
C ALA E 79 -41.71 10.30 -11.42
N ASP E 80 -42.59 9.60 -12.13
CA ASP E 80 -43.47 8.63 -11.51
C ASP E 80 -42.92 7.20 -11.63
N CYS E 81 -41.69 7.06 -12.11
CA CYS E 81 -41.05 5.75 -12.16
C CYS E 81 -41.00 5.12 -10.77
N ASP E 82 -41.30 3.83 -10.73
CA ASP E 82 -41.25 3.12 -9.46
C ASP E 82 -39.89 2.50 -9.21
N LEU E 83 -39.20 2.09 -10.27
CA LEU E 83 -37.88 1.47 -10.18
C LEU E 83 -37.00 2.13 -11.21
N ILE E 84 -35.77 2.42 -10.81
CA ILE E 84 -34.74 2.89 -11.71
C ILE E 84 -33.64 1.86 -11.75
N VAL E 85 -33.41 1.29 -12.92
CA VAL E 85 -32.28 0.38 -13.14
C VAL E 85 -31.32 1.18 -14.01
N GLU E 86 -30.10 1.35 -13.53
CA GLU E 86 -29.12 2.12 -14.30
C GLU E 86 -28.11 1.19 -14.94
N ALA E 87 -27.58 1.61 -16.08
CA ALA E 87 -26.79 0.76 -16.96
C ALA E 87 -25.89 1.64 -17.82
N ALA E 88 -25.47 2.77 -17.28
CA ALA E 88 -24.68 3.76 -18.00
C ALA E 88 -23.18 3.48 -17.84
N PHE E 89 -22.36 4.51 -18.08
CA PHE E 89 -20.92 4.38 -18.20
C PHE E 89 -20.29 3.93 -16.88
N GLU E 90 -19.50 2.84 -16.96
CA GLU E 90 -18.90 2.22 -15.78
C GLU E 90 -17.86 3.17 -15.16
N ASP E 91 -18.37 4.28 -14.62
CA ASP E 91 -17.53 5.35 -14.10
C ASP E 91 -18.20 5.94 -12.88
N MET E 92 -17.43 6.16 -11.81
CA MET E 92 -18.01 6.32 -10.48
C MET E 92 -18.75 7.65 -10.35
N LYS E 93 -18.06 8.76 -10.61
CA LYS E 93 -18.71 10.05 -10.36
C LYS E 93 -19.73 10.41 -11.43
N VAL E 94 -19.78 9.69 -12.56
CA VAL E 94 -20.99 9.79 -13.39
C VAL E 94 -22.18 9.19 -12.66
N LYS E 95 -22.10 7.90 -12.30
CA LYS E 95 -23.21 7.26 -11.62
C LYS E 95 -23.60 8.01 -10.36
N GLN E 96 -22.62 8.63 -9.70
CA GLN E 96 -22.94 9.40 -8.51
C GLN E 96 -23.71 10.67 -8.86
N THR E 97 -23.29 11.39 -9.91
CA THR E 97 -24.04 12.57 -10.36
C THR E 97 -25.37 12.19 -10.98
N THR E 98 -25.39 11.11 -11.78
CA THR E 98 -26.65 10.65 -12.37
C THR E 98 -27.67 10.30 -11.30
N PHE E 99 -27.26 9.52 -10.29
CA PHE E 99 -28.19 9.24 -9.21
C PHE E 99 -28.48 10.51 -8.41
N GLY E 100 -27.51 11.42 -8.31
CA GLY E 100 -27.75 12.64 -7.55
C GLY E 100 -28.81 13.52 -8.20
N GLU E 101 -28.84 13.55 -9.54
CA GLU E 101 -29.90 14.25 -10.25
C GLU E 101 -31.24 13.56 -10.06
N LEU E 102 -31.30 12.23 -10.28
CA LEU E 102 -32.51 11.45 -10.03
C LEU E 102 -32.98 11.53 -8.59
N ASP E 103 -32.11 11.91 -7.65
CA ASP E 103 -32.54 12.05 -6.26
C ASP E 103 -33.67 13.07 -6.13
N LYS E 104 -33.50 14.25 -6.72
CA LYS E 104 -34.58 15.23 -6.84
C LYS E 104 -35.69 14.75 -7.77
N ILE E 105 -35.35 14.19 -8.91
CA ILE E 105 -36.33 13.93 -9.96
C ILE E 105 -37.32 12.84 -9.54
N CYS E 106 -36.84 11.65 -9.21
CA CYS E 106 -37.74 10.54 -8.92
C CYS E 106 -38.55 10.81 -7.65
N LYS E 107 -39.69 10.15 -7.54
CA LYS E 107 -40.56 10.28 -6.38
C LYS E 107 -40.00 9.49 -5.20
N PRO E 108 -40.30 9.91 -3.97
CA PRO E 108 -39.63 9.31 -2.79
C PRO E 108 -39.67 7.77 -2.65
N GLU E 109 -40.70 7.04 -3.11
CA GLU E 109 -40.76 5.57 -3.03
C GLU E 109 -39.97 4.86 -4.11
N CYS E 110 -39.51 5.59 -5.10
CA CYS E 110 -38.86 4.95 -6.22
C CYS E 110 -37.56 4.34 -5.73
N ILE E 111 -37.43 3.04 -5.90
CA ILE E 111 -36.18 2.34 -5.60
C ILE E 111 -35.13 2.75 -6.63
N PHE E 112 -33.91 3.01 -6.16
CA PHE E 112 -32.75 3.24 -7.01
C PHE E 112 -31.97 1.93 -7.11
N ALA E 113 -31.71 1.48 -8.34
CA ALA E 113 -30.96 0.25 -8.53
C ALA E 113 -29.87 0.47 -9.57
N SER E 114 -28.79 -0.30 -9.46
CA SER E 114 -27.69 -0.24 -10.39
C SER E 114 -27.38 -1.63 -10.92
N ASN E 115 -27.02 -1.69 -12.21
CA ASN E 115 -26.61 -2.93 -12.85
C ASN E 115 -25.08 -3.13 -12.82
N THR E 116 -24.36 -2.23 -12.15
CA THR E 116 -22.90 -2.23 -12.22
C THR E 116 -22.31 -3.59 -11.85
N SER E 117 -21.25 -3.96 -12.56
CA SER E 117 -20.52 -5.19 -12.30
C SER E 117 -19.19 -4.94 -11.61
N SER E 118 -18.70 -3.71 -11.61
CA SER E 118 -17.34 -3.46 -11.15
C SER E 118 -17.25 -2.31 -10.15
N LEU E 119 -18.29 -1.48 -10.00
CA LEU E 119 -18.23 -0.38 -9.06
C LEU E 119 -18.92 -0.78 -7.74
N SER E 120 -18.48 -0.14 -6.66
CA SER E 120 -19.07 -0.36 -5.35
C SER E 120 -20.49 0.23 -5.30
N ILE E 121 -21.48 -0.66 -5.19
CA ILE E 121 -22.85 -0.27 -4.84
C ILE E 121 -22.85 0.73 -3.68
N THR E 122 -22.18 0.38 -2.58
CA THR E 122 -22.13 1.24 -1.40
C THR E 122 -21.69 2.65 -1.74
N GLU E 123 -20.65 2.79 -2.57
CA GLU E 123 -20.07 4.12 -2.85
C GLU E 123 -21.01 4.97 -3.69
N ILE E 124 -21.76 4.35 -4.62
CA ILE E 124 -22.61 5.13 -5.54
C ILE E 124 -23.75 5.78 -4.77
N GLY E 125 -24.36 5.04 -3.84
CA GLY E 125 -25.48 5.54 -3.08
C GLY E 125 -25.06 6.33 -1.85
N LYS E 126 -23.83 6.84 -1.86
CA LYS E 126 -23.27 7.50 -0.68
C LYS E 126 -24.07 8.71 -0.25
N GLY E 127 -23.96 9.82 -0.98
CA GLY E 127 -24.64 11.05 -0.60
C GLY E 127 -26.16 11.00 -0.58
N LEU E 128 -26.77 9.92 -1.08
CA LEU E 128 -28.14 9.99 -1.56
C LEU E 128 -29.17 10.00 -0.44
N SER E 129 -30.32 10.61 -0.74
CA SER E 129 -31.51 10.71 0.12
C SER E 129 -32.21 9.38 0.36
N ARG E 130 -31.90 8.36 -0.42
CA ARG E 130 -32.59 7.09 -0.37
C ARG E 130 -31.58 6.00 -0.69
N PRO E 131 -31.85 4.77 -0.27
CA PRO E 131 -30.86 3.69 -0.42
C PRO E 131 -30.49 3.41 -1.87
N LEU E 132 -29.52 2.52 -2.05
CA LEU E 132 -29.08 2.06 -3.37
C LEU E 132 -28.81 0.57 -3.31
N VAL E 133 -29.27 -0.15 -4.32
CA VAL E 133 -29.25 -1.60 -4.35
C VAL E 133 -28.63 -2.01 -5.67
N GLY E 134 -28.19 -3.27 -5.73
CA GLY E 134 -27.64 -3.84 -6.94
C GLY E 134 -28.65 -4.76 -7.58
N MET E 135 -28.90 -4.53 -8.88
CA MET E 135 -29.75 -5.40 -9.70
C MET E 135 -28.91 -5.81 -10.91
N HIS E 136 -28.18 -6.92 -10.75
CA HIS E 136 -27.15 -7.27 -11.71
C HIS E 136 -27.72 -8.24 -12.73
N PHE E 137 -28.06 -7.71 -13.91
CA PHE E 137 -28.49 -8.55 -15.03
C PHE E 137 -27.28 -9.15 -15.73
N PHE E 138 -27.55 -10.13 -16.60
CA PHE E 138 -26.52 -10.81 -17.37
C PHE E 138 -26.93 -10.80 -18.83
N ASN E 139 -26.09 -10.21 -19.66
CA ASN E 139 -26.34 -10.12 -21.09
C ASN E 139 -26.52 -11.51 -21.71
N PRO E 140 -27.61 -11.75 -22.45
CA PRO E 140 -28.67 -10.76 -22.76
C PRO E 140 -29.80 -10.74 -21.72
N ALA E 141 -30.14 -9.56 -21.22
CA ALA E 141 -30.97 -9.45 -20.01
C ALA E 141 -32.36 -10.02 -20.19
N ASP E 142 -32.88 -10.01 -21.42
CA ASP E 142 -34.24 -10.48 -21.71
C ASP E 142 -34.36 -12.00 -21.69
N ARG E 143 -33.24 -12.73 -21.81
CA ARG E 143 -33.29 -14.18 -21.86
C ARG E 143 -32.64 -14.88 -20.67
N MET E 144 -31.51 -14.37 -20.16
CA MET E 144 -30.80 -15.00 -19.05
C MET E 144 -31.58 -14.79 -17.75
N LYS E 145 -31.75 -15.86 -16.96
CA LYS E 145 -32.66 -15.81 -15.83
C LYS E 145 -32.02 -15.34 -14.52
N LEU E 146 -30.69 -15.22 -14.48
CA LEU E 146 -30.01 -14.96 -13.22
C LEU E 146 -30.04 -13.46 -12.93
N ILE E 147 -30.25 -13.13 -11.67
CA ILE E 147 -30.10 -11.75 -11.17
C ILE E 147 -29.42 -11.81 -9.82
N GLU E 148 -28.29 -11.10 -9.70
CA GLU E 148 -27.64 -10.95 -8.40
C GLU E 148 -28.10 -9.65 -7.75
N VAL E 149 -28.78 -9.77 -6.60
CA VAL E 149 -29.23 -8.62 -5.83
C VAL E 149 -28.11 -8.26 -4.84
N ILE E 150 -27.50 -7.10 -5.04
CA ILE E 150 -26.33 -6.69 -4.27
C ILE E 150 -26.80 -5.76 -3.15
N ALA E 151 -26.59 -6.20 -1.91
CA ALA E 151 -26.78 -5.36 -0.74
C ALA E 151 -25.53 -4.53 -0.50
N GLY E 152 -25.71 -3.21 -0.36
CA GLY E 152 -24.64 -2.36 0.11
C GLY E 152 -24.59 -2.28 1.62
N CYS E 153 -23.58 -1.56 2.12
CA CYS E 153 -23.38 -1.43 3.56
C CYS E 153 -24.62 -0.88 4.26
N ASN E 154 -25.45 -0.14 3.54
CA ASN E 154 -26.62 0.53 4.13
C ASN E 154 -27.91 0.23 3.38
N THR E 155 -27.91 -0.79 2.52
CA THR E 155 -29.11 -1.22 1.81
C THR E 155 -30.02 -1.89 2.82
N PRO E 156 -31.19 -1.30 3.12
CA PRO E 156 -32.12 -1.94 4.07
C PRO E 156 -32.58 -3.29 3.59
N ALA E 157 -32.94 -4.17 4.53
CA ALA E 157 -33.34 -5.52 4.14
C ALA E 157 -34.60 -5.50 3.27
N GLU E 158 -35.54 -4.59 3.55
CA GLU E 158 -36.79 -4.56 2.79
C GLU E 158 -36.56 -4.19 1.34
N THR E 159 -35.58 -3.31 1.09
CA THR E 159 -35.20 -2.99 -0.29
C THR E 159 -34.71 -4.23 -1.03
N VAL E 160 -33.86 -5.03 -0.39
CA VAL E 160 -33.31 -6.21 -1.04
C VAL E 160 -34.45 -7.11 -1.53
N GLU E 161 -35.55 -7.20 -0.77
CA GLU E 161 -36.63 -8.15 -1.12
C GLU E 161 -37.65 -7.55 -2.08
N LYS E 162 -37.90 -6.24 -2.00
CA LYS E 162 -38.59 -5.58 -3.10
C LYS E 162 -37.90 -5.86 -4.43
N ILE E 163 -36.59 -6.09 -4.41
CA ILE E 163 -35.88 -6.44 -5.64
C ILE E 163 -35.96 -7.95 -5.94
N LYS E 164 -36.02 -8.80 -4.92
CA LYS E 164 -36.22 -10.22 -5.21
C LYS E 164 -37.64 -10.50 -5.67
N GLU E 165 -38.59 -9.69 -5.20
CA GLU E 165 -39.97 -9.85 -5.67
C GLU E 165 -40.08 -9.48 -7.15
N ILE E 166 -39.58 -8.31 -7.52
CA ILE E 166 -39.63 -7.84 -8.90
C ILE E 166 -38.92 -8.81 -9.84
N SER E 167 -37.79 -9.38 -9.39
CA SER E 167 -37.07 -10.34 -10.21
C SER E 167 -37.92 -11.57 -10.51
N VAL E 168 -38.71 -12.01 -9.53
CA VAL E 168 -39.67 -13.07 -9.80
C VAL E 168 -40.84 -12.53 -10.64
N ALA E 169 -41.18 -11.25 -10.50
CA ALA E 169 -42.27 -10.70 -11.30
C ALA E 169 -41.93 -10.68 -12.79
N ILE E 170 -40.67 -10.89 -13.16
CA ILE E 170 -40.28 -10.87 -14.56
C ILE E 170 -39.60 -12.19 -14.89
N GLY E 171 -39.79 -13.19 -14.05
CA GLY E 171 -39.31 -14.51 -14.42
C GLY E 171 -37.83 -14.77 -14.17
N LYS E 172 -37.17 -13.97 -13.33
CA LYS E 172 -35.80 -14.23 -12.94
C LYS E 172 -35.74 -14.97 -11.60
N ASN E 173 -34.57 -15.55 -11.31
CA ASN E 173 -34.27 -16.08 -10.00
C ASN E 173 -33.28 -15.14 -9.34
N PRO E 174 -33.67 -14.44 -8.27
CA PRO E 174 -32.72 -13.56 -7.60
C PRO E 174 -31.82 -14.38 -6.68
N VAL E 175 -30.53 -14.03 -6.68
CA VAL E 175 -29.58 -14.54 -5.71
C VAL E 175 -29.01 -13.33 -4.96
N GLN E 176 -29.13 -13.34 -3.63
CA GLN E 176 -28.71 -12.20 -2.84
C GLN E 176 -27.20 -12.24 -2.62
N VAL E 177 -26.54 -11.13 -2.95
CA VAL E 177 -25.11 -11.00 -2.79
C VAL E 177 -24.88 -9.86 -1.81
N ASN E 178 -24.04 -10.12 -0.81
CA ASN E 178 -23.60 -9.06 0.10
C ASN E 178 -22.32 -8.47 -0.49
N GLU E 179 -22.35 -7.16 -0.79
CA GLU E 179 -21.40 -6.56 -1.73
C GLU E 179 -19.97 -7.00 -1.49
N ALA E 180 -19.36 -7.53 -2.54
CA ALA E 180 -17.97 -7.90 -2.54
C ALA E 180 -17.55 -8.01 -4.00
N ALA E 181 -16.31 -7.64 -4.28
CA ALA E 181 -15.87 -7.40 -5.65
C ALA E 181 -16.12 -8.64 -6.51
N GLY E 182 -16.71 -8.42 -7.69
CA GLY E 182 -17.04 -9.50 -8.60
C GLY E 182 -18.22 -10.36 -8.19
N PHE E 183 -18.92 -10.00 -7.11
CA PHE E 183 -20.05 -10.76 -6.56
C PHE E 183 -19.79 -12.27 -6.59
N VAL E 184 -20.58 -13.02 -7.35
CA VAL E 184 -20.46 -14.47 -7.42
C VAL E 184 -19.89 -14.93 -8.75
N VAL E 185 -20.56 -14.58 -9.86
CA VAL E 185 -20.22 -15.18 -11.16
C VAL E 185 -18.87 -14.67 -11.69
N ASN E 186 -18.69 -13.34 -11.73
CA ASN E 186 -17.43 -12.83 -12.23
C ASN E 186 -16.26 -13.31 -11.38
N ARG E 187 -16.41 -13.24 -10.05
CA ARG E 187 -15.32 -13.60 -9.16
C ARG E 187 -14.92 -15.06 -9.31
N ILE E 188 -15.80 -15.90 -9.86
CA ILE E 188 -15.45 -17.26 -10.25
C ILE E 188 -15.17 -17.35 -11.74
N LEU E 189 -16.03 -16.78 -12.58
CA LEU E 189 -15.88 -17.03 -14.00
C LEU E 189 -14.59 -16.42 -14.53
N ILE E 190 -14.32 -15.15 -14.20
CA ILE E 190 -13.25 -14.39 -14.85
C ILE E 190 -11.87 -14.94 -14.48
N PRO E 191 -11.57 -15.23 -13.21
CA PRO E 191 -10.29 -15.91 -12.93
C PRO E 191 -10.15 -17.28 -13.61
N MET E 192 -11.24 -17.91 -14.08
CA MET E 192 -11.10 -19.09 -14.92
C MET E 192 -10.39 -18.75 -16.21
N ILE E 193 -10.91 -17.75 -16.92
CA ILE E 193 -10.26 -17.30 -18.14
C ILE E 193 -8.82 -16.89 -17.85
N ASN E 194 -8.62 -16.13 -16.77
CA ASN E 194 -7.29 -15.59 -16.47
C ASN E 194 -6.27 -16.71 -16.29
N GLU E 195 -6.65 -17.80 -15.59
CA GLU E 195 -5.77 -18.95 -15.39
C GLU E 195 -5.54 -19.69 -16.70
N ALA E 196 -6.58 -19.85 -17.51
CA ALA E 196 -6.37 -20.32 -18.88
C ALA E 196 -5.31 -19.49 -19.61
N ALA E 197 -5.30 -18.16 -19.45
CA ALA E 197 -4.32 -17.41 -20.23
C ALA E 197 -2.90 -17.66 -19.72
N PHE E 198 -2.73 -17.87 -18.39
CA PHE E 198 -1.42 -18.23 -17.87
C PHE E 198 -0.97 -19.58 -18.41
N ILE E 199 -1.89 -20.54 -18.54
CA ILE E 199 -1.53 -21.86 -19.06
C ILE E 199 -0.92 -21.73 -20.46
N LYS E 200 -1.56 -20.93 -21.32
CA LYS E 200 -1.00 -20.63 -22.62
C LYS E 200 0.35 -19.93 -22.49
N MET E 201 0.40 -18.84 -21.72
CA MET E 201 1.62 -18.05 -21.63
C MET E 201 2.78 -18.82 -21.00
N GLU E 202 2.52 -19.70 -20.02
CA GLU E 202 3.60 -20.52 -19.46
C GLU E 202 3.87 -21.78 -20.27
N GLY E 203 3.23 -21.94 -21.43
CA GLY E 203 3.61 -22.98 -22.36
C GLY E 203 3.10 -24.35 -22.01
N VAL E 204 2.08 -24.44 -21.15
CA VAL E 204 1.60 -25.75 -20.71
C VAL E 204 0.84 -26.47 -21.82
N SER E 205 -0.07 -25.75 -22.50
CA SER E 205 -0.77 -26.30 -23.66
C SER E 205 -1.11 -25.19 -24.66
N ASP E 206 -1.62 -25.60 -25.82
CA ASP E 206 -1.97 -24.69 -26.91
C ASP E 206 -3.39 -24.18 -26.71
N ILE E 207 -3.79 -23.19 -27.52
CA ILE E 207 -5.03 -22.48 -27.25
C ILE E 207 -6.23 -23.36 -27.53
N ALA E 208 -6.19 -24.14 -28.61
CA ALA E 208 -7.31 -25.04 -28.87
C ALA E 208 -7.39 -26.14 -27.83
N GLY E 209 -6.25 -26.61 -27.33
CA GLY E 209 -6.27 -27.74 -26.41
C GLY E 209 -6.70 -27.36 -25.01
N ILE E 210 -6.42 -26.12 -24.59
CA ILE E 210 -6.93 -25.61 -23.33
C ILE E 210 -8.46 -25.52 -23.38
N ASP E 211 -9.01 -25.06 -24.52
CA ASP E 211 -10.47 -24.92 -24.65
C ASP E 211 -11.15 -26.27 -24.87
N THR E 212 -10.57 -27.12 -25.73
CA THR E 212 -11.08 -28.47 -25.87
C THR E 212 -11.15 -29.16 -24.53
N ALA E 213 -10.04 -29.11 -23.77
CA ALA E 213 -9.92 -29.88 -22.53
C ALA E 213 -10.96 -29.48 -21.50
N MET E 214 -11.36 -28.21 -21.47
CA MET E 214 -12.27 -27.73 -20.45
C MET E 214 -13.72 -28.06 -20.75
N LYS E 215 -14.14 -28.03 -22.02
CA LYS E 215 -15.51 -28.40 -22.32
C LYS E 215 -15.68 -29.91 -22.45
N LEU E 216 -14.60 -30.65 -22.63
CA LEU E 216 -14.65 -32.10 -22.60
C LEU E 216 -14.49 -32.66 -21.19
N GLY E 217 -13.48 -32.17 -20.45
CA GLY E 217 -13.24 -32.64 -19.10
C GLY E 217 -14.18 -32.06 -18.07
N ALA E 218 -14.82 -30.92 -18.36
CA ALA E 218 -15.71 -30.29 -17.40
C ALA E 218 -17.11 -30.08 -17.93
N ASN E 219 -17.43 -30.53 -19.15
CA ASN E 219 -18.79 -30.41 -19.70
C ASN E 219 -19.26 -28.95 -19.66
N HIS E 220 -18.30 -28.02 -19.87
CA HIS E 220 -18.65 -26.60 -19.89
C HIS E 220 -19.16 -26.22 -21.28
N PRO E 221 -20.05 -25.21 -21.38
CA PRO E 221 -20.55 -24.84 -22.72
C PRO E 221 -19.46 -24.33 -23.64
N MET E 222 -18.59 -23.41 -23.21
CA MET E 222 -17.47 -22.99 -24.04
C MET E 222 -16.16 -23.20 -23.28
N GLY E 223 -15.05 -23.08 -24.01
CA GLY E 223 -13.74 -23.07 -23.40
C GLY E 223 -13.42 -21.68 -22.87
N PRO E 224 -12.60 -21.59 -21.81
CA PRO E 224 -12.31 -20.27 -21.23
C PRO E 224 -11.78 -19.27 -22.27
N LEU E 225 -10.87 -19.68 -23.16
CA LEU E 225 -10.34 -18.74 -24.14
C LEU E 225 -11.42 -18.25 -25.10
N GLU E 226 -12.19 -19.18 -25.69
CA GLU E 226 -13.37 -18.79 -26.48
C GLU E 226 -14.25 -17.84 -25.68
N LEU E 227 -14.52 -18.20 -24.43
CA LEU E 227 -15.40 -17.39 -23.59
C LEU E 227 -14.82 -16.01 -23.37
N GLY E 228 -13.48 -15.93 -23.27
CA GLY E 228 -12.84 -14.64 -23.08
C GLY E 228 -12.97 -13.76 -24.30
N ASP E 229 -12.90 -14.38 -25.49
CA ASP E 229 -13.08 -13.62 -26.72
C ASP E 229 -14.52 -13.14 -26.86
N PHE E 230 -15.48 -13.96 -26.40
CA PHE E 230 -16.90 -13.65 -26.49
C PHE E 230 -17.32 -12.58 -25.49
N ILE E 231 -16.83 -12.65 -24.27
CA ILE E 231 -17.13 -11.58 -23.35
C ILE E 231 -16.48 -10.27 -23.79
N GLY E 232 -15.26 -10.34 -24.31
CA GLY E 232 -14.43 -9.17 -24.51
C GLY E 232 -13.23 -9.22 -23.58
N LEU E 233 -12.04 -9.38 -24.15
CA LEU E 233 -10.82 -9.46 -23.35
C LEU E 233 -10.55 -8.19 -22.57
N ASP E 234 -11.14 -7.05 -22.97
CA ASP E 234 -11.03 -5.83 -22.18
C ASP E 234 -12.00 -5.82 -21.00
N ILE E 235 -13.08 -6.58 -21.09
CA ILE E 235 -13.97 -6.75 -19.94
C ILE E 235 -13.30 -7.65 -18.90
N CYS E 236 -12.80 -8.82 -19.33
CA CYS E 236 -12.06 -9.71 -18.43
C CYS E 236 -10.92 -8.97 -17.73
N LEU E 237 -10.17 -8.16 -18.48
CA LEU E 237 -9.01 -7.49 -17.88
C LEU E 237 -9.44 -6.44 -16.87
N ALA E 238 -10.49 -5.69 -17.17
CA ALA E 238 -10.93 -4.73 -16.19
C ALA E 238 -11.41 -5.42 -14.91
N ILE E 239 -12.07 -6.57 -15.05
CA ILE E 239 -12.64 -7.26 -13.89
C ILE E 239 -11.53 -7.79 -12.99
N MET E 240 -10.46 -8.34 -13.60
CA MET E 240 -9.35 -8.84 -12.81
C MET E 240 -8.69 -7.72 -12.02
N ASP E 241 -8.53 -6.53 -12.62
CA ASP E 241 -7.92 -5.41 -11.92
C ASP E 241 -8.80 -4.89 -10.80
N VAL E 242 -10.12 -5.06 -10.93
CA VAL E 242 -11.05 -4.72 -9.86
C VAL E 242 -10.91 -5.73 -8.72
N LEU E 243 -10.90 -7.03 -9.04
CA LEU E 243 -10.71 -8.05 -8.02
C LEU E 243 -9.40 -7.81 -7.30
N TYR E 244 -8.34 -7.48 -8.06
CA TYR E 244 -7.03 -7.35 -7.45
C TYR E 244 -6.95 -6.10 -6.58
N HIS E 245 -7.53 -5.00 -7.06
CA HIS E 245 -7.42 -3.74 -6.31
C HIS E 245 -8.37 -3.70 -5.10
N GLU E 246 -9.56 -4.30 -5.21
CA GLU E 246 -10.49 -4.29 -4.06
C GLU E 246 -9.94 -5.13 -2.91
N THR E 247 -9.24 -6.22 -3.23
CA THR E 247 -8.70 -7.11 -2.22
C THR E 247 -7.20 -6.89 -1.93
N GLY E 248 -6.46 -6.20 -2.80
CA GLY E 248 -5.02 -6.12 -2.57
C GLY E 248 -4.34 -7.46 -2.58
N ASP E 249 -5.00 -8.48 -3.14
CA ASP E 249 -4.54 -9.87 -3.14
C ASP E 249 -4.00 -10.20 -4.53
N SER E 250 -2.72 -10.56 -4.59
CA SER E 250 -2.11 -10.97 -5.85
C SER E 250 -2.70 -12.28 -6.40
N LYS E 251 -3.60 -12.95 -5.66
CA LYS E 251 -4.28 -14.10 -6.21
C LYS E 251 -5.02 -13.73 -7.48
N TYR E 252 -5.41 -12.47 -7.61
CA TYR E 252 -6.21 -12.01 -8.73
C TYR E 252 -5.43 -11.09 -9.66
N ARG E 253 -4.11 -11.28 -9.76
CA ARG E 253 -3.27 -10.52 -10.68
C ARG E 253 -3.59 -10.95 -12.11
N ALA E 254 -3.78 -10.00 -13.00
CA ALA E 254 -4.19 -10.37 -14.34
C ALA E 254 -3.01 -10.96 -15.11
N CYS E 255 -3.28 -11.99 -15.90
CA CYS E 255 -2.28 -12.55 -16.80
C CYS E 255 -1.70 -11.50 -17.73
N PRO E 256 -0.42 -11.16 -17.64
CA PRO E 256 0.19 -10.21 -18.60
C PRO E 256 -0.21 -10.42 -20.05
N LEU E 257 -0.33 -11.69 -20.49
CA LEU E 257 -0.68 -11.97 -21.88
C LEU E 257 -2.00 -11.30 -22.27
N ILE E 258 -2.99 -11.29 -21.38
CA ILE E 258 -4.26 -10.63 -21.69
C ILE E 258 -4.06 -9.12 -21.77
N ARG E 259 -3.23 -8.55 -20.89
CA ARG E 259 -2.98 -7.11 -20.98
C ARG E 259 -2.25 -6.74 -22.28
N LYS E 260 -1.29 -7.57 -22.72
CA LYS E 260 -0.63 -7.37 -24.00
C LYS E 260 -1.66 -7.30 -25.12
N MET E 261 -2.59 -8.25 -25.13
CA MET E 261 -3.59 -8.30 -26.20
C MET E 261 -4.54 -7.12 -26.13
N VAL E 262 -4.98 -6.73 -24.94
CA VAL E 262 -5.89 -5.59 -24.87
C VAL E 262 -5.19 -4.30 -25.29
N ARG E 263 -3.88 -4.20 -25.02
CA ARG E 263 -3.16 -3.01 -25.42
C ARG E 263 -3.08 -2.91 -26.94
N GLY E 264 -2.94 -4.05 -27.62
CA GLY E 264 -2.91 -4.10 -29.07
C GLY E 264 -4.26 -4.14 -29.72
N GLY E 265 -5.32 -3.80 -28.99
CA GLY E 265 -6.63 -3.81 -29.58
C GLY E 265 -7.21 -5.17 -29.88
N ASN E 266 -6.48 -6.27 -29.67
CA ASN E 266 -7.03 -7.60 -29.98
C ASN E 266 -7.94 -8.04 -28.84
N LEU E 267 -9.19 -7.58 -28.85
CA LEU E 267 -10.07 -7.69 -27.70
C LEU E 267 -10.96 -8.94 -27.69
N GLY E 268 -10.88 -9.79 -28.71
CA GLY E 268 -11.76 -10.95 -28.82
C GLY E 268 -12.64 -10.92 -30.05
N CYS E 269 -13.96 -11.08 -29.88
CA CYS E 269 -14.88 -11.12 -31.02
C CYS E 269 -15.14 -9.74 -31.60
N LYS E 270 -15.52 -8.78 -30.75
CA LYS E 270 -15.91 -7.46 -31.20
C LYS E 270 -14.84 -6.76 -32.04
N THR E 271 -13.57 -7.19 -31.98
CA THR E 271 -12.52 -6.63 -32.84
C THR E 271 -12.09 -7.61 -33.92
N GLY E 272 -12.81 -8.72 -34.11
CA GLY E 272 -12.48 -9.74 -35.07
C GLY E 272 -11.30 -10.63 -34.69
N LYS E 273 -10.61 -10.33 -33.60
CA LYS E 273 -9.43 -11.10 -33.22
C LYS E 273 -9.18 -10.98 -31.72
N GLY E 274 -8.92 -12.12 -31.10
CA GLY E 274 -8.44 -12.18 -29.73
C GLY E 274 -7.54 -13.39 -29.58
N PHE E 275 -8.02 -14.40 -28.84
CA PHE E 275 -7.36 -15.70 -28.82
C PHE E 275 -7.59 -16.47 -30.10
N TYR E 276 -8.70 -16.20 -30.79
CA TYR E 276 -8.97 -16.73 -32.13
C TYR E 276 -9.14 -15.57 -33.10
N VAL E 277 -8.73 -15.79 -34.34
CA VAL E 277 -9.11 -14.92 -35.44
C VAL E 277 -10.49 -15.35 -35.91
N TYR E 278 -11.46 -14.44 -35.83
CA TYR E 278 -12.81 -14.70 -36.32
C TYR E 278 -12.86 -14.27 -37.80
N ASN E 279 -12.74 -15.26 -38.67
CA ASN E 279 -12.68 -14.98 -40.09
C ASN E 279 -14.03 -14.44 -40.56
N ALA E 280 -13.98 -13.31 -41.29
CA ALA E 280 -15.20 -12.69 -41.82
C ALA E 280 -16.06 -13.69 -42.60
N ASP E 281 -15.47 -14.85 -42.94
CA ASP E 281 -16.18 -16.00 -43.50
C ASP E 281 -16.75 -16.95 -42.46
N ARG E 282 -17.14 -16.47 -41.29
CA ARG E 282 -17.86 -17.22 -40.24
C ARG E 282 -17.01 -18.09 -39.33
N THR E 283 -15.80 -18.49 -39.71
CA THR E 283 -15.14 -19.55 -38.95
C THR E 283 -14.17 -18.95 -37.93
N LYS E 284 -13.59 -19.82 -37.11
CA LYS E 284 -12.79 -19.40 -35.96
C LYS E 284 -11.52 -20.23 -35.85
N THR E 285 -10.37 -19.56 -35.92
CA THR E 285 -9.02 -20.13 -35.99
C THR E 285 -8.20 -19.63 -34.81
N PRO E 286 -7.52 -20.50 -34.08
CA PRO E 286 -6.69 -20.02 -32.97
C PRO E 286 -5.36 -19.51 -33.50
N VAL E 287 -4.88 -18.39 -32.94
CA VAL E 287 -3.69 -17.69 -33.42
C VAL E 287 -2.42 -18.46 -33.04
N ASP E 288 -2.59 -19.69 -32.55
CA ASP E 288 -1.47 -20.61 -32.36
C ASP E 288 -0.85 -21.01 -33.68
N GLN E 289 -1.66 -21.25 -34.71
CA GLN E 289 -1.15 -21.55 -36.04
C GLN E 289 -1.82 -20.67 -37.10
N MET F 1 -3.93 -54.09 -29.63
CA MET F 1 -2.77 -54.17 -28.75
C MET F 1 -3.15 -54.77 -27.40
N LYS F 2 -2.15 -55.02 -26.56
CA LYS F 2 -2.39 -55.53 -25.22
C LYS F 2 -1.89 -54.51 -24.20
N ILE F 3 -2.76 -54.16 -23.24
CA ILE F 3 -2.50 -53.06 -22.32
C ILE F 3 -2.51 -53.57 -20.90
N GLY F 4 -1.48 -53.19 -20.13
CA GLY F 4 -1.40 -53.56 -18.73
C GLY F 4 -1.77 -52.41 -17.83
N VAL F 5 -2.95 -52.52 -17.21
CA VAL F 5 -3.44 -51.51 -16.27
C VAL F 5 -3.14 -52.00 -14.86
N ILE F 6 -2.49 -51.17 -14.05
CA ILE F 6 -2.12 -51.53 -12.68
C ILE F 6 -2.95 -50.69 -11.73
N GLY F 7 -3.72 -51.35 -10.88
CA GLY F 7 -4.71 -50.68 -10.05
C GLY F 7 -6.10 -51.05 -10.55
N ALA F 8 -6.90 -51.67 -9.67
CA ALA F 8 -8.22 -52.17 -10.03
C ALA F 8 -9.33 -51.41 -9.29
N GLY F 9 -9.10 -50.16 -8.95
CA GLY F 9 -10.11 -49.28 -8.37
C GLY F 9 -11.02 -48.67 -9.42
N THR F 10 -11.70 -47.59 -9.02
CA THR F 10 -12.60 -46.88 -9.93
C THR F 10 -11.90 -46.51 -11.24
N MET F 11 -10.69 -45.97 -11.16
CA MET F 11 -10.00 -45.61 -12.40
C MET F 11 -9.53 -46.83 -13.16
N GLY F 12 -8.85 -47.76 -12.50
CA GLY F 12 -8.41 -48.97 -13.19
C GLY F 12 -9.55 -49.68 -13.90
N GLN F 13 -10.69 -49.82 -13.22
CA GLN F 13 -11.89 -50.41 -13.84
C GLN F 13 -12.25 -49.67 -15.11
N GLY F 14 -12.54 -48.37 -15.00
CA GLY F 14 -12.95 -47.61 -16.17
C GLY F 14 -11.88 -47.52 -17.24
N ILE F 15 -10.60 -47.56 -16.84
CA ILE F 15 -9.53 -47.47 -17.82
C ILE F 15 -9.49 -48.73 -18.68
N ALA F 16 -9.68 -49.90 -18.06
CA ALA F 16 -9.66 -51.14 -18.82
C ALA F 16 -10.92 -51.29 -19.66
N LYS F 17 -12.06 -50.79 -19.18
CA LYS F 17 -13.25 -50.74 -20.03
C LYS F 17 -12.96 -50.02 -21.34
N ALA F 18 -12.45 -48.79 -21.25
CA ALA F 18 -12.19 -47.98 -22.43
C ALA F 18 -11.27 -48.69 -23.42
N PHE F 19 -10.35 -49.51 -22.93
CA PHE F 19 -9.52 -50.25 -23.86
C PHE F 19 -10.27 -51.46 -24.42
N ALA F 20 -11.05 -52.15 -23.57
CA ALA F 20 -11.71 -53.39 -23.98
C ALA F 20 -12.98 -53.15 -24.79
N GLN F 21 -13.35 -51.90 -25.05
CA GLN F 21 -14.53 -51.62 -25.87
C GLN F 21 -14.21 -51.60 -27.36
N VAL F 22 -12.96 -51.82 -27.77
CA VAL F 22 -12.58 -51.45 -29.14
C VAL F 22 -12.54 -52.64 -30.10
N GLU F 23 -11.40 -53.32 -30.16
CA GLU F 23 -11.17 -54.32 -31.20
C GLU F 23 -10.18 -55.36 -30.71
N GLY F 24 -9.05 -55.51 -31.41
CA GLY F 24 -7.99 -56.39 -30.97
C GLY F 24 -7.33 -55.94 -29.68
N ASN F 25 -8.10 -55.28 -28.82
CA ASN F 25 -7.58 -54.78 -27.56
C ASN F 25 -7.84 -55.78 -26.45
N THR F 26 -6.76 -56.33 -25.92
CA THR F 26 -6.78 -57.21 -24.75
C THR F 26 -6.07 -56.49 -23.60
N VAL F 27 -6.55 -56.67 -22.37
CA VAL F 27 -6.05 -55.89 -21.24
C VAL F 27 -5.78 -56.81 -20.05
N ALA F 28 -4.70 -56.49 -19.33
CA ALA F 28 -4.24 -57.20 -18.15
C ALA F 28 -4.44 -56.30 -16.94
N LEU F 29 -5.57 -56.48 -16.23
CA LEU F 29 -5.84 -55.75 -14.99
C LEU F 29 -5.01 -56.37 -13.90
N CYS F 30 -4.34 -55.54 -13.12
CA CYS F 30 -3.48 -55.98 -12.04
C CYS F 30 -3.72 -55.12 -10.80
N ASP F 31 -3.24 -55.62 -9.67
CA ASP F 31 -3.25 -54.88 -8.42
C ASP F 31 -2.29 -55.58 -7.46
N ILE F 32 -2.55 -55.42 -6.16
CA ILE F 32 -1.64 -56.01 -5.17
C ILE F 32 -1.76 -57.53 -5.15
N LYS F 33 -2.96 -58.07 -4.93
CA LYS F 33 -3.21 -59.50 -5.06
C LYS F 33 -4.52 -59.79 -5.80
N GLN F 34 -4.58 -60.97 -6.45
CA GLN F 34 -5.62 -61.23 -7.46
C GLN F 34 -7.04 -61.21 -6.86
N GLU F 35 -7.15 -61.54 -5.57
CA GLU F 35 -8.40 -61.25 -4.86
C GLU F 35 -8.81 -59.79 -5.06
N TRP F 36 -7.84 -58.90 -5.18
CA TRP F 36 -8.12 -57.50 -5.46
C TRP F 36 -8.49 -57.28 -6.92
N ALA F 37 -7.89 -58.06 -7.83
CA ALA F 37 -8.05 -57.86 -9.27
C ALA F 37 -9.37 -58.45 -9.78
N GLU F 38 -9.53 -59.77 -9.64
CA GLU F 38 -10.82 -60.42 -9.85
C GLU F 38 -11.97 -59.61 -9.27
N ASN F 39 -11.77 -58.95 -8.12
CA ASN F 39 -12.73 -58.01 -7.55
C ASN F 39 -13.18 -56.98 -8.58
N GLY F 40 -12.22 -56.22 -9.13
CA GLY F 40 -12.56 -55.17 -10.08
C GLY F 40 -13.23 -55.72 -11.32
N LEU F 41 -12.64 -56.77 -11.91
CA LEU F 41 -13.28 -57.45 -13.03
C LEU F 41 -14.74 -57.77 -12.74
N ALA F 42 -15.06 -58.07 -11.48
CA ALA F 42 -16.44 -58.40 -11.13
C ALA F 42 -17.33 -57.17 -11.15
N LYS F 43 -16.85 -56.03 -10.63
CA LYS F 43 -17.63 -54.80 -10.74
C LYS F 43 -17.85 -54.43 -12.20
N ILE F 44 -16.80 -54.60 -13.03
CA ILE F 44 -16.97 -54.45 -14.47
C ILE F 44 -18.09 -55.36 -14.98
N LYS F 45 -18.13 -56.60 -14.47
CA LYS F 45 -19.14 -57.55 -14.89
C LYS F 45 -20.54 -57.03 -14.52
N LYS F 46 -20.74 -56.65 -13.27
CA LYS F 46 -22.08 -56.23 -12.79
C LYS F 46 -22.62 -55.06 -13.60
N GLY F 47 -21.83 -53.99 -13.75
CA GLY F 47 -22.28 -52.88 -14.56
C GLY F 47 -22.63 -53.32 -15.97
N TYR F 48 -21.82 -54.23 -16.52
CA TYR F 48 -22.11 -54.77 -17.84
C TYR F 48 -23.31 -55.71 -17.81
N GLU F 49 -23.60 -56.30 -16.65
CA GLU F 49 -24.79 -57.13 -16.51
C GLU F 49 -26.03 -56.27 -16.32
N LYS F 50 -25.87 -54.94 -16.32
CA LYS F 50 -27.04 -54.07 -16.26
C LYS F 50 -27.19 -53.27 -17.55
N LEU F 51 -26.06 -52.91 -18.19
CA LEU F 51 -26.17 -52.13 -19.41
C LEU F 51 -26.70 -52.97 -20.59
N VAL F 52 -26.64 -54.31 -20.50
CA VAL F 52 -27.36 -55.16 -21.46
C VAL F 52 -28.84 -55.20 -21.13
N ALA F 53 -29.16 -55.56 -19.88
CA ALA F 53 -30.54 -55.78 -19.45
C ALA F 53 -31.39 -54.52 -19.52
N LYS F 54 -30.80 -53.33 -19.54
CA LYS F 54 -31.57 -52.14 -19.88
C LYS F 54 -31.83 -52.03 -21.38
N GLY F 55 -31.18 -52.88 -22.18
CA GLY F 55 -31.36 -52.86 -23.62
C GLY F 55 -30.29 -52.11 -24.40
N LYS F 56 -29.28 -51.57 -23.72
CA LYS F 56 -28.37 -50.59 -24.31
C LYS F 56 -27.14 -51.23 -24.95
N ILE F 57 -26.66 -52.35 -24.43
CA ILE F 57 -25.60 -53.09 -25.12
C ILE F 57 -26.10 -54.52 -25.28
N PRO F 58 -25.83 -55.17 -26.41
CA PRO F 58 -26.04 -56.61 -26.49
C PRO F 58 -24.94 -57.38 -25.77
N GLN F 59 -25.30 -58.60 -25.35
CA GLN F 59 -24.38 -59.47 -24.61
C GLN F 59 -23.13 -59.81 -25.42
N GLU F 60 -23.29 -60.35 -26.63
CA GLU F 60 -22.20 -60.65 -27.57
C GLU F 60 -20.94 -59.82 -27.33
N LYS F 61 -21.03 -58.49 -27.46
CA LYS F 61 -19.98 -57.55 -27.07
C LYS F 61 -19.73 -57.52 -25.56
N ALA F 62 -20.76 -57.21 -24.76
CA ALA F 62 -20.61 -57.14 -23.31
C ALA F 62 -20.13 -58.46 -22.73
N ASP F 63 -20.06 -59.50 -23.57
CA ASP F 63 -19.36 -60.74 -23.22
C ASP F 63 -17.92 -60.68 -23.72
N ALA F 64 -17.71 -60.18 -24.93
CA ALA F 64 -16.37 -60.19 -25.51
C ALA F 64 -15.48 -59.13 -24.87
N ILE F 65 -16.07 -58.02 -24.41
CA ILE F 65 -15.30 -57.03 -23.65
C ILE F 65 -14.62 -57.71 -22.46
N VAL F 66 -15.44 -58.27 -21.55
CA VAL F 66 -14.94 -58.94 -20.35
C VAL F 66 -14.06 -60.13 -20.73
N ALA F 67 -14.34 -60.78 -21.86
CA ALA F 67 -13.43 -61.79 -22.38
C ALA F 67 -12.01 -61.23 -22.59
N ALA F 68 -11.85 -60.05 -23.21
CA ALA F 68 -10.51 -59.50 -23.43
C ALA F 68 -9.84 -58.98 -22.16
N ILE F 69 -10.58 -58.80 -21.06
CA ILE F 69 -10.00 -58.37 -19.78
C ILE F 69 -9.63 -59.60 -18.97
N THR F 70 -8.33 -59.79 -18.70
CA THR F 70 -7.89 -60.91 -17.89
C THR F 70 -7.41 -60.41 -16.53
N PRO F 71 -8.08 -60.76 -15.45
CA PRO F 71 -7.65 -60.28 -14.12
C PRO F 71 -6.38 -60.94 -13.63
N GLY F 72 -5.87 -60.49 -12.50
CA GLY F 72 -4.64 -60.98 -11.95
C GLY F 72 -3.75 -59.87 -11.44
N LEU F 73 -2.45 -60.11 -11.47
CA LEU F 73 -1.47 -59.14 -11.01
C LEU F 73 -0.25 -59.19 -11.90
N LYS F 74 0.59 -58.16 -11.79
CA LYS F 74 1.73 -57.98 -12.68
C LYS F 74 2.66 -59.20 -12.63
N GLU F 75 3.83 -59.04 -13.25
CA GLU F 75 4.87 -60.07 -13.31
C GLU F 75 4.48 -61.29 -14.12
N ASN F 76 3.26 -61.81 -13.98
CA ASN F 76 2.83 -62.97 -14.75
C ASN F 76 1.98 -62.63 -15.98
N LEU F 77 1.47 -61.41 -16.09
CA LEU F 77 0.65 -61.00 -17.24
C LEU F 77 1.19 -59.81 -18.05
N CYS F 78 1.83 -58.82 -17.43
CA CYS F 78 2.29 -57.62 -18.13
C CYS F 78 3.73 -57.75 -18.62
N ALA F 79 4.11 -58.92 -19.13
CA ALA F 79 5.40 -59.01 -19.80
C ALA F 79 5.27 -58.62 -21.26
N ASP F 80 4.47 -59.35 -22.03
CA ASP F 80 4.25 -59.02 -23.44
C ASP F 80 3.28 -57.86 -23.63
N CYS F 81 2.91 -57.15 -22.56
CA CYS F 81 2.09 -55.95 -22.68
C CYS F 81 2.81 -54.89 -23.50
N ASP F 82 2.03 -54.04 -24.18
CA ASP F 82 2.58 -52.99 -25.03
C ASP F 82 2.49 -51.60 -24.41
N LEU F 83 1.46 -51.34 -23.61
CA LEU F 83 1.24 -50.02 -23.03
C LEU F 83 0.83 -50.19 -21.58
N ILE F 84 1.64 -49.66 -20.67
CA ILE F 84 1.33 -49.71 -19.24
C ILE F 84 0.63 -48.42 -18.86
N VAL F 85 -0.51 -48.53 -18.20
CA VAL F 85 -1.25 -47.36 -17.75
C VAL F 85 -1.44 -47.51 -16.25
N GLU F 86 -0.46 -47.04 -15.48
CA GLU F 86 -0.55 -47.15 -14.03
C GLU F 86 -1.62 -46.22 -13.49
N ALA F 87 -2.40 -46.72 -12.53
CA ALA F 87 -3.45 -45.92 -11.91
C ALA F 87 -3.59 -46.33 -10.45
N ALA F 88 -2.45 -46.67 -9.81
CA ALA F 88 -2.42 -47.28 -8.48
C ALA F 88 -2.63 -46.22 -7.40
N PHE F 89 -1.70 -46.13 -6.44
CA PHE F 89 -1.94 -45.25 -5.29
C PHE F 89 -1.08 -44.00 -5.34
N GLU F 90 -1.76 -42.84 -5.45
CA GLU F 90 -1.20 -41.50 -5.67
C GLU F 90 -0.13 -41.18 -4.62
N ASP F 91 0.97 -41.93 -4.68
CA ASP F 91 2.11 -41.77 -3.78
C ASP F 91 3.39 -42.02 -4.59
N MET F 92 4.39 -41.16 -4.39
CA MET F 92 5.54 -41.14 -5.31
C MET F 92 6.30 -42.46 -5.29
N LYS F 93 6.94 -42.79 -4.16
CA LYS F 93 7.98 -43.82 -4.18
C LYS F 93 7.45 -45.21 -4.53
N VAL F 94 6.18 -45.51 -4.26
CA VAL F 94 5.61 -46.78 -4.75
C VAL F 94 5.47 -46.76 -6.26
N LYS F 95 4.96 -45.65 -6.82
CA LYS F 95 4.98 -45.48 -8.27
C LYS F 95 6.37 -45.65 -8.80
N GLN F 96 7.38 -45.10 -8.12
CA GLN F 96 8.76 -45.31 -8.52
C GLN F 96 9.18 -46.76 -8.38
N THR F 97 8.80 -47.40 -7.28
CA THR F 97 9.08 -48.84 -7.15
C THR F 97 8.29 -49.63 -8.18
N THR F 98 6.98 -49.33 -8.32
CA THR F 98 6.13 -50.08 -9.24
C THR F 98 6.67 -50.04 -10.66
N PHE F 99 7.03 -48.85 -11.15
CA PHE F 99 7.51 -48.74 -12.52
C PHE F 99 8.88 -49.37 -12.70
N GLY F 100 9.74 -49.28 -11.69
CA GLY F 100 11.05 -49.91 -11.78
C GLY F 100 10.99 -51.43 -11.76
N GLU F 101 9.93 -51.99 -11.18
CA GLU F 101 9.74 -53.43 -11.29
C GLU F 101 9.35 -53.82 -12.71
N LEU F 102 8.29 -53.20 -13.25
CA LEU F 102 7.92 -53.42 -14.65
C LEU F 102 9.02 -53.03 -15.62
N ASP F 103 9.98 -52.21 -15.18
CA ASP F 103 11.10 -51.87 -16.04
C ASP F 103 11.83 -53.11 -16.47
N LYS F 104 11.91 -54.07 -15.58
CA LYS F 104 12.57 -55.28 -15.96
C LYS F 104 11.61 -56.39 -16.42
N ILE F 105 10.40 -56.38 -15.88
CA ILE F 105 9.39 -57.34 -16.30
C ILE F 105 9.03 -57.16 -17.77
N CYS F 106 8.68 -55.94 -18.16
CA CYS F 106 8.10 -55.70 -19.47
C CYS F 106 9.13 -55.82 -20.58
N LYS F 107 8.65 -56.08 -21.78
CA LYS F 107 9.46 -55.99 -22.98
C LYS F 107 9.92 -54.55 -23.21
N PRO F 108 11.16 -54.36 -23.67
CA PRO F 108 11.71 -52.98 -23.82
C PRO F 108 10.82 -51.96 -24.53
N GLU F 109 10.24 -52.30 -25.69
CA GLU F 109 9.44 -51.33 -26.46
C GLU F 109 8.04 -51.10 -25.89
N CYS F 110 7.69 -51.72 -24.76
CA CYS F 110 6.45 -51.39 -24.07
C CYS F 110 6.49 -49.95 -23.58
N ILE F 111 5.44 -49.19 -23.87
CA ILE F 111 5.33 -47.79 -23.43
C ILE F 111 4.90 -47.77 -21.97
N PHE F 112 5.48 -46.85 -21.21
CA PHE F 112 5.06 -46.63 -19.82
C PHE F 112 4.32 -45.30 -19.76
N ALA F 113 3.07 -45.36 -19.28
CA ALA F 113 2.26 -44.18 -19.06
C ALA F 113 1.74 -44.24 -17.64
N SER F 114 1.47 -43.07 -17.06
CA SER F 114 0.84 -42.99 -15.75
C SER F 114 -0.39 -42.08 -15.85
N ASN F 115 -1.37 -42.35 -15.00
CA ASN F 115 -2.62 -41.59 -14.95
C ASN F 115 -2.61 -40.54 -13.86
N THR F 116 -1.46 -40.26 -13.25
CA THR F 116 -1.41 -39.41 -12.05
C THR F 116 -1.94 -38.00 -12.34
N SER F 117 -2.52 -37.39 -11.30
CA SER F 117 -3.00 -36.02 -11.35
C SER F 117 -2.14 -35.07 -10.55
N SER F 118 -1.68 -35.48 -9.37
CA SER F 118 -0.97 -34.62 -8.44
C SER F 118 0.50 -34.95 -8.29
N LEU F 119 1.09 -35.74 -9.19
CA LEU F 119 2.48 -36.15 -9.07
C LEU F 119 3.26 -35.87 -10.35
N SER F 120 4.54 -35.55 -10.16
CA SER F 120 5.42 -35.20 -11.26
C SER F 120 5.64 -36.40 -12.16
N ILE F 121 5.18 -36.29 -13.41
CA ILE F 121 5.49 -37.31 -14.43
C ILE F 121 6.99 -37.46 -14.59
N THR F 122 7.73 -36.36 -14.50
CA THR F 122 9.18 -36.43 -14.70
C THR F 122 9.85 -37.18 -13.56
N GLU F 123 9.40 -36.95 -12.33
CA GLU F 123 10.04 -37.56 -11.18
C GLU F 123 9.77 -39.05 -11.07
N ILE F 124 8.60 -39.52 -11.54
CA ILE F 124 8.23 -40.93 -11.31
C ILE F 124 9.15 -41.83 -12.12
N GLY F 125 9.46 -41.43 -13.35
CA GLY F 125 10.22 -42.25 -14.26
C GLY F 125 11.63 -41.74 -14.43
N LYS F 126 12.26 -41.37 -13.30
CA LYS F 126 13.63 -40.90 -13.32
C LYS F 126 14.63 -41.92 -13.81
N GLY F 127 15.09 -42.76 -12.89
CA GLY F 127 16.10 -43.74 -13.12
C GLY F 127 15.65 -44.86 -14.02
N LEU F 128 14.48 -44.72 -14.63
CA LEU F 128 13.94 -45.80 -15.45
C LEU F 128 14.76 -45.97 -16.74
N SER F 129 14.70 -47.18 -17.31
CA SER F 129 15.34 -47.53 -18.57
C SER F 129 14.74 -46.83 -19.77
N ARG F 130 13.50 -46.38 -19.67
CA ARG F 130 12.69 -45.93 -20.80
C ARG F 130 11.88 -44.72 -20.37
N PRO F 131 11.37 -43.95 -21.33
CA PRO F 131 10.57 -42.77 -20.96
C PRO F 131 9.32 -43.15 -20.18
N LEU F 132 8.82 -42.17 -19.41
CA LEU F 132 7.52 -42.20 -18.75
C LEU F 132 6.70 -41.00 -19.21
N VAL F 133 5.49 -41.25 -19.68
CA VAL F 133 4.61 -40.20 -20.19
C VAL F 133 3.33 -40.22 -19.35
N GLY F 134 2.62 -39.10 -19.37
CA GLY F 134 1.31 -39.01 -18.75
C GLY F 134 0.23 -39.42 -19.74
N MET F 135 -0.80 -40.09 -19.21
CA MET F 135 -2.04 -40.44 -19.93
C MET F 135 -3.15 -40.23 -18.91
N HIS F 136 -3.59 -38.99 -18.80
CA HIS F 136 -4.53 -38.59 -17.77
C HIS F 136 -5.95 -38.84 -18.29
N PHE F 137 -6.55 -39.95 -17.89
CA PHE F 137 -7.97 -40.19 -18.16
C PHE F 137 -8.82 -39.37 -17.20
N PHE F 138 -10.13 -39.36 -17.46
CA PHE F 138 -11.09 -38.62 -16.64
C PHE F 138 -12.24 -39.55 -16.30
N ASN F 139 -12.54 -39.65 -15.02
CA ASN F 139 -13.56 -40.59 -14.57
C ASN F 139 -14.94 -40.12 -15.00
N PRO F 140 -15.79 -41.01 -15.55
CA PRO F 140 -15.48 -42.41 -15.86
C PRO F 140 -14.71 -42.60 -17.17
N ALA F 141 -13.63 -43.39 -17.12
CA ALA F 141 -12.67 -43.44 -18.22
C ALA F 141 -13.24 -44.06 -19.50
N ASP F 142 -14.23 -44.94 -19.37
CA ASP F 142 -14.79 -45.59 -20.55
C ASP F 142 -15.64 -44.66 -21.43
N ARG F 143 -16.09 -43.51 -20.92
CA ARG F 143 -16.94 -42.59 -21.69
C ARG F 143 -16.42 -41.16 -21.80
N MET F 144 -15.85 -40.58 -20.74
CA MET F 144 -15.24 -39.27 -20.87
C MET F 144 -14.27 -39.30 -22.04
N LYS F 145 -14.36 -38.33 -22.95
CA LYS F 145 -13.59 -38.42 -24.19
C LYS F 145 -12.29 -37.60 -24.18
N LEU F 146 -11.97 -36.90 -23.09
CA LEU F 146 -10.71 -36.17 -22.97
C LEU F 146 -9.61 -37.07 -22.41
N ILE F 147 -8.39 -36.90 -22.90
CA ILE F 147 -7.18 -37.50 -22.34
C ILE F 147 -6.05 -36.48 -22.42
N GLU F 148 -5.43 -36.20 -21.30
CA GLU F 148 -4.29 -35.29 -21.27
C GLU F 148 -3.00 -36.10 -21.39
N VAL F 149 -2.23 -35.84 -22.45
CA VAL F 149 -0.93 -36.45 -22.66
C VAL F 149 0.08 -35.53 -21.99
N ILE F 150 0.75 -36.04 -20.94
CA ILE F 150 1.67 -35.23 -20.15
C ILE F 150 3.09 -35.47 -20.64
N ALA F 151 3.75 -34.42 -21.12
CA ALA F 151 5.15 -34.48 -21.48
C ALA F 151 6.00 -34.15 -20.26
N GLY F 152 6.95 -35.02 -19.95
CA GLY F 152 7.92 -34.73 -18.92
C GLY F 152 9.19 -34.12 -19.48
N CYS F 153 10.06 -33.70 -18.57
CA CYS F 153 11.31 -33.06 -18.95
C CYS F 153 12.07 -33.90 -19.98
N ASN F 154 12.13 -35.22 -19.78
CA ASN F 154 12.84 -36.12 -20.68
C ASN F 154 11.89 -37.07 -21.44
N THR F 155 10.70 -36.57 -21.82
CA THR F 155 9.72 -37.39 -22.53
C THR F 155 9.76 -37.06 -24.03
N PRO F 156 10.30 -37.96 -24.85
CA PRO F 156 10.49 -37.64 -26.27
C PRO F 156 9.16 -37.40 -26.99
N ALA F 157 9.22 -36.52 -27.99
CA ALA F 157 8.01 -36.21 -28.77
C ALA F 157 7.40 -37.46 -29.39
N GLU F 158 8.25 -38.42 -29.73
CA GLU F 158 7.80 -39.69 -30.30
C GLU F 158 6.91 -40.46 -29.32
N THR F 159 7.38 -40.64 -28.07
CA THR F 159 6.53 -41.29 -27.08
C THR F 159 5.20 -40.55 -26.92
N VAL F 160 5.19 -39.23 -27.15
CA VAL F 160 3.96 -38.46 -26.91
C VAL F 160 2.96 -38.70 -28.03
N GLU F 161 3.41 -38.76 -29.28
CA GLU F 161 2.48 -38.97 -30.39
C GLU F 161 1.89 -40.37 -30.39
N LYS F 162 2.75 -41.39 -30.20
CA LYS F 162 2.25 -42.76 -30.02
C LYS F 162 1.26 -42.83 -28.87
N ILE F 163 1.24 -41.84 -27.98
CA ILE F 163 0.13 -41.78 -27.01
C ILE F 163 -1.09 -41.09 -27.62
N LYS F 164 -0.90 -40.02 -28.40
CA LYS F 164 -2.04 -39.46 -29.11
C LYS F 164 -2.66 -40.46 -30.06
N GLU F 165 -1.81 -41.15 -30.82
CA GLU F 165 -2.26 -42.16 -31.75
C GLU F 165 -3.17 -43.18 -31.07
N ILE F 166 -2.69 -43.82 -30.00
CA ILE F 166 -3.51 -44.77 -29.25
C ILE F 166 -4.81 -44.12 -28.79
N SER F 167 -4.76 -42.82 -28.46
CA SER F 167 -5.92 -42.13 -27.92
C SER F 167 -7.00 -41.92 -28.98
N VAL F 168 -6.61 -41.56 -30.20
CA VAL F 168 -7.61 -41.45 -31.27
C VAL F 168 -8.04 -42.86 -31.71
N ALA F 169 -7.28 -43.88 -31.33
CA ALA F 169 -7.68 -45.25 -31.63
C ALA F 169 -8.74 -45.78 -30.67
N ILE F 170 -9.07 -45.06 -29.60
CA ILE F 170 -10.09 -45.52 -28.66
C ILE F 170 -11.17 -44.44 -28.48
N GLY F 171 -11.21 -43.48 -29.41
CA GLY F 171 -12.30 -42.51 -29.43
C GLY F 171 -12.05 -41.20 -28.71
N LYS F 172 -11.04 -41.13 -27.85
CA LYS F 172 -10.76 -39.93 -27.07
C LYS F 172 -9.99 -38.88 -27.88
N ASN F 173 -10.16 -37.60 -27.49
CA ASN F 173 -9.38 -36.49 -28.04
C ASN F 173 -8.19 -36.22 -27.14
N PRO F 174 -6.96 -36.36 -27.64
CA PRO F 174 -5.79 -36.05 -26.82
C PRO F 174 -5.46 -34.57 -26.85
N VAL F 175 -5.13 -34.03 -25.69
CA VAL F 175 -4.58 -32.69 -25.55
C VAL F 175 -3.22 -32.82 -24.91
N GLN F 176 -2.20 -32.32 -25.61
CA GLN F 176 -0.84 -32.38 -25.09
C GLN F 176 -0.64 -31.33 -24.01
N VAL F 177 -0.10 -31.77 -22.87
CA VAL F 177 0.25 -30.90 -21.75
C VAL F 177 1.72 -31.10 -21.45
N ASN F 178 2.47 -30.00 -21.32
CA ASN F 178 3.86 -30.08 -20.89
C ASN F 178 3.94 -29.76 -19.40
N GLU F 179 4.62 -30.62 -18.65
CA GLU F 179 4.27 -30.87 -17.25
C GLU F 179 4.20 -29.61 -16.41
N ALA F 180 3.14 -29.53 -15.60
CA ALA F 180 2.88 -28.39 -14.75
C ALA F 180 1.77 -28.82 -13.79
N ALA F 181 1.77 -28.26 -12.59
CA ALA F 181 0.85 -28.72 -11.55
C ALA F 181 -0.59 -28.51 -11.97
N GLY F 182 -1.40 -29.57 -11.88
CA GLY F 182 -2.80 -29.48 -12.26
C GLY F 182 -3.08 -29.48 -13.75
N PHE F 183 -2.04 -29.71 -14.58
CA PHE F 183 -2.15 -29.75 -16.03
C PHE F 183 -2.96 -28.58 -16.58
N VAL F 184 -4.07 -28.88 -17.25
CA VAL F 184 -5.00 -27.88 -17.75
C VAL F 184 -6.28 -27.85 -16.89
N VAL F 185 -6.87 -29.02 -16.64
CA VAL F 185 -8.24 -29.04 -16.15
C VAL F 185 -8.30 -28.78 -14.65
N ASN F 186 -7.54 -29.54 -13.86
CA ASN F 186 -7.58 -29.35 -12.41
C ASN F 186 -7.10 -27.95 -12.04
N ARG F 187 -6.07 -27.47 -12.74
CA ARG F 187 -5.55 -26.15 -12.48
C ARG F 187 -6.59 -25.06 -12.73
N ILE F 188 -7.56 -25.31 -13.62
CA ILE F 188 -8.63 -24.37 -13.87
C ILE F 188 -9.87 -24.72 -13.08
N LEU F 189 -10.19 -26.01 -12.98
CA LEU F 189 -11.48 -26.42 -12.45
C LEU F 189 -11.51 -26.33 -10.93
N ILE F 190 -10.41 -26.71 -10.27
CA ILE F 190 -10.42 -26.88 -8.82
C ILE F 190 -10.29 -25.53 -8.10
N PRO F 191 -9.47 -24.58 -8.59
CA PRO F 191 -9.54 -23.22 -8.02
C PRO F 191 -10.91 -22.53 -8.19
N MET F 192 -11.68 -22.90 -9.21
CA MET F 192 -13.08 -22.52 -9.25
C MET F 192 -13.78 -22.86 -7.94
N ILE F 193 -13.84 -24.17 -7.63
CA ILE F 193 -14.43 -24.65 -6.39
C ILE F 193 -13.82 -23.95 -5.18
N ASN F 194 -12.49 -23.76 -5.18
CA ASN F 194 -11.84 -23.06 -4.08
C ASN F 194 -12.39 -21.65 -3.91
N GLU F 195 -12.59 -20.92 -5.02
CA GLU F 195 -13.14 -19.57 -4.90
C GLU F 195 -14.59 -19.61 -4.42
N ALA F 196 -15.36 -20.59 -4.87
CA ALA F 196 -16.76 -20.66 -4.42
C ALA F 196 -16.83 -20.89 -2.91
N ALA F 197 -15.87 -21.62 -2.34
CA ALA F 197 -15.84 -21.81 -0.89
C ALA F 197 -15.54 -20.49 -0.17
N PHE F 198 -14.57 -19.73 -0.68
CA PHE F 198 -14.27 -18.42 -0.14
C PHE F 198 -15.50 -17.51 -0.19
N ILE F 199 -16.26 -17.55 -1.29
CA ILE F 199 -17.45 -16.73 -1.39
C ILE F 199 -18.45 -17.08 -0.27
N LYS F 200 -18.58 -18.37 0.03
CA LYS F 200 -19.42 -18.81 1.14
C LYS F 200 -18.84 -18.36 2.47
N MET F 201 -17.57 -18.73 2.76
CA MET F 201 -16.93 -18.40 4.02
C MET F 201 -16.94 -16.90 4.31
N GLU F 202 -16.74 -16.06 3.28
CA GLU F 202 -16.65 -14.62 3.46
C GLU F 202 -18.01 -13.96 3.53
N GLY F 203 -19.09 -14.75 3.60
CA GLY F 203 -20.44 -14.25 3.76
C GLY F 203 -21.04 -13.61 2.53
N VAL F 204 -20.44 -13.79 1.35
CA VAL F 204 -20.90 -13.08 0.16
C VAL F 204 -22.28 -13.57 -0.25
N SER F 205 -22.48 -14.89 -0.30
CA SER F 205 -23.82 -15.44 -0.42
C SER F 205 -23.80 -16.92 -0.04
N ASP F 206 -24.99 -17.51 -0.04
CA ASP F 206 -25.26 -18.82 0.53
C ASP F 206 -24.91 -19.94 -0.45
N ILE F 207 -24.90 -21.16 0.05
CA ILE F 207 -24.43 -22.32 -0.72
C ILE F 207 -25.29 -22.51 -1.97
N ALA F 208 -26.60 -22.65 -1.79
CA ALA F 208 -27.48 -22.84 -2.92
C ALA F 208 -27.47 -21.64 -3.87
N GLY F 209 -27.32 -20.43 -3.33
CA GLY F 209 -27.28 -19.26 -4.19
C GLY F 209 -26.01 -19.19 -5.03
N ILE F 210 -24.91 -19.73 -4.51
CA ILE F 210 -23.67 -19.76 -5.28
C ILE F 210 -23.81 -20.73 -6.45
N ASP F 211 -24.32 -21.94 -6.17
CA ASP F 211 -24.36 -22.98 -7.19
C ASP F 211 -25.36 -22.64 -8.30
N THR F 212 -26.47 -21.99 -7.94
CA THR F 212 -27.44 -21.65 -8.98
C THR F 212 -27.01 -20.38 -9.69
N ALA F 213 -26.16 -19.56 -9.07
CA ALA F 213 -25.60 -18.42 -9.79
C ALA F 213 -24.66 -18.88 -10.89
N MET F 214 -23.96 -20.00 -10.69
CA MET F 214 -22.98 -20.42 -11.66
C MET F 214 -23.54 -21.41 -12.67
N LYS F 215 -24.77 -21.87 -12.47
CA LYS F 215 -25.45 -22.70 -13.46
C LYS F 215 -26.43 -21.92 -14.31
N LEU F 216 -26.76 -20.68 -13.92
CA LEU F 216 -27.63 -19.81 -14.69
C LEU F 216 -26.86 -18.71 -15.37
N GLY F 217 -25.91 -18.09 -14.66
CA GLY F 217 -25.09 -17.05 -15.26
C GLY F 217 -24.00 -17.56 -16.20
N ALA F 218 -23.67 -18.86 -16.13
CA ALA F 218 -22.59 -19.41 -16.93
C ALA F 218 -22.92 -20.72 -17.63
N ASN F 219 -24.15 -21.26 -17.45
CA ASN F 219 -24.61 -22.43 -18.20
C ASN F 219 -23.77 -23.65 -17.87
N HIS F 220 -23.14 -23.62 -16.71
CA HIS F 220 -22.41 -24.79 -16.25
C HIS F 220 -23.37 -25.90 -15.85
N PRO F 221 -22.97 -27.16 -16.00
CA PRO F 221 -23.92 -28.25 -15.77
C PRO F 221 -24.16 -28.51 -14.30
N MET F 222 -23.23 -28.11 -13.42
CA MET F 222 -23.43 -28.21 -11.98
C MET F 222 -22.84 -26.97 -11.30
N GLY F 223 -23.29 -26.72 -10.07
CA GLY F 223 -22.72 -25.68 -9.24
C GLY F 223 -21.33 -26.04 -8.77
N PRO F 224 -20.49 -25.03 -8.51
CA PRO F 224 -19.12 -25.33 -8.04
C PRO F 224 -19.09 -26.10 -6.72
N LEU F 225 -19.99 -25.77 -5.79
CA LEU F 225 -20.00 -26.46 -4.49
C LEU F 225 -20.61 -27.85 -4.63
N GLU F 226 -21.72 -27.97 -5.36
CA GLU F 226 -22.18 -29.27 -5.85
C GLU F 226 -21.03 -30.11 -6.36
N LEU F 227 -20.31 -29.56 -7.34
CA LEU F 227 -19.22 -30.30 -7.97
C LEU F 227 -18.14 -30.65 -6.95
N GLY F 228 -17.83 -29.72 -6.05
CA GLY F 228 -16.95 -30.04 -4.93
C GLY F 228 -17.32 -31.34 -4.25
N ASP F 229 -18.56 -31.45 -3.76
CA ASP F 229 -19.01 -32.68 -3.13
C ASP F 229 -18.90 -33.87 -4.09
N PHE F 230 -19.22 -33.65 -5.36
CA PHE F 230 -19.19 -34.73 -6.33
C PHE F 230 -17.78 -35.25 -6.55
N ILE F 231 -16.82 -34.33 -6.76
CA ILE F 231 -15.43 -34.74 -6.92
C ILE F 231 -14.90 -35.42 -5.66
N GLY F 232 -15.29 -34.92 -4.48
CA GLY F 232 -14.64 -35.28 -3.22
C GLY F 232 -13.81 -34.15 -2.65
N LEU F 233 -14.32 -33.52 -1.58
CA LEU F 233 -13.60 -32.40 -0.97
C LEU F 233 -12.16 -32.77 -0.59
N ASP F 234 -11.91 -34.01 -0.17
CA ASP F 234 -10.54 -34.45 0.08
C ASP F 234 -9.68 -34.34 -1.19
N ILE F 235 -10.28 -34.60 -2.36
CA ILE F 235 -9.53 -34.54 -3.61
C ILE F 235 -9.29 -33.10 -4.02
N CYS F 236 -10.36 -32.30 -4.00
CA CYS F 236 -10.23 -30.86 -4.20
C CYS F 236 -9.15 -30.29 -3.30
N LEU F 237 -9.21 -30.59 -2.00
CA LEU F 237 -8.21 -30.07 -1.06
C LEU F 237 -6.81 -30.50 -1.45
N ALA F 238 -6.63 -31.75 -1.85
CA ALA F 238 -5.30 -32.22 -2.21
C ALA F 238 -4.73 -31.48 -3.43
N ILE F 239 -5.56 -31.27 -4.48
CA ILE F 239 -5.09 -30.59 -5.67
C ILE F 239 -4.69 -29.16 -5.34
N MET F 240 -5.54 -28.45 -4.58
CA MET F 240 -5.25 -27.07 -4.20
C MET F 240 -3.93 -26.95 -3.46
N ASP F 241 -3.50 -28.03 -2.79
CA ASP F 241 -2.25 -27.97 -2.05
C ASP F 241 -1.05 -28.43 -2.89
N VAL F 242 -1.29 -29.22 -3.93
CA VAL F 242 -0.24 -29.49 -4.91
C VAL F 242 0.10 -28.22 -5.70
N LEU F 243 -0.93 -27.45 -6.09
CA LEU F 243 -0.70 -26.21 -6.81
C LEU F 243 0.12 -25.24 -5.97
N TYR F 244 -0.32 -25.03 -4.73
CA TYR F 244 0.40 -24.12 -3.83
C TYR F 244 1.84 -24.58 -3.63
N HIS F 245 2.04 -25.84 -3.24
CA HIS F 245 3.38 -26.32 -2.92
C HIS F 245 4.28 -26.30 -4.14
N GLU F 246 3.74 -26.58 -5.33
CA GLU F 246 4.56 -26.66 -6.54
C GLU F 246 4.91 -25.27 -7.05
N THR F 247 4.03 -24.29 -6.82
CA THR F 247 4.24 -22.92 -7.30
C THR F 247 4.83 -21.98 -6.25
N GLY F 248 4.57 -22.24 -4.96
CA GLY F 248 4.94 -21.27 -3.95
C GLY F 248 4.13 -19.99 -3.99
N ASP F 249 3.01 -20.02 -4.71
CA ASP F 249 2.13 -18.88 -4.90
C ASP F 249 0.90 -19.01 -3.99
N SER F 250 0.72 -18.05 -3.09
CA SER F 250 -0.48 -17.96 -2.26
C SER F 250 -1.76 -17.88 -3.08
N LYS F 251 -1.67 -17.81 -4.42
CA LYS F 251 -2.88 -17.74 -5.23
C LYS F 251 -3.66 -19.06 -5.13
N TYR F 252 -2.95 -20.17 -4.95
CA TYR F 252 -3.58 -21.47 -4.83
C TYR F 252 -3.72 -21.93 -3.39
N ARG F 253 -3.74 -21.00 -2.43
CA ARG F 253 -3.94 -21.36 -1.02
C ARG F 253 -5.35 -21.91 -0.81
N ALA F 254 -5.45 -23.05 -0.16
CA ALA F 254 -6.74 -23.70 0.03
C ALA F 254 -7.63 -22.88 0.96
N CYS F 255 -8.90 -22.80 0.60
CA CYS F 255 -9.86 -22.17 1.47
C CYS F 255 -9.93 -22.91 2.81
N PRO F 256 -9.66 -22.25 3.94
CA PRO F 256 -9.63 -22.99 5.22
C PRO F 256 -10.93 -23.69 5.58
N LEU F 257 -12.06 -23.25 5.00
CA LEU F 257 -13.33 -23.94 5.23
C LEU F 257 -13.33 -25.34 4.58
N ILE F 258 -12.88 -25.43 3.34
CA ILE F 258 -12.72 -26.74 2.71
C ILE F 258 -11.91 -27.66 3.61
N ARG F 259 -10.82 -27.14 4.18
CA ARG F 259 -9.94 -27.96 5.01
C ARG F 259 -10.64 -28.40 6.30
N LYS F 260 -11.38 -27.49 6.94
CA LYS F 260 -12.14 -27.81 8.14
C LYS F 260 -13.15 -28.92 7.87
N MET F 261 -13.91 -28.77 6.79
CA MET F 261 -14.86 -29.81 6.37
C MET F 261 -14.16 -31.13 6.13
N VAL F 262 -12.96 -31.10 5.54
CA VAL F 262 -12.25 -32.36 5.30
C VAL F 262 -11.76 -32.97 6.60
N ARG F 263 -11.33 -32.13 7.56
CA ARG F 263 -10.82 -32.65 8.82
C ARG F 263 -11.93 -33.35 9.61
N GLY F 264 -13.19 -32.95 9.40
CA GLY F 264 -14.32 -33.61 10.03
C GLY F 264 -14.94 -34.73 9.22
N GLY F 265 -14.26 -35.20 8.18
CA GLY F 265 -14.79 -36.25 7.33
C GLY F 265 -15.96 -35.88 6.46
N ASN F 266 -16.36 -34.61 6.41
CA ASN F 266 -17.50 -34.19 5.59
C ASN F 266 -17.00 -33.89 4.16
N LEU F 267 -16.84 -34.95 3.38
CA LEU F 267 -16.21 -34.84 2.07
C LEU F 267 -17.23 -34.67 0.94
N GLY F 268 -18.52 -34.89 1.20
CA GLY F 268 -19.56 -34.68 0.21
C GLY F 268 -20.39 -35.90 -0.12
N CYS F 269 -20.39 -36.33 -1.37
CA CYS F 269 -21.30 -37.39 -1.81
C CYS F 269 -20.96 -38.72 -1.19
N LYS F 270 -19.67 -39.08 -1.11
CA LYS F 270 -19.26 -40.40 -0.66
C LYS F 270 -19.36 -40.57 0.85
N THR F 271 -19.64 -39.50 1.60
CA THR F 271 -19.86 -39.58 3.03
C THR F 271 -21.26 -39.08 3.39
N GLY F 272 -22.01 -38.57 2.41
CA GLY F 272 -23.36 -38.12 2.62
C GLY F 272 -23.49 -36.68 3.05
N LYS F 273 -22.39 -35.95 3.20
CA LYS F 273 -22.46 -34.54 3.55
C LYS F 273 -21.17 -33.81 3.22
N GLY F 274 -21.29 -32.75 2.40
CA GLY F 274 -20.26 -31.73 2.27
C GLY F 274 -20.90 -30.36 2.44
N PHE F 275 -21.08 -29.62 1.33
CA PHE F 275 -21.88 -28.39 1.35
C PHE F 275 -23.37 -28.69 1.35
N TYR F 276 -23.74 -29.93 1.02
CA TYR F 276 -25.13 -30.39 1.07
C TYR F 276 -25.20 -31.66 1.88
N VAL F 277 -26.39 -31.94 2.40
CA VAL F 277 -26.69 -33.22 3.02
C VAL F 277 -27.35 -34.10 1.95
N TYR F 278 -26.73 -35.25 1.70
CA TYR F 278 -27.23 -36.19 0.68
C TYR F 278 -28.16 -37.19 1.37
N ASN F 279 -29.41 -36.75 1.54
CA ASN F 279 -30.39 -37.50 2.29
C ASN F 279 -30.53 -38.91 1.73
N ALA F 280 -30.69 -39.87 2.65
CA ALA F 280 -30.78 -41.28 2.25
C ALA F 280 -32.08 -41.58 1.52
N ASP F 281 -32.82 -40.54 1.13
CA ASP F 281 -33.95 -40.64 0.21
C ASP F 281 -33.71 -39.93 -1.12
N ARG F 282 -32.45 -39.69 -1.50
CA ARG F 282 -32.06 -39.19 -2.82
C ARG F 282 -32.27 -37.69 -2.99
N THR F 283 -32.46 -36.93 -1.92
CA THR F 283 -32.58 -35.48 -2.06
C THR F 283 -31.21 -34.83 -1.78
N LYS F 284 -31.18 -33.50 -1.78
CA LYS F 284 -29.95 -32.75 -1.58
C LYS F 284 -30.32 -31.42 -0.90
N THR F 285 -29.95 -31.28 0.38
CA THR F 285 -30.22 -30.07 1.13
C THR F 285 -28.90 -29.40 1.47
N PRO F 286 -28.73 -28.12 1.14
CA PRO F 286 -27.48 -27.42 1.51
C PRO F 286 -27.37 -27.27 3.02
N VAL F 287 -26.16 -27.46 3.54
CA VAL F 287 -25.94 -27.42 4.98
C VAL F 287 -26.10 -25.99 5.49
N ASP F 288 -26.74 -25.14 4.67
CA ASP F 288 -26.92 -23.74 4.97
C ASP F 288 -28.19 -23.49 5.77
N GLN F 289 -29.16 -24.39 5.69
CA GLN F 289 -30.41 -24.29 6.46
C GLN F 289 -30.78 -25.61 7.14
#